data_1F94
# 
_entry.id   1F94 
# 
_audit_conform.dict_name       mmcif_pdbx.dic 
_audit_conform.dict_version    5.397 
_audit_conform.dict_location   http://mmcif.pdb.org/dictionaries/ascii/mmcif_pdbx.dic 
# 
loop_
_database_2.database_id 
_database_2.database_code 
_database_2.pdbx_database_accession 
_database_2.pdbx_DOI 
PDB   1F94         pdb_00001f94 10.2210/pdb1f94/pdb 
RCSB  RCSB011395   ?            ?                   
WWPDB D_1000011395 ?            ?                   
# 
loop_
_pdbx_audit_revision_history.ordinal 
_pdbx_audit_revision_history.data_content_type 
_pdbx_audit_revision_history.major_revision 
_pdbx_audit_revision_history.minor_revision 
_pdbx_audit_revision_history.revision_date 
1 'Structure model' 1 0 2000-07-26 
2 'Structure model' 1 1 2008-04-27 
3 'Structure model' 1 2 2011-07-13 
4 'Structure model' 1 3 2017-10-04 
5 'Structure model' 1 4 2024-10-30 
# 
_pdbx_audit_revision_details.ordinal             1 
_pdbx_audit_revision_details.revision_ordinal    1 
_pdbx_audit_revision_details.data_content_type   'Structure model' 
_pdbx_audit_revision_details.provider            repository 
_pdbx_audit_revision_details.type                'Initial release' 
_pdbx_audit_revision_details.description         ? 
_pdbx_audit_revision_details.details             ? 
# 
loop_
_pdbx_audit_revision_group.ordinal 
_pdbx_audit_revision_group.revision_ordinal 
_pdbx_audit_revision_group.data_content_type 
_pdbx_audit_revision_group.group 
1 2 'Structure model' 'Version format compliance' 
2 3 'Structure model' 'Version format compliance' 
3 4 'Structure model' 'Refinement description'    
4 5 'Structure model' 'Data collection'           
5 5 'Structure model' 'Database references'       
6 5 'Structure model' 'Structure summary'         
# 
loop_
_pdbx_audit_revision_category.ordinal 
_pdbx_audit_revision_category.revision_ordinal 
_pdbx_audit_revision_category.data_content_type 
_pdbx_audit_revision_category.category 
1 4 'Structure model' software                  
2 5 'Structure model' chem_comp_atom            
3 5 'Structure model' chem_comp_bond            
4 5 'Structure model' database_2                
5 5 'Structure model' pdbx_entry_details        
6 5 'Structure model' pdbx_modification_feature 
# 
loop_
_pdbx_audit_revision_item.ordinal 
_pdbx_audit_revision_item.revision_ordinal 
_pdbx_audit_revision_item.data_content_type 
_pdbx_audit_revision_item.item 
1 4 'Structure model' '_software.classification'            
2 4 'Structure model' '_software.name'                      
3 4 'Structure model' '_software.version'                   
4 5 'Structure model' '_database_2.pdbx_DOI'                
5 5 'Structure model' '_database_2.pdbx_database_accession' 
# 
_pdbx_database_status.status_code                     REL 
_pdbx_database_status.entry_id                        1F94 
_pdbx_database_status.recvd_initial_deposition_date   2000-07-06 
_pdbx_database_status.deposit_site                    RCSB 
_pdbx_database_status.process_site                    RCSB 
_pdbx_database_status.status_code_sf                  REL 
_pdbx_database_status.status_code_mr                  ? 
_pdbx_database_status.SG_entry                        ? 
_pdbx_database_status.pdb_format_compatible           Y 
_pdbx_database_status.status_code_cs                  ? 
_pdbx_database_status.methods_development_category    ? 
_pdbx_database_status.status_code_nmr_data            ? 
# 
loop_
_audit_author.name 
_audit_author.pdbx_ordinal 
'Kuhn, P.'       1 
'Deacon, A.M.'   2 
'Comoso, S.'     3 
'Rajaseger, G.'  4 
'Kini, R.M.'     5 
'Uson, I.'       6 
'Kolatkar, P.R.' 7 
# 
_citation.id                        primary 
_citation.title                     
'The atomic resolution structure of bucandin, a novel toxin isolated from the Malayan krait, determined by direct methods.' 
_citation.journal_abbrev            'Acta Crystallogr.,Sect.D' 
_citation.journal_volume            56 
_citation.page_first                1401 
_citation.page_last                 1407 
_citation.year                      2000 
_citation.journal_id_ASTM           ABCRE6 
_citation.country                   DK 
_citation.journal_id_ISSN           0907-4449 
_citation.journal_id_CSD            0766 
_citation.book_publisher            ? 
_citation.pdbx_database_id_PubMed   11053837 
_citation.pdbx_database_id_DOI      10.1107/S0907444900011501 
# 
loop_
_citation_author.citation_id 
_citation_author.name 
_citation_author.ordinal 
_citation_author.identifier_ORCID 
primary 'Kuhn, P.'       1 ? 
primary 'Deacon, A.M.'   2 ? 
primary 'Comoso, S.'     3 ? 
primary 'Rajaseger, G.'  4 ? 
primary 'Kini, R.M.'     5 ? 
primary 'Uson, I.'       6 ? 
primary 'Kolatkar, P.R.' 7 ? 
# 
loop_
_entity.id 
_entity.type 
_entity.src_method 
_entity.pdbx_description 
_entity.formula_weight 
_entity.pdbx_number_of_molecules 
_entity.pdbx_ec 
_entity.pdbx_mutation 
_entity.pdbx_fragment 
_entity.details 
1 polymer nat BUCANDIN 7293.412 1   ? ? ? ? 
2 water   nat water    18.015   118 ? ? ? ? 
# 
_entity_poly.entity_id                      1 
_entity_poly.type                           'polypeptide(L)' 
_entity_poly.nstd_linkage                   no 
_entity_poly.nstd_monomer                   no 
_entity_poly.pdbx_seq_one_letter_code       MECYRCGVSGCHLKITCSAEETFCYKWLNKISNERWLGCAKTCTEIDTWNVYNKCCTTNLCNT 
_entity_poly.pdbx_seq_one_letter_code_can   MECYRCGVSGCHLKITCSAEETFCYKWLNKISNERWLGCAKTCTEIDTWNVYNKCCTTNLCNT 
_entity_poly.pdbx_strand_id                 A 
_entity_poly.pdbx_target_identifier         ? 
# 
_pdbx_entity_nonpoly.entity_id   2 
_pdbx_entity_nonpoly.name        water 
_pdbx_entity_nonpoly.comp_id     HOH 
# 
loop_
_entity_poly_seq.entity_id 
_entity_poly_seq.num 
_entity_poly_seq.mon_id 
_entity_poly_seq.hetero 
1 1  MET n 
1 2  GLU n 
1 3  CYS n 
1 4  TYR n 
1 5  ARG n 
1 6  CYS n 
1 7  GLY n 
1 8  VAL n 
1 9  SER n 
1 10 GLY n 
1 11 CYS n 
1 12 HIS n 
1 13 LEU n 
1 14 LYS n 
1 15 ILE n 
1 16 THR n 
1 17 CYS n 
1 18 SER n 
1 19 ALA n 
1 20 GLU n 
1 21 GLU n 
1 22 THR n 
1 23 PHE n 
1 24 CYS n 
1 25 TYR n 
1 26 LYS n 
1 27 TRP n 
1 28 LEU n 
1 29 ASN n 
1 30 LYS n 
1 31 ILE n 
1 32 SER n 
1 33 ASN n 
1 34 GLU n 
1 35 ARG n 
1 36 TRP n 
1 37 LEU n 
1 38 GLY n 
1 39 CYS n 
1 40 ALA n 
1 41 LYS n 
1 42 THR n 
1 43 CYS n 
1 44 THR n 
1 45 GLU n 
1 46 ILE n 
1 47 ASP n 
1 48 THR n 
1 49 TRP n 
1 50 ASN n 
1 51 VAL n 
1 52 TYR n 
1 53 ASN n 
1 54 LYS n 
1 55 CYS n 
1 56 CYS n 
1 57 THR n 
1 58 THR n 
1 59 ASN n 
1 60 LEU n 
1 61 CYS n 
1 62 ASN n 
1 63 THR n 
# 
_entity_src_nat.entity_id                  1 
_entity_src_nat.pdbx_src_id                1 
_entity_src_nat.pdbx_alt_source_flag       sample 
_entity_src_nat.pdbx_beg_seq_num           ? 
_entity_src_nat.pdbx_end_seq_num           ? 
_entity_src_nat.common_name                ? 
_entity_src_nat.pdbx_organism_scientific   'Bungarus candidus' 
_entity_src_nat.pdbx_ncbi_taxonomy_id      92438 
_entity_src_nat.genus                      Bungarus 
_entity_src_nat.species                    ? 
_entity_src_nat.strain                     ? 
_entity_src_nat.tissue                     ? 
_entity_src_nat.tissue_fraction            ? 
_entity_src_nat.pdbx_secretion             VENOM 
_entity_src_nat.pdbx_fragment              ? 
_entity_src_nat.pdbx_variant               ? 
_entity_src_nat.pdbx_cell_line             ? 
_entity_src_nat.pdbx_atcc                  ? 
_entity_src_nat.pdbx_cellular_location     ? 
_entity_src_nat.pdbx_organ                 ? 
_entity_src_nat.pdbx_organelle             ? 
_entity_src_nat.pdbx_cell                  ? 
_entity_src_nat.pdbx_plasmid_name          ? 
_entity_src_nat.pdbx_plasmid_details       ? 
_entity_src_nat.details                    ? 
# 
loop_
_chem_comp.id 
_chem_comp.type 
_chem_comp.mon_nstd_flag 
_chem_comp.name 
_chem_comp.pdbx_synonyms 
_chem_comp.formula 
_chem_comp.formula_weight 
ALA 'L-peptide linking' y ALANINE         ? 'C3 H7 N O2'     89.093  
ARG 'L-peptide linking' y ARGININE        ? 'C6 H15 N4 O2 1' 175.209 
ASN 'L-peptide linking' y ASPARAGINE      ? 'C4 H8 N2 O3'    132.118 
ASP 'L-peptide linking' y 'ASPARTIC ACID' ? 'C4 H7 N O4'     133.103 
CYS 'L-peptide linking' y CYSTEINE        ? 'C3 H7 N O2 S'   121.158 
GLU 'L-peptide linking' y 'GLUTAMIC ACID' ? 'C5 H9 N O4'     147.129 
GLY 'peptide linking'   y GLYCINE         ? 'C2 H5 N O2'     75.067  
HIS 'L-peptide linking' y HISTIDINE       ? 'C6 H10 N3 O2 1' 156.162 
HOH non-polymer         . WATER           ? 'H2 O'           18.015  
ILE 'L-peptide linking' y ISOLEUCINE      ? 'C6 H13 N O2'    131.173 
LEU 'L-peptide linking' y LEUCINE         ? 'C6 H13 N O2'    131.173 
LYS 'L-peptide linking' y LYSINE          ? 'C6 H15 N2 O2 1' 147.195 
MET 'L-peptide linking' y METHIONINE      ? 'C5 H11 N O2 S'  149.211 
PHE 'L-peptide linking' y PHENYLALANINE   ? 'C9 H11 N O2'    165.189 
SER 'L-peptide linking' y SERINE          ? 'C3 H7 N O3'     105.093 
THR 'L-peptide linking' y THREONINE       ? 'C4 H9 N O3'     119.119 
TRP 'L-peptide linking' y TRYPTOPHAN      ? 'C11 H12 N2 O2'  204.225 
TYR 'L-peptide linking' y TYROSINE        ? 'C9 H11 N O3'    181.189 
VAL 'L-peptide linking' y VALINE          ? 'C5 H11 N O2'    117.146 
# 
loop_
_pdbx_poly_seq_scheme.asym_id 
_pdbx_poly_seq_scheme.entity_id 
_pdbx_poly_seq_scheme.seq_id 
_pdbx_poly_seq_scheme.mon_id 
_pdbx_poly_seq_scheme.ndb_seq_num 
_pdbx_poly_seq_scheme.pdb_seq_num 
_pdbx_poly_seq_scheme.auth_seq_num 
_pdbx_poly_seq_scheme.pdb_mon_id 
_pdbx_poly_seq_scheme.auth_mon_id 
_pdbx_poly_seq_scheme.pdb_strand_id 
_pdbx_poly_seq_scheme.pdb_ins_code 
_pdbx_poly_seq_scheme.hetero 
A 1 1  MET 1  1  1  MET MET A . n 
A 1 2  GLU 2  2  2  GLU GLU A . n 
A 1 3  CYS 3  3  3  CYS CYS A . n 
A 1 4  TYR 4  4  4  TYR TYR A . n 
A 1 5  ARG 5  5  5  ARG ARG A . n 
A 1 6  CYS 6  6  6  CYS CYS A . n 
A 1 7  GLY 7  7  7  GLY GLY A . n 
A 1 8  VAL 8  8  8  VAL VAL A . n 
A 1 9  SER 9  9  9  SER SER A . n 
A 1 10 GLY 10 10 10 GLY GLY A . n 
A 1 11 CYS 11 11 11 CYS CYS A . n 
A 1 12 HIS 12 12 12 HIS HIS A . n 
A 1 13 LEU 13 13 13 LEU LEU A . n 
A 1 14 LYS 14 14 14 LYS LYS A . n 
A 1 15 ILE 15 15 15 ILE ILE A . n 
A 1 16 THR 16 16 16 THR THR A . n 
A 1 17 CYS 17 17 17 CYS CYS A . n 
A 1 18 SER 18 18 18 SER SER A . n 
A 1 19 ALA 19 19 19 ALA ALA A . n 
A 1 20 GLU 20 20 20 GLU GLU A . n 
A 1 21 GLU 21 21 21 GLU GLU A . n 
A 1 22 THR 22 22 22 THR THR A . n 
A 1 23 PHE 23 23 23 PHE PHE A . n 
A 1 24 CYS 24 24 24 CYS CYS A . n 
A 1 25 TYR 25 25 25 TYR TYR A . n 
A 1 26 LYS 26 26 26 LYS LYS A . n 
A 1 27 TRP 27 27 27 TRP TRP A . n 
A 1 28 LEU 28 28 28 LEU LEU A . n 
A 1 29 ASN 29 29 29 ASN ASN A . n 
A 1 30 LYS 30 30 30 LYS LYS A . n 
A 1 31 ILE 31 31 31 ILE ILE A . n 
A 1 32 SER 32 32 32 SER SER A . n 
A 1 33 ASN 33 33 33 ASN ASN A . n 
A 1 34 GLU 34 34 34 GLU GLU A . n 
A 1 35 ARG 35 35 35 ARG ARG A . n 
A 1 36 TRP 36 36 36 TRP TRP A . n 
A 1 37 LEU 37 37 37 LEU LEU A . n 
A 1 38 GLY 38 38 38 GLY GLY A . n 
A 1 39 CYS 39 39 39 CYS CYS A . n 
A 1 40 ALA 40 40 40 ALA ALA A . n 
A 1 41 LYS 41 41 41 LYS LYS A . n 
A 1 42 THR 42 42 42 THR THR A . n 
A 1 43 CYS 43 43 43 CYS CYS A . n 
A 1 44 THR 44 44 44 THR THR A . n 
A 1 45 GLU 45 45 45 GLU GLU A . n 
A 1 46 ILE 46 46 46 ILE ILE A . n 
A 1 47 ASP 47 47 47 ASP ASP A . n 
A 1 48 THR 48 48 48 THR THR A . n 
A 1 49 TRP 49 49 49 TRP TRP A . n 
A 1 50 ASN 50 50 50 ASN ASN A . n 
A 1 51 VAL 51 51 51 VAL VAL A . n 
A 1 52 TYR 52 52 52 TYR TYR A . n 
A 1 53 ASN 53 53 53 ASN ASN A . n 
A 1 54 LYS 54 54 54 LYS LYS A . n 
A 1 55 CYS 55 55 55 CYS CYS A . n 
A 1 56 CYS 56 56 56 CYS CYS A . n 
A 1 57 THR 57 57 57 THR THR A . n 
A 1 58 THR 58 58 58 THR THR A . n 
A 1 59 ASN 59 59 59 ASN ASN A . n 
A 1 60 LEU 60 60 60 LEU LEU A . n 
A 1 61 CYS 61 61 61 CYS CYS A . n 
A 1 62 ASN 62 62 62 ASN ASN A . n 
A 1 63 THR 63 63 63 THR THR A . n 
# 
loop_
_pdbx_nonpoly_scheme.asym_id 
_pdbx_nonpoly_scheme.entity_id 
_pdbx_nonpoly_scheme.mon_id 
_pdbx_nonpoly_scheme.ndb_seq_num 
_pdbx_nonpoly_scheme.pdb_seq_num 
_pdbx_nonpoly_scheme.auth_seq_num 
_pdbx_nonpoly_scheme.pdb_mon_id 
_pdbx_nonpoly_scheme.auth_mon_id 
_pdbx_nonpoly_scheme.pdb_strand_id 
_pdbx_nonpoly_scheme.pdb_ins_code 
B 2 HOH 1   101 101 HOH HOH A . 
B 2 HOH 2   102 102 HOH HOH A . 
B 2 HOH 3   103 103 HOH HOH A . 
B 2 HOH 4   104 104 HOH HOH A . 
B 2 HOH 5   105 105 HOH HOH A . 
B 2 HOH 6   106 106 HOH HOH A . 
B 2 HOH 7   107 107 HOH HOH A . 
B 2 HOH 8   108 108 HOH HOH A . 
B 2 HOH 9   109 109 HOH HOH A . 
B 2 HOH 10  110 110 HOH HOH A . 
B 2 HOH 11  111 111 HOH HOH A . 
B 2 HOH 12  112 112 HOH HOH A . 
B 2 HOH 13  113 113 HOH HOH A . 
B 2 HOH 14  114 114 HOH HOH A . 
B 2 HOH 15  115 115 HOH HOH A . 
B 2 HOH 16  116 116 HOH HOH A . 
B 2 HOH 17  117 117 HOH HOH A . 
B 2 HOH 18  118 118 HOH HOH A . 
B 2 HOH 19  119 119 HOH HOH A . 
B 2 HOH 20  120 120 HOH HOH A . 
B 2 HOH 21  121 121 HOH HOH A . 
B 2 HOH 22  122 122 HOH HOH A . 
B 2 HOH 23  123 123 HOH HOH A . 
B 2 HOH 24  124 124 HOH HOH A . 
B 2 HOH 25  125 125 HOH HOH A . 
B 2 HOH 26  126 126 HOH HOH A . 
B 2 HOH 27  127 127 HOH HOH A . 
B 2 HOH 28  128 128 HOH HOH A . 
B 2 HOH 29  129 129 HOH HOH A . 
B 2 HOH 30  130 130 HOH HOH A . 
B 2 HOH 31  131 131 HOH HOH A . 
B 2 HOH 32  132 132 HOH HOH A . 
B 2 HOH 33  133 133 HOH HOH A . 
B 2 HOH 34  134 134 HOH HOH A . 
B 2 HOH 35  135 135 HOH HOH A . 
B 2 HOH 36  136 136 HOH HOH A . 
B 2 HOH 37  137 137 HOH HOH A . 
B 2 HOH 38  138 138 HOH HOH A . 
B 2 HOH 39  139 139 HOH HOH A . 
B 2 HOH 40  140 140 HOH HOH A . 
B 2 HOH 41  141 141 HOH HOH A . 
B 2 HOH 42  142 142 HOH HOH A . 
B 2 HOH 43  143 143 HOH HOH A . 
B 2 HOH 44  144 144 HOH HOH A . 
B 2 HOH 45  145 145 HOH HOH A . 
B 2 HOH 46  146 146 HOH HOH A . 
B 2 HOH 47  147 147 HOH HOH A . 
B 2 HOH 48  148 148 HOH HOH A . 
B 2 HOH 49  149 149 HOH HOH A . 
B 2 HOH 50  150 150 HOH HOH A . 
B 2 HOH 51  151 151 HOH HOH A . 
B 2 HOH 52  152 152 HOH HOH A . 
B 2 HOH 53  153 153 HOH HOH A . 
B 2 HOH 54  154 154 HOH HOH A . 
B 2 HOH 55  155 155 HOH HOH A . 
B 2 HOH 56  156 156 HOH HOH A . 
B 2 HOH 57  157 157 HOH HOH A . 
B 2 HOH 58  158 158 HOH HOH A . 
B 2 HOH 59  159 159 HOH HOH A . 
B 2 HOH 60  160 160 HOH HOH A . 
B 2 HOH 61  161 161 HOH HOH A . 
B 2 HOH 62  162 162 HOH HOH A . 
B 2 HOH 63  163 163 HOH HOH A . 
B 2 HOH 64  164 164 HOH HOH A . 
B 2 HOH 65  165 165 HOH HOH A . 
B 2 HOH 66  166 166 HOH HOH A . 
B 2 HOH 67  167 167 HOH HOH A . 
B 2 HOH 68  168 168 HOH HOH A . 
B 2 HOH 69  169 169 HOH HOH A . 
B 2 HOH 70  170 170 HOH HOH A . 
B 2 HOH 71  171 171 HOH HOH A . 
B 2 HOH 72  172 172 HOH HOH A . 
B 2 HOH 73  173 173 HOH HOH A . 
B 2 HOH 74  174 174 HOH HOH A . 
B 2 HOH 75  175 175 HOH HOH A . 
B 2 HOH 76  176 176 HOH HOH A . 
B 2 HOH 77  177 177 HOH HOH A . 
B 2 HOH 78  178 178 HOH HOH A . 
B 2 HOH 79  179 179 HOH HOH A . 
B 2 HOH 80  180 180 HOH HOH A . 
B 2 HOH 81  181 181 HOH HOH A . 
B 2 HOH 82  182 182 HOH HOH A . 
B 2 HOH 83  183 183 HOH HOH A . 
B 2 HOH 84  184 184 HOH HOH A . 
B 2 HOH 85  185 185 HOH HOH A . 
B 2 HOH 86  186 186 HOH HOH A . 
B 2 HOH 87  187 187 HOH HOH A . 
B 2 HOH 88  188 188 HOH HOH A . 
B 2 HOH 89  189 189 HOH HOH A . 
B 2 HOH 90  190 190 HOH HOH A . 
B 2 HOH 91  191 191 HOH HOH A . 
B 2 HOH 92  192 192 HOH HOH A . 
B 2 HOH 93  193 193 HOH HOH A . 
B 2 HOH 94  194 194 HOH HOH A . 
B 2 HOH 95  195 195 HOH HOH A . 
B 2 HOH 96  196 196 HOH HOH A . 
B 2 HOH 97  197 197 HOH HOH A . 
B 2 HOH 98  198 198 HOH HOH A . 
B 2 HOH 99  199 199 HOH HOH A . 
B 2 HOH 100 200 200 HOH HOH A . 
B 2 HOH 101 201 201 HOH HOH A . 
B 2 HOH 102 202 202 HOH HOH A . 
B 2 HOH 103 203 203 HOH HOH A . 
B 2 HOH 104 204 204 HOH HOH A . 
B 2 HOH 105 205 205 HOH HOH A . 
B 2 HOH 106 206 206 HOH HOH A . 
B 2 HOH 107 207 207 HOH HOH A . 
B 2 HOH 108 208 208 HOH HOH A . 
B 2 HOH 109 209 209 HOH HOH A . 
B 2 HOH 110 210 210 HOH HOH A . 
B 2 HOH 111 211 211 HOH HOH A . 
B 2 HOH 112 212 212 HOH HOH A . 
B 2 HOH 113 213 213 HOH HOH A . 
B 2 HOH 114 214 214 HOH HOH A . 
B 2 HOH 115 215 215 HOH HOH A . 
B 2 HOH 116 216 216 HOH HOH A . 
B 2 HOH 117 217 217 HOH HOH A . 
B 2 HOH 118 218 218 HOH HOH A . 
# 
loop_
_pdbx_unobs_or_zero_occ_atoms.id 
_pdbx_unobs_or_zero_occ_atoms.PDB_model_num 
_pdbx_unobs_or_zero_occ_atoms.polymer_flag 
_pdbx_unobs_or_zero_occ_atoms.occupancy_flag 
_pdbx_unobs_or_zero_occ_atoms.auth_asym_id 
_pdbx_unobs_or_zero_occ_atoms.auth_comp_id 
_pdbx_unobs_or_zero_occ_atoms.auth_seq_id 
_pdbx_unobs_or_zero_occ_atoms.PDB_ins_code 
_pdbx_unobs_or_zero_occ_atoms.auth_atom_id 
_pdbx_unobs_or_zero_occ_atoms.label_alt_id 
_pdbx_unobs_or_zero_occ_atoms.label_asym_id 
_pdbx_unobs_or_zero_occ_atoms.label_comp_id 
_pdbx_unobs_or_zero_occ_atoms.label_seq_id 
_pdbx_unobs_or_zero_occ_atoms.label_atom_id 
1 1 Y 1 A GLU 20 ? CG  ? A GLU 20 CG  
2 1 Y 1 A GLU 20 ? CD  ? A GLU 20 CD  
3 1 Y 1 A GLU 20 ? OE1 ? A GLU 20 OE1 
4 1 Y 1 A GLU 20 ? OE2 ? A GLU 20 OE2 
# 
loop_
_software.name 
_software.classification 
_software.version 
_software.citation_id 
_software.pdbx_ordinal 
MOSFLM    'data reduction' .         ? 1 
SCALA     'data scaling'   .         ? 2 
SnB       phasing          .         ? 3 
SHELX     'model building' .         ? 4 
SHELXL-97 refinement       .         ? 5 
CCP4      'data scaling'   '(SCALA)' ? 6 
SHELX     phasing          .         ? 7 
# 
_cell.entry_id           1F94 
_cell.length_a           76.970 
_cell.length_b           22.520 
_cell.length_c           32.600 
_cell.angle_alpha        90.00 
_cell.angle_beta         100.23 
_cell.angle_gamma        90.00 
_cell.Z_PDB              4 
_cell.pdbx_unique_axis   ? 
# 
_symmetry.entry_id                         1F94 
_symmetry.space_group_name_H-M             'C 1 2 1' 
_symmetry.pdbx_full_space_group_name_H-M   ? 
_symmetry.cell_setting                     ? 
_symmetry.Int_Tables_number                5 
_symmetry.space_group_name_Hall            ? 
# 
_exptl.entry_id          1F94 
_exptl.method            'X-RAY DIFFRACTION' 
_exptl.crystals_number   1 
# 
_exptl_crystal.id                    1 
_exptl_crystal.density_meas          ? 
_exptl_crystal.density_percent_sol   35.47 
_exptl_crystal.density_Matthews      1.91 
_exptl_crystal.description           ? 
_exptl_crystal.F_000                 ? 
_exptl_crystal.preparation           ? 
# 
_exptl_crystal_grow.crystal_id      1 
_exptl_crystal_grow.method          'VAPOR DIFFUSION, HANGING DROP' 
_exptl_crystal_grow.pH              8.5 
_exptl_crystal_grow.temp            298 
_exptl_crystal_grow.temp_details    ? 
_exptl_crystal_grow.pdbx_details    'iso-propanol, ammonium acetate, Tris, pH 8.5, VAPOR DIFFUSION, HANGING DROP, temperature 298K' 
_exptl_crystal_grow.pdbx_pH_range   . 
# 
_diffrn.id                     1 
_diffrn.ambient_temp           100 
_diffrn.ambient_temp_details   ? 
_diffrn.crystal_id             1 
# 
_diffrn_detector.diffrn_id              1 
_diffrn_detector.detector               'IMAGE PLATE' 
_diffrn_detector.type                   MARRESEARCH 
_diffrn_detector.pdbx_collection_date   1999-03-12 
_diffrn_detector.details                ? 
# 
_diffrn_radiation.diffrn_id                        1 
_diffrn_radiation.wavelength_id                    1 
_diffrn_radiation.monochromator                    ? 
_diffrn_radiation.pdbx_monochromatic_or_laue_m_l   M 
_diffrn_radiation.pdbx_diffrn_protocol             'SINGLE WAVELENGTH' 
_diffrn_radiation.pdbx_scattering_type             x-ray 
# 
_diffrn_radiation_wavelength.id           1 
_diffrn_radiation_wavelength.wavelength   0.98 
_diffrn_radiation_wavelength.wt           1.0 
# 
_diffrn_source.diffrn_id                   1 
_diffrn_source.source                      SYNCHROTRON 
_diffrn_source.type                        'SSRL BEAMLINE BL9-1' 
_diffrn_source.pdbx_wavelength             0.98 
_diffrn_source.pdbx_synchrotron_site       SSRL 
_diffrn_source.pdbx_synchrotron_beamline   BL9-1 
_diffrn_source.pdbx_wavelength_list        ? 
# 
_reflns.entry_id                     1F94 
_reflns.observed_criterion_sigma_I   ? 
_reflns.observed_criterion_sigma_F   ? 
_reflns.d_resolution_low             32.0 
_reflns.d_resolution_high            0.97 
_reflns.number_obs                   33370 
_reflns.number_all                   33370 
_reflns.percent_possible_obs         99.5 
_reflns.pdbx_Rmerge_I_obs            0.054 
_reflns.pdbx_Rsym_value              ? 
_reflns.pdbx_netI_over_sigmaI        10.9 
_reflns.B_iso_Wilson_estimate        13.6 
_reflns.pdbx_redundancy              3.5 
_reflns.R_free_details               ? 
_reflns.limit_h_max                  ? 
_reflns.limit_h_min                  ? 
_reflns.limit_k_max                  ? 
_reflns.limit_k_min                  ? 
_reflns.limit_l_max                  ? 
_reflns.limit_l_min                  ? 
_reflns.observed_criterion_F_max     ? 
_reflns.observed_criterion_F_min     ? 
_reflns.pdbx_chi_squared             ? 
_reflns.pdbx_scaling_rejects         ? 
_reflns.pdbx_diffrn_id               1 
_reflns.pdbx_ordinal                 1 
# 
_reflns_shell.d_res_high             0.97 
_reflns_shell.d_res_low              0.99 
_reflns_shell.percent_possible_obs   ? 
_reflns_shell.percent_possible_all   94.7 
_reflns_shell.Rmerge_I_obs           0.66 
_reflns_shell.meanI_over_sigI_obs    ? 
_reflns_shell.pdbx_Rsym_value        ? 
_reflns_shell.pdbx_redundancy        3.0 
_reflns_shell.number_unique_all      2329 
_reflns_shell.number_measured_all    ? 
_reflns_shell.number_measured_obs    ? 
_reflns_shell.number_unique_obs      ? 
_reflns_shell.pdbx_chi_squared       ? 
_reflns_shell.pdbx_diffrn_id         ? 
_reflns_shell.pdbx_ordinal           1 
# 
_refine.entry_id                                 1F94 
_refine.ls_number_reflns_obs                     33339 
_refine.ls_number_reflns_all                     33339 
_refine.pdbx_ls_sigma_I                          0.0 
_refine.pdbx_ls_sigma_F                          0.0 
_refine.pdbx_data_cutoff_high_absF               ? 
_refine.pdbx_data_cutoff_low_absF                ? 
_refine.ls_d_res_low                             10.0 
_refine.ls_d_res_high                            0.97 
_refine.ls_percent_reflns_obs                    99.6 
_refine.ls_R_factor_obs                          0.1234 
_refine.ls_R_factor_all                          0.1234 
_refine.ls_R_factor_R_work                       0.1237 
_refine.ls_R_factor_R_free                       0.177 
_refine.ls_R_factor_R_free_error                 ? 
_refine.ls_R_factor_R_free_error_details         ? 
_refine.ls_percent_reflns_R_free                 ? 
_refine.ls_number_reflns_R_free                  1636 
_refine.ls_number_parameters                     ? 
_refine.ls_number_restraints                     ? 
_refine.occupancy_min                            ? 
_refine.occupancy_max                            ? 
_refine.B_iso_mean                               ? 
_refine.aniso_B[1][1]                            ? 
_refine.aniso_B[2][2]                            ? 
_refine.aniso_B[3][3]                            ? 
_refine.aniso_B[1][2]                            ? 
_refine.aniso_B[1][3]                            ? 
_refine.aniso_B[2][3]                            ? 
_refine.solvent_model_details                    ? 
_refine.solvent_model_param_ksol                 ? 
_refine.solvent_model_param_bsol                 ? 
_refine.pdbx_ls_cross_valid_method               ? 
_refine.details                                  ? 
_refine.pdbx_starting_model                      ? 
_refine.pdbx_method_to_determine_struct          ? 
_refine.pdbx_isotropic_thermal_model             ? 
_refine.pdbx_stereochemistry_target_values       'Engh & Huber' 
_refine.pdbx_stereochem_target_val_spec_case     ? 
_refine.pdbx_R_Free_selection_details            '5% random (with shelxpro) all reflections included on last refinement cycle' 
_refine.pdbx_overall_ESU_R_Free                  ? 
_refine.overall_SU_B                             ? 
_refine.ls_redundancy_reflns_obs                 ? 
_refine.B_iso_min                                ? 
_refine.B_iso_max                                ? 
_refine.overall_SU_ML                            ? 
_refine.pdbx_overall_ESU_R                       ? 
_refine.pdbx_data_cutoff_high_rms_absF           ? 
_refine.correlation_coeff_Fo_to_Fc               ? 
_refine.correlation_coeff_Fo_to_Fc_free          ? 
_refine.pdbx_solvent_vdw_probe_radii             ? 
_refine.pdbx_solvent_ion_probe_radii             ? 
_refine.pdbx_solvent_shrinkage_radii             ? 
_refine.overall_SU_R_Cruickshank_DPI             ? 
_refine.overall_SU_R_free                        ? 
_refine.ls_wR_factor_R_free                      ? 
_refine.ls_wR_factor_R_work                      ? 
_refine.overall_FOM_free_R_set                   ? 
_refine.overall_FOM_work_R_set                   ? 
_refine.pdbx_refine_id                           'X-RAY DIFFRACTION' 
_refine.pdbx_diffrn_id                           1 
_refine.pdbx_TLS_residual_ADP_flag               ? 
_refine.pdbx_overall_phase_error                 ? 
_refine.pdbx_overall_SU_R_free_Cruickshank_DPI   ? 
_refine.pdbx_overall_SU_R_Blow_DPI               ? 
_refine.pdbx_overall_SU_R_free_Blow_DPI          ? 
# 
_refine_hist.pdbx_refine_id                   'X-RAY DIFFRACTION' 
_refine_hist.cycle_id                         LAST 
_refine_hist.pdbx_number_atoms_protein        971 
_refine_hist.pdbx_number_atoms_nucleic_acid   0 
_refine_hist.pdbx_number_atoms_ligand         0 
_refine_hist.number_atoms_solvent             118 
_refine_hist.number_atoms_total               1089 
_refine_hist.d_res_high                       0.97 
_refine_hist.d_res_low                        10.0 
# 
loop_
_refine_ls_restr.type 
_refine_ls_restr.dev_ideal 
_refine_ls_restr.dev_ideal_target 
_refine_ls_restr.weight 
_refine_ls_restr.number 
_refine_ls_restr.pdbx_refine_id 
_refine_ls_restr.pdbx_restraint_function 
s_bond_d  0.017 ? ? ? 'X-RAY DIFFRACTION' ? 
s_angle_d 2.26  ? ? ? 'X-RAY DIFFRACTION' ? 
# 
_struct.entry_id                  1F94 
_struct.title                     'THE 0.97 RESOLUTION STRUCTURE OF BUCANDIN, A NOVEL TOXIN ISOLATED FROM THE MALAYAN KRAIT' 
_struct.pdbx_model_details        ? 
_struct.pdbx_CASP_flag            ? 
_struct.pdbx_model_type_details   ? 
# 
_struct_keywords.entry_id        1F94 
_struct_keywords.pdbx_keywords   TOXIN 
_struct_keywords.text            'three-finger snake presynaptic neurotoxin, TOXIN' 
# 
loop_
_struct_asym.id 
_struct_asym.pdbx_blank_PDB_chainid_flag 
_struct_asym.pdbx_modified 
_struct_asym.entity_id 
_struct_asym.details 
A N N 1 ? 
B N N 2 ? 
# 
_struct_ref.id                         1 
_struct_ref.db_code                    BUCA_BUNCA 
_struct_ref.db_name                    UNP 
_struct_ref.entity_id                  1 
_struct_ref.pdbx_db_accession          P81782 
_struct_ref.pdbx_align_begin           ? 
_struct_ref.pdbx_seq_one_letter_code   ? 
_struct_ref.pdbx_db_isoform            ? 
# 
_struct_ref_seq.align_id                      1 
_struct_ref_seq.ref_id                        1 
_struct_ref_seq.pdbx_PDB_id_code              1F94 
_struct_ref_seq.pdbx_strand_id                A 
_struct_ref_seq.seq_align_beg                 1 
_struct_ref_seq.pdbx_seq_align_beg_ins_code   ? 
_struct_ref_seq.seq_align_end                 63 
_struct_ref_seq.pdbx_seq_align_end_ins_code   ? 
_struct_ref_seq.pdbx_db_accession             P81782 
_struct_ref_seq.db_align_beg                  1 
_struct_ref_seq.pdbx_db_align_beg_ins_code    ? 
_struct_ref_seq.db_align_end                  63 
_struct_ref_seq.pdbx_db_align_end_ins_code    ? 
_struct_ref_seq.pdbx_auth_seq_align_beg       1 
_struct_ref_seq.pdbx_auth_seq_align_end       63 
# 
_pdbx_struct_assembly.id                   1 
_pdbx_struct_assembly.details              author_defined_assembly 
_pdbx_struct_assembly.method_details       ? 
_pdbx_struct_assembly.oligomeric_details   monomeric 
_pdbx_struct_assembly.oligomeric_count     1 
# 
_pdbx_struct_assembly_gen.assembly_id       1 
_pdbx_struct_assembly_gen.oper_expression   1 
_pdbx_struct_assembly_gen.asym_id_list      A,B 
# 
_pdbx_struct_oper_list.id                   1 
_pdbx_struct_oper_list.type                 'identity operation' 
_pdbx_struct_oper_list.name                 1_555 
_pdbx_struct_oper_list.symmetry_operation   x,y,z 
_pdbx_struct_oper_list.matrix[1][1]         1.0000000000 
_pdbx_struct_oper_list.matrix[1][2]         0.0000000000 
_pdbx_struct_oper_list.matrix[1][3]         0.0000000000 
_pdbx_struct_oper_list.vector[1]            0.0000000000 
_pdbx_struct_oper_list.matrix[2][1]         0.0000000000 
_pdbx_struct_oper_list.matrix[2][2]         1.0000000000 
_pdbx_struct_oper_list.matrix[2][3]         0.0000000000 
_pdbx_struct_oper_list.vector[2]            0.0000000000 
_pdbx_struct_oper_list.matrix[3][1]         0.0000000000 
_pdbx_struct_oper_list.matrix[3][2]         0.0000000000 
_pdbx_struct_oper_list.matrix[3][3]         1.0000000000 
_pdbx_struct_oper_list.vector[3]            0.0000000000 
# 
_struct_biol.id                    1 
_struct_biol.pdbx_parent_biol_id   ? 
_struct_biol.details               ? 
# 
loop_
_struct_conn.id 
_struct_conn.conn_type_id 
_struct_conn.pdbx_leaving_atom_flag 
_struct_conn.pdbx_PDB_id 
_struct_conn.ptnr1_label_asym_id 
_struct_conn.ptnr1_label_comp_id 
_struct_conn.ptnr1_label_seq_id 
_struct_conn.ptnr1_label_atom_id 
_struct_conn.pdbx_ptnr1_label_alt_id 
_struct_conn.pdbx_ptnr1_PDB_ins_code 
_struct_conn.pdbx_ptnr1_standard_comp_id 
_struct_conn.ptnr1_symmetry 
_struct_conn.ptnr2_label_asym_id 
_struct_conn.ptnr2_label_comp_id 
_struct_conn.ptnr2_label_seq_id 
_struct_conn.ptnr2_label_atom_id 
_struct_conn.pdbx_ptnr2_label_alt_id 
_struct_conn.pdbx_ptnr2_PDB_ins_code 
_struct_conn.ptnr1_auth_asym_id 
_struct_conn.ptnr1_auth_comp_id 
_struct_conn.ptnr1_auth_seq_id 
_struct_conn.ptnr2_auth_asym_id 
_struct_conn.ptnr2_auth_comp_id 
_struct_conn.ptnr2_auth_seq_id 
_struct_conn.ptnr2_symmetry 
_struct_conn.pdbx_ptnr3_label_atom_id 
_struct_conn.pdbx_ptnr3_label_seq_id 
_struct_conn.pdbx_ptnr3_label_comp_id 
_struct_conn.pdbx_ptnr3_label_asym_id 
_struct_conn.pdbx_ptnr3_label_alt_id 
_struct_conn.pdbx_ptnr3_PDB_ins_code 
_struct_conn.details 
_struct_conn.pdbx_dist_value 
_struct_conn.pdbx_value_order 
_struct_conn.pdbx_role 
disulf1 disulf ? ? A CYS 3  SG ? ? ? 1_555 A CYS 24 SG ? ? A CYS 3  A CYS 24 1_555 ? ? ? ? ? ? ? 2.021 ? ? 
disulf2 disulf ? ? A CYS 6  SG ? ? ? 1_555 A CYS 11 SG ? ? A CYS 6  A CYS 11 1_555 ? ? ? ? ? ? ? 2.057 ? ? 
disulf3 disulf ? ? A CYS 17 SG ? ? ? 1_555 A CYS 39 SG ? ? A CYS 17 A CYS 39 1_555 ? ? ? ? ? ? ? 2.059 ? ? 
disulf4 disulf ? ? A CYS 43 SG ? ? ? 1_555 A CYS 55 SG ? ? A CYS 43 A CYS 55 1_555 ? ? ? ? ? ? ? 2.027 ? ? 
disulf5 disulf ? ? A CYS 56 SG ? ? ? 1_555 A CYS 61 SG ? ? A CYS 56 A CYS 61 1_555 ? ? ? ? ? ? ? 2.039 ? ? 
# 
_struct_conn_type.id          disulf 
_struct_conn_type.criteria    ? 
_struct_conn_type.reference   ? 
# 
loop_
_pdbx_modification_feature.ordinal 
_pdbx_modification_feature.label_comp_id 
_pdbx_modification_feature.label_asym_id 
_pdbx_modification_feature.label_seq_id 
_pdbx_modification_feature.label_alt_id 
_pdbx_modification_feature.modified_residue_label_comp_id 
_pdbx_modification_feature.modified_residue_label_asym_id 
_pdbx_modification_feature.modified_residue_label_seq_id 
_pdbx_modification_feature.modified_residue_label_alt_id 
_pdbx_modification_feature.auth_comp_id 
_pdbx_modification_feature.auth_asym_id 
_pdbx_modification_feature.auth_seq_id 
_pdbx_modification_feature.PDB_ins_code 
_pdbx_modification_feature.symmetry 
_pdbx_modification_feature.modified_residue_auth_comp_id 
_pdbx_modification_feature.modified_residue_auth_asym_id 
_pdbx_modification_feature.modified_residue_auth_seq_id 
_pdbx_modification_feature.modified_residue_PDB_ins_code 
_pdbx_modification_feature.modified_residue_symmetry 
_pdbx_modification_feature.comp_id_linking_atom 
_pdbx_modification_feature.modified_residue_id_linking_atom 
_pdbx_modification_feature.modified_residue_id 
_pdbx_modification_feature.ref_pcm_id 
_pdbx_modification_feature.ref_comp_id 
_pdbx_modification_feature.type 
_pdbx_modification_feature.category 
1 CYS A 3  ? CYS A 24 ? CYS A 3  ? 1_555 CYS A 24 ? 1_555 SG SG . . . None 'Disulfide bridge' 
2 CYS A 6  ? CYS A 11 ? CYS A 6  ? 1_555 CYS A 11 ? 1_555 SG SG . . . None 'Disulfide bridge' 
3 CYS A 17 ? CYS A 39 ? CYS A 17 ? 1_555 CYS A 39 ? 1_555 SG SG . . . None 'Disulfide bridge' 
4 CYS A 43 ? CYS A 55 ? CYS A 43 ? 1_555 CYS A 55 ? 1_555 SG SG . . . None 'Disulfide bridge' 
5 CYS A 56 ? CYS A 61 ? CYS A 56 ? 1_555 CYS A 61 ? 1_555 SG SG . . . None 'Disulfide bridge' 
# 
loop_
_struct_sheet.id 
_struct_sheet.type 
_struct_sheet.number_strands 
_struct_sheet.details 
A ? 2 ? 
B ? 4 ? 
# 
loop_
_struct_sheet_order.sheet_id 
_struct_sheet_order.range_id_1 
_struct_sheet_order.range_id_2 
_struct_sheet_order.offset 
_struct_sheet_order.sense 
A 1 2 ? anti-parallel 
B 1 2 ? anti-parallel 
B 2 3 ? anti-parallel 
B 3 4 ? anti-parallel 
# 
loop_
_struct_sheet_range.sheet_id 
_struct_sheet_range.id 
_struct_sheet_range.beg_label_comp_id 
_struct_sheet_range.beg_label_asym_id 
_struct_sheet_range.beg_label_seq_id 
_struct_sheet_range.pdbx_beg_PDB_ins_code 
_struct_sheet_range.end_label_comp_id 
_struct_sheet_range.end_label_asym_id 
_struct_sheet_range.end_label_seq_id 
_struct_sheet_range.pdbx_end_PDB_ins_code 
_struct_sheet_range.beg_auth_comp_id 
_struct_sheet_range.beg_auth_asym_id 
_struct_sheet_range.beg_auth_seq_id 
_struct_sheet_range.end_auth_comp_id 
_struct_sheet_range.end_auth_asym_id 
_struct_sheet_range.end_auth_seq_id 
A 1 GLU A 2  ? GLY A 7  ? GLU A 2  GLY A 7  
A 2 GLY A 10 ? THR A 16 ? GLY A 10 THR A 16 
B 1 ARG A 35 ? ALA A 40 ? ARG A 35 ALA A 40 
B 2 PHE A 23 ? ASN A 29 ? PHE A 23 ASN A 29 
B 3 VAL A 51 ? CYS A 56 ? VAL A 51 CYS A 56 
B 4 ILE A 46 ? ASP A 47 ? ILE A 46 ASP A 47 
# 
loop_
_pdbx_struct_sheet_hbond.sheet_id 
_pdbx_struct_sheet_hbond.range_id_1 
_pdbx_struct_sheet_hbond.range_id_2 
_pdbx_struct_sheet_hbond.range_1_label_atom_id 
_pdbx_struct_sheet_hbond.range_1_label_comp_id 
_pdbx_struct_sheet_hbond.range_1_label_asym_id 
_pdbx_struct_sheet_hbond.range_1_label_seq_id 
_pdbx_struct_sheet_hbond.range_1_PDB_ins_code 
_pdbx_struct_sheet_hbond.range_1_auth_atom_id 
_pdbx_struct_sheet_hbond.range_1_auth_comp_id 
_pdbx_struct_sheet_hbond.range_1_auth_asym_id 
_pdbx_struct_sheet_hbond.range_1_auth_seq_id 
_pdbx_struct_sheet_hbond.range_2_label_atom_id 
_pdbx_struct_sheet_hbond.range_2_label_comp_id 
_pdbx_struct_sheet_hbond.range_2_label_asym_id 
_pdbx_struct_sheet_hbond.range_2_label_seq_id 
_pdbx_struct_sheet_hbond.range_2_PDB_ins_code 
_pdbx_struct_sheet_hbond.range_2_auth_atom_id 
_pdbx_struct_sheet_hbond.range_2_auth_comp_id 
_pdbx_struct_sheet_hbond.range_2_auth_asym_id 
_pdbx_struct_sheet_hbond.range_2_auth_seq_id 
A 1 2 N GLY A 7  ? N GLY A 7  O GLY A 10 ? O GLY A 10 
B 1 2 N ALA A 40 ? N ALA A 40 O PHE A 23 ? O PHE A 23 
B 2 3 N LEU A 28 ? N LEU A 28 O TYR A 52 ? O TYR A 52 
B 3 4 N ASN A 53 ? N ASN A 53 O ILE A 46 ? O ILE A 46 
# 
_pdbx_entry_details.entry_id                   1F94 
_pdbx_entry_details.compound_details           ? 
_pdbx_entry_details.source_details             ? 
_pdbx_entry_details.nonpolymer_details         ? 
_pdbx_entry_details.sequence_details           ? 
_pdbx_entry_details.has_ligand_of_interest     ? 
_pdbx_entry_details.has_protein_modification   Y 
# 
loop_
_pdbx_validate_rmsd_angle.id 
_pdbx_validate_rmsd_angle.PDB_model_num 
_pdbx_validate_rmsd_angle.auth_atom_id_1 
_pdbx_validate_rmsd_angle.auth_asym_id_1 
_pdbx_validate_rmsd_angle.auth_comp_id_1 
_pdbx_validate_rmsd_angle.auth_seq_id_1 
_pdbx_validate_rmsd_angle.PDB_ins_code_1 
_pdbx_validate_rmsd_angle.label_alt_id_1 
_pdbx_validate_rmsd_angle.auth_atom_id_2 
_pdbx_validate_rmsd_angle.auth_asym_id_2 
_pdbx_validate_rmsd_angle.auth_comp_id_2 
_pdbx_validate_rmsd_angle.auth_seq_id_2 
_pdbx_validate_rmsd_angle.PDB_ins_code_2 
_pdbx_validate_rmsd_angle.label_alt_id_2 
_pdbx_validate_rmsd_angle.auth_atom_id_3 
_pdbx_validate_rmsd_angle.auth_asym_id_3 
_pdbx_validate_rmsd_angle.auth_comp_id_3 
_pdbx_validate_rmsd_angle.auth_seq_id_3 
_pdbx_validate_rmsd_angle.PDB_ins_code_3 
_pdbx_validate_rmsd_angle.label_alt_id_3 
_pdbx_validate_rmsd_angle.angle_value 
_pdbx_validate_rmsd_angle.angle_target_value 
_pdbx_validate_rmsd_angle.angle_deviation 
_pdbx_validate_rmsd_angle.angle_standard_deviation 
_pdbx_validate_rmsd_angle.linker_flag 
1 1 NE  A ARG 5  ? ? CZ  A ARG 5  ? ? NH1 A ARG 5  ? ? 124.45 120.30 4.15   0.50 N 
2 1 NE  A ARG 5  ? ? CZ  A ARG 5  ? ? NH2 A ARG 5  ? ? 116.62 120.30 -3.68  0.50 N 
3 1 CA  A TRP 27 ? ? CB  A TRP 27 ? A CG  A TRP 27 ? A 125.36 113.70 11.66  1.90 N 
4 1 CH2 A TRP 27 ? B CZ2 A TRP 27 ? B CE2 A TRP 27 ? B 123.49 117.40 6.09   1.00 N 
5 1 NE  A ARG 35 ? ? CZ  A ARG 35 ? ? NH2 A ARG 35 ? ? 116.79 120.30 -3.51  0.50 N 
6 1 CA  A GLU 45 ? ? CB  A GLU 45 ? ? CG  A GLU 45 ? ? 99.61  113.40 -13.79 2.20 N 
# 
_pdbx_struct_special_symmetry.id              1 
_pdbx_struct_special_symmetry.PDB_model_num   1 
_pdbx_struct_special_symmetry.auth_asym_id    A 
_pdbx_struct_special_symmetry.auth_comp_id    HOH 
_pdbx_struct_special_symmetry.auth_seq_id     183 
_pdbx_struct_special_symmetry.PDB_ins_code    ? 
_pdbx_struct_special_symmetry.label_asym_id   B 
_pdbx_struct_special_symmetry.label_comp_id   HOH 
_pdbx_struct_special_symmetry.label_seq_id    . 
# 
loop_
_chem_comp_atom.comp_id 
_chem_comp_atom.atom_id 
_chem_comp_atom.type_symbol 
_chem_comp_atom.pdbx_aromatic_flag 
_chem_comp_atom.pdbx_stereo_config 
_chem_comp_atom.pdbx_ordinal 
ALA N    N N N 1   
ALA CA   C N S 2   
ALA C    C N N 3   
ALA O    O N N 4   
ALA CB   C N N 5   
ALA OXT  O N N 6   
ALA H    H N N 7   
ALA H2   H N N 8   
ALA HA   H N N 9   
ALA HB1  H N N 10  
ALA HB2  H N N 11  
ALA HB3  H N N 12  
ALA HXT  H N N 13  
ARG N    N N N 14  
ARG CA   C N S 15  
ARG C    C N N 16  
ARG O    O N N 17  
ARG CB   C N N 18  
ARG CG   C N N 19  
ARG CD   C N N 20  
ARG NE   N N N 21  
ARG CZ   C N N 22  
ARG NH1  N N N 23  
ARG NH2  N N N 24  
ARG OXT  O N N 25  
ARG H    H N N 26  
ARG H2   H N N 27  
ARG HA   H N N 28  
ARG HB2  H N N 29  
ARG HB3  H N N 30  
ARG HG2  H N N 31  
ARG HG3  H N N 32  
ARG HD2  H N N 33  
ARG HD3  H N N 34  
ARG HE   H N N 35  
ARG HH11 H N N 36  
ARG HH12 H N N 37  
ARG HH21 H N N 38  
ARG HH22 H N N 39  
ARG HXT  H N N 40  
ASN N    N N N 41  
ASN CA   C N S 42  
ASN C    C N N 43  
ASN O    O N N 44  
ASN CB   C N N 45  
ASN CG   C N N 46  
ASN OD1  O N N 47  
ASN ND2  N N N 48  
ASN OXT  O N N 49  
ASN H    H N N 50  
ASN H2   H N N 51  
ASN HA   H N N 52  
ASN HB2  H N N 53  
ASN HB3  H N N 54  
ASN HD21 H N N 55  
ASN HD22 H N N 56  
ASN HXT  H N N 57  
ASP N    N N N 58  
ASP CA   C N S 59  
ASP C    C N N 60  
ASP O    O N N 61  
ASP CB   C N N 62  
ASP CG   C N N 63  
ASP OD1  O N N 64  
ASP OD2  O N N 65  
ASP OXT  O N N 66  
ASP H    H N N 67  
ASP H2   H N N 68  
ASP HA   H N N 69  
ASP HB2  H N N 70  
ASP HB3  H N N 71  
ASP HD2  H N N 72  
ASP HXT  H N N 73  
CYS N    N N N 74  
CYS CA   C N R 75  
CYS C    C N N 76  
CYS O    O N N 77  
CYS CB   C N N 78  
CYS SG   S N N 79  
CYS OXT  O N N 80  
CYS H    H N N 81  
CYS H2   H N N 82  
CYS HA   H N N 83  
CYS HB2  H N N 84  
CYS HB3  H N N 85  
CYS HG   H N N 86  
CYS HXT  H N N 87  
GLU N    N N N 88  
GLU CA   C N S 89  
GLU C    C N N 90  
GLU O    O N N 91  
GLU CB   C N N 92  
GLU CG   C N N 93  
GLU CD   C N N 94  
GLU OE1  O N N 95  
GLU OE2  O N N 96  
GLU OXT  O N N 97  
GLU H    H N N 98  
GLU H2   H N N 99  
GLU HA   H N N 100 
GLU HB2  H N N 101 
GLU HB3  H N N 102 
GLU HG2  H N N 103 
GLU HG3  H N N 104 
GLU HE2  H N N 105 
GLU HXT  H N N 106 
GLY N    N N N 107 
GLY CA   C N N 108 
GLY C    C N N 109 
GLY O    O N N 110 
GLY OXT  O N N 111 
GLY H    H N N 112 
GLY H2   H N N 113 
GLY HA2  H N N 114 
GLY HA3  H N N 115 
GLY HXT  H N N 116 
HIS N    N N N 117 
HIS CA   C N S 118 
HIS C    C N N 119 
HIS O    O N N 120 
HIS CB   C N N 121 
HIS CG   C Y N 122 
HIS ND1  N Y N 123 
HIS CD2  C Y N 124 
HIS CE1  C Y N 125 
HIS NE2  N Y N 126 
HIS OXT  O N N 127 
HIS H    H N N 128 
HIS H2   H N N 129 
HIS HA   H N N 130 
HIS HB2  H N N 131 
HIS HB3  H N N 132 
HIS HD1  H N N 133 
HIS HD2  H N N 134 
HIS HE1  H N N 135 
HIS HE2  H N N 136 
HIS HXT  H N N 137 
HOH O    O N N 138 
HOH H1   H N N 139 
HOH H2   H N N 140 
ILE N    N N N 141 
ILE CA   C N S 142 
ILE C    C N N 143 
ILE O    O N N 144 
ILE CB   C N S 145 
ILE CG1  C N N 146 
ILE CG2  C N N 147 
ILE CD1  C N N 148 
ILE OXT  O N N 149 
ILE H    H N N 150 
ILE H2   H N N 151 
ILE HA   H N N 152 
ILE HB   H N N 153 
ILE HG12 H N N 154 
ILE HG13 H N N 155 
ILE HG21 H N N 156 
ILE HG22 H N N 157 
ILE HG23 H N N 158 
ILE HD11 H N N 159 
ILE HD12 H N N 160 
ILE HD13 H N N 161 
ILE HXT  H N N 162 
LEU N    N N N 163 
LEU CA   C N S 164 
LEU C    C N N 165 
LEU O    O N N 166 
LEU CB   C N N 167 
LEU CG   C N N 168 
LEU CD1  C N N 169 
LEU CD2  C N N 170 
LEU OXT  O N N 171 
LEU H    H N N 172 
LEU H2   H N N 173 
LEU HA   H N N 174 
LEU HB2  H N N 175 
LEU HB3  H N N 176 
LEU HG   H N N 177 
LEU HD11 H N N 178 
LEU HD12 H N N 179 
LEU HD13 H N N 180 
LEU HD21 H N N 181 
LEU HD22 H N N 182 
LEU HD23 H N N 183 
LEU HXT  H N N 184 
LYS N    N N N 185 
LYS CA   C N S 186 
LYS C    C N N 187 
LYS O    O N N 188 
LYS CB   C N N 189 
LYS CG   C N N 190 
LYS CD   C N N 191 
LYS CE   C N N 192 
LYS NZ   N N N 193 
LYS OXT  O N N 194 
LYS H    H N N 195 
LYS H2   H N N 196 
LYS HA   H N N 197 
LYS HB2  H N N 198 
LYS HB3  H N N 199 
LYS HG2  H N N 200 
LYS HG3  H N N 201 
LYS HD2  H N N 202 
LYS HD3  H N N 203 
LYS HE2  H N N 204 
LYS HE3  H N N 205 
LYS HZ1  H N N 206 
LYS HZ2  H N N 207 
LYS HZ3  H N N 208 
LYS HXT  H N N 209 
MET N    N N N 210 
MET CA   C N S 211 
MET C    C N N 212 
MET O    O N N 213 
MET CB   C N N 214 
MET CG   C N N 215 
MET SD   S N N 216 
MET CE   C N N 217 
MET OXT  O N N 218 
MET H    H N N 219 
MET H2   H N N 220 
MET HA   H N N 221 
MET HB2  H N N 222 
MET HB3  H N N 223 
MET HG2  H N N 224 
MET HG3  H N N 225 
MET HE1  H N N 226 
MET HE2  H N N 227 
MET HE3  H N N 228 
MET HXT  H N N 229 
PHE N    N N N 230 
PHE CA   C N S 231 
PHE C    C N N 232 
PHE O    O N N 233 
PHE CB   C N N 234 
PHE CG   C Y N 235 
PHE CD1  C Y N 236 
PHE CD2  C Y N 237 
PHE CE1  C Y N 238 
PHE CE2  C Y N 239 
PHE CZ   C Y N 240 
PHE OXT  O N N 241 
PHE H    H N N 242 
PHE H2   H N N 243 
PHE HA   H N N 244 
PHE HB2  H N N 245 
PHE HB3  H N N 246 
PHE HD1  H N N 247 
PHE HD2  H N N 248 
PHE HE1  H N N 249 
PHE HE2  H N N 250 
PHE HZ   H N N 251 
PHE HXT  H N N 252 
SER N    N N N 253 
SER CA   C N S 254 
SER C    C N N 255 
SER O    O N N 256 
SER CB   C N N 257 
SER OG   O N N 258 
SER OXT  O N N 259 
SER H    H N N 260 
SER H2   H N N 261 
SER HA   H N N 262 
SER HB2  H N N 263 
SER HB3  H N N 264 
SER HG   H N N 265 
SER HXT  H N N 266 
THR N    N N N 267 
THR CA   C N S 268 
THR C    C N N 269 
THR O    O N N 270 
THR CB   C N R 271 
THR OG1  O N N 272 
THR CG2  C N N 273 
THR OXT  O N N 274 
THR H    H N N 275 
THR H2   H N N 276 
THR HA   H N N 277 
THR HB   H N N 278 
THR HG1  H N N 279 
THR HG21 H N N 280 
THR HG22 H N N 281 
THR HG23 H N N 282 
THR HXT  H N N 283 
TRP N    N N N 284 
TRP CA   C N S 285 
TRP C    C N N 286 
TRP O    O N N 287 
TRP CB   C N N 288 
TRP CG   C Y N 289 
TRP CD1  C Y N 290 
TRP CD2  C Y N 291 
TRP NE1  N Y N 292 
TRP CE2  C Y N 293 
TRP CE3  C Y N 294 
TRP CZ2  C Y N 295 
TRP CZ3  C Y N 296 
TRP CH2  C Y N 297 
TRP OXT  O N N 298 
TRP H    H N N 299 
TRP H2   H N N 300 
TRP HA   H N N 301 
TRP HB2  H N N 302 
TRP HB3  H N N 303 
TRP HD1  H N N 304 
TRP HE1  H N N 305 
TRP HE3  H N N 306 
TRP HZ2  H N N 307 
TRP HZ3  H N N 308 
TRP HH2  H N N 309 
TRP HXT  H N N 310 
TYR N    N N N 311 
TYR CA   C N S 312 
TYR C    C N N 313 
TYR O    O N N 314 
TYR CB   C N N 315 
TYR CG   C Y N 316 
TYR CD1  C Y N 317 
TYR CD2  C Y N 318 
TYR CE1  C Y N 319 
TYR CE2  C Y N 320 
TYR CZ   C Y N 321 
TYR OH   O N N 322 
TYR OXT  O N N 323 
TYR H    H N N 324 
TYR H2   H N N 325 
TYR HA   H N N 326 
TYR HB2  H N N 327 
TYR HB3  H N N 328 
TYR HD1  H N N 329 
TYR HD2  H N N 330 
TYR HE1  H N N 331 
TYR HE2  H N N 332 
TYR HH   H N N 333 
TYR HXT  H N N 334 
VAL N    N N N 335 
VAL CA   C N S 336 
VAL C    C N N 337 
VAL O    O N N 338 
VAL CB   C N N 339 
VAL CG1  C N N 340 
VAL CG2  C N N 341 
VAL OXT  O N N 342 
VAL H    H N N 343 
VAL H2   H N N 344 
VAL HA   H N N 345 
VAL HB   H N N 346 
VAL HG11 H N N 347 
VAL HG12 H N N 348 
VAL HG13 H N N 349 
VAL HG21 H N N 350 
VAL HG22 H N N 351 
VAL HG23 H N N 352 
VAL HXT  H N N 353 
# 
loop_
_chem_comp_bond.comp_id 
_chem_comp_bond.atom_id_1 
_chem_comp_bond.atom_id_2 
_chem_comp_bond.value_order 
_chem_comp_bond.pdbx_aromatic_flag 
_chem_comp_bond.pdbx_stereo_config 
_chem_comp_bond.pdbx_ordinal 
ALA N   CA   sing N N 1   
ALA N   H    sing N N 2   
ALA N   H2   sing N N 3   
ALA CA  C    sing N N 4   
ALA CA  CB   sing N N 5   
ALA CA  HA   sing N N 6   
ALA C   O    doub N N 7   
ALA C   OXT  sing N N 8   
ALA CB  HB1  sing N N 9   
ALA CB  HB2  sing N N 10  
ALA CB  HB3  sing N N 11  
ALA OXT HXT  sing N N 12  
ARG N   CA   sing N N 13  
ARG N   H    sing N N 14  
ARG N   H2   sing N N 15  
ARG CA  C    sing N N 16  
ARG CA  CB   sing N N 17  
ARG CA  HA   sing N N 18  
ARG C   O    doub N N 19  
ARG C   OXT  sing N N 20  
ARG CB  CG   sing N N 21  
ARG CB  HB2  sing N N 22  
ARG CB  HB3  sing N N 23  
ARG CG  CD   sing N N 24  
ARG CG  HG2  sing N N 25  
ARG CG  HG3  sing N N 26  
ARG CD  NE   sing N N 27  
ARG CD  HD2  sing N N 28  
ARG CD  HD3  sing N N 29  
ARG NE  CZ   sing N N 30  
ARG NE  HE   sing N N 31  
ARG CZ  NH1  sing N N 32  
ARG CZ  NH2  doub N N 33  
ARG NH1 HH11 sing N N 34  
ARG NH1 HH12 sing N N 35  
ARG NH2 HH21 sing N N 36  
ARG NH2 HH22 sing N N 37  
ARG OXT HXT  sing N N 38  
ASN N   CA   sing N N 39  
ASN N   H    sing N N 40  
ASN N   H2   sing N N 41  
ASN CA  C    sing N N 42  
ASN CA  CB   sing N N 43  
ASN CA  HA   sing N N 44  
ASN C   O    doub N N 45  
ASN C   OXT  sing N N 46  
ASN CB  CG   sing N N 47  
ASN CB  HB2  sing N N 48  
ASN CB  HB3  sing N N 49  
ASN CG  OD1  doub N N 50  
ASN CG  ND2  sing N N 51  
ASN ND2 HD21 sing N N 52  
ASN ND2 HD22 sing N N 53  
ASN OXT HXT  sing N N 54  
ASP N   CA   sing N N 55  
ASP N   H    sing N N 56  
ASP N   H2   sing N N 57  
ASP CA  C    sing N N 58  
ASP CA  CB   sing N N 59  
ASP CA  HA   sing N N 60  
ASP C   O    doub N N 61  
ASP C   OXT  sing N N 62  
ASP CB  CG   sing N N 63  
ASP CB  HB2  sing N N 64  
ASP CB  HB3  sing N N 65  
ASP CG  OD1  doub N N 66  
ASP CG  OD2  sing N N 67  
ASP OD2 HD2  sing N N 68  
ASP OXT HXT  sing N N 69  
CYS N   CA   sing N N 70  
CYS N   H    sing N N 71  
CYS N   H2   sing N N 72  
CYS CA  C    sing N N 73  
CYS CA  CB   sing N N 74  
CYS CA  HA   sing N N 75  
CYS C   O    doub N N 76  
CYS C   OXT  sing N N 77  
CYS CB  SG   sing N N 78  
CYS CB  HB2  sing N N 79  
CYS CB  HB3  sing N N 80  
CYS SG  HG   sing N N 81  
CYS OXT HXT  sing N N 82  
GLU N   CA   sing N N 83  
GLU N   H    sing N N 84  
GLU N   H2   sing N N 85  
GLU CA  C    sing N N 86  
GLU CA  CB   sing N N 87  
GLU CA  HA   sing N N 88  
GLU C   O    doub N N 89  
GLU C   OXT  sing N N 90  
GLU CB  CG   sing N N 91  
GLU CB  HB2  sing N N 92  
GLU CB  HB3  sing N N 93  
GLU CG  CD   sing N N 94  
GLU CG  HG2  sing N N 95  
GLU CG  HG3  sing N N 96  
GLU CD  OE1  doub N N 97  
GLU CD  OE2  sing N N 98  
GLU OE2 HE2  sing N N 99  
GLU OXT HXT  sing N N 100 
GLY N   CA   sing N N 101 
GLY N   H    sing N N 102 
GLY N   H2   sing N N 103 
GLY CA  C    sing N N 104 
GLY CA  HA2  sing N N 105 
GLY CA  HA3  sing N N 106 
GLY C   O    doub N N 107 
GLY C   OXT  sing N N 108 
GLY OXT HXT  sing N N 109 
HIS N   CA   sing N N 110 
HIS N   H    sing N N 111 
HIS N   H2   sing N N 112 
HIS CA  C    sing N N 113 
HIS CA  CB   sing N N 114 
HIS CA  HA   sing N N 115 
HIS C   O    doub N N 116 
HIS C   OXT  sing N N 117 
HIS CB  CG   sing N N 118 
HIS CB  HB2  sing N N 119 
HIS CB  HB3  sing N N 120 
HIS CG  ND1  sing Y N 121 
HIS CG  CD2  doub Y N 122 
HIS ND1 CE1  doub Y N 123 
HIS ND1 HD1  sing N N 124 
HIS CD2 NE2  sing Y N 125 
HIS CD2 HD2  sing N N 126 
HIS CE1 NE2  sing Y N 127 
HIS CE1 HE1  sing N N 128 
HIS NE2 HE2  sing N N 129 
HIS OXT HXT  sing N N 130 
HOH O   H1   sing N N 131 
HOH O   H2   sing N N 132 
ILE N   CA   sing N N 133 
ILE N   H    sing N N 134 
ILE N   H2   sing N N 135 
ILE CA  C    sing N N 136 
ILE CA  CB   sing N N 137 
ILE CA  HA   sing N N 138 
ILE C   O    doub N N 139 
ILE C   OXT  sing N N 140 
ILE CB  CG1  sing N N 141 
ILE CB  CG2  sing N N 142 
ILE CB  HB   sing N N 143 
ILE CG1 CD1  sing N N 144 
ILE CG1 HG12 sing N N 145 
ILE CG1 HG13 sing N N 146 
ILE CG2 HG21 sing N N 147 
ILE CG2 HG22 sing N N 148 
ILE CG2 HG23 sing N N 149 
ILE CD1 HD11 sing N N 150 
ILE CD1 HD12 sing N N 151 
ILE CD1 HD13 sing N N 152 
ILE OXT HXT  sing N N 153 
LEU N   CA   sing N N 154 
LEU N   H    sing N N 155 
LEU N   H2   sing N N 156 
LEU CA  C    sing N N 157 
LEU CA  CB   sing N N 158 
LEU CA  HA   sing N N 159 
LEU C   O    doub N N 160 
LEU C   OXT  sing N N 161 
LEU CB  CG   sing N N 162 
LEU CB  HB2  sing N N 163 
LEU CB  HB3  sing N N 164 
LEU CG  CD1  sing N N 165 
LEU CG  CD2  sing N N 166 
LEU CG  HG   sing N N 167 
LEU CD1 HD11 sing N N 168 
LEU CD1 HD12 sing N N 169 
LEU CD1 HD13 sing N N 170 
LEU CD2 HD21 sing N N 171 
LEU CD2 HD22 sing N N 172 
LEU CD2 HD23 sing N N 173 
LEU OXT HXT  sing N N 174 
LYS N   CA   sing N N 175 
LYS N   H    sing N N 176 
LYS N   H2   sing N N 177 
LYS CA  C    sing N N 178 
LYS CA  CB   sing N N 179 
LYS CA  HA   sing N N 180 
LYS C   O    doub N N 181 
LYS C   OXT  sing N N 182 
LYS CB  CG   sing N N 183 
LYS CB  HB2  sing N N 184 
LYS CB  HB3  sing N N 185 
LYS CG  CD   sing N N 186 
LYS CG  HG2  sing N N 187 
LYS CG  HG3  sing N N 188 
LYS CD  CE   sing N N 189 
LYS CD  HD2  sing N N 190 
LYS CD  HD3  sing N N 191 
LYS CE  NZ   sing N N 192 
LYS CE  HE2  sing N N 193 
LYS CE  HE3  sing N N 194 
LYS NZ  HZ1  sing N N 195 
LYS NZ  HZ2  sing N N 196 
LYS NZ  HZ3  sing N N 197 
LYS OXT HXT  sing N N 198 
MET N   CA   sing N N 199 
MET N   H    sing N N 200 
MET N   H2   sing N N 201 
MET CA  C    sing N N 202 
MET CA  CB   sing N N 203 
MET CA  HA   sing N N 204 
MET C   O    doub N N 205 
MET C   OXT  sing N N 206 
MET CB  CG   sing N N 207 
MET CB  HB2  sing N N 208 
MET CB  HB3  sing N N 209 
MET CG  SD   sing N N 210 
MET CG  HG2  sing N N 211 
MET CG  HG3  sing N N 212 
MET SD  CE   sing N N 213 
MET CE  HE1  sing N N 214 
MET CE  HE2  sing N N 215 
MET CE  HE3  sing N N 216 
MET OXT HXT  sing N N 217 
PHE N   CA   sing N N 218 
PHE N   H    sing N N 219 
PHE N   H2   sing N N 220 
PHE CA  C    sing N N 221 
PHE CA  CB   sing N N 222 
PHE CA  HA   sing N N 223 
PHE C   O    doub N N 224 
PHE C   OXT  sing N N 225 
PHE CB  CG   sing N N 226 
PHE CB  HB2  sing N N 227 
PHE CB  HB3  sing N N 228 
PHE CG  CD1  doub Y N 229 
PHE CG  CD2  sing Y N 230 
PHE CD1 CE1  sing Y N 231 
PHE CD1 HD1  sing N N 232 
PHE CD2 CE2  doub Y N 233 
PHE CD2 HD2  sing N N 234 
PHE CE1 CZ   doub Y N 235 
PHE CE1 HE1  sing N N 236 
PHE CE2 CZ   sing Y N 237 
PHE CE2 HE2  sing N N 238 
PHE CZ  HZ   sing N N 239 
PHE OXT HXT  sing N N 240 
SER N   CA   sing N N 241 
SER N   H    sing N N 242 
SER N   H2   sing N N 243 
SER CA  C    sing N N 244 
SER CA  CB   sing N N 245 
SER CA  HA   sing N N 246 
SER C   O    doub N N 247 
SER C   OXT  sing N N 248 
SER CB  OG   sing N N 249 
SER CB  HB2  sing N N 250 
SER CB  HB3  sing N N 251 
SER OG  HG   sing N N 252 
SER OXT HXT  sing N N 253 
THR N   CA   sing N N 254 
THR N   H    sing N N 255 
THR N   H2   sing N N 256 
THR CA  C    sing N N 257 
THR CA  CB   sing N N 258 
THR CA  HA   sing N N 259 
THR C   O    doub N N 260 
THR C   OXT  sing N N 261 
THR CB  OG1  sing N N 262 
THR CB  CG2  sing N N 263 
THR CB  HB   sing N N 264 
THR OG1 HG1  sing N N 265 
THR CG2 HG21 sing N N 266 
THR CG2 HG22 sing N N 267 
THR CG2 HG23 sing N N 268 
THR OXT HXT  sing N N 269 
TRP N   CA   sing N N 270 
TRP N   H    sing N N 271 
TRP N   H2   sing N N 272 
TRP CA  C    sing N N 273 
TRP CA  CB   sing N N 274 
TRP CA  HA   sing N N 275 
TRP C   O    doub N N 276 
TRP C   OXT  sing N N 277 
TRP CB  CG   sing N N 278 
TRP CB  HB2  sing N N 279 
TRP CB  HB3  sing N N 280 
TRP CG  CD1  doub Y N 281 
TRP CG  CD2  sing Y N 282 
TRP CD1 NE1  sing Y N 283 
TRP CD1 HD1  sing N N 284 
TRP CD2 CE2  doub Y N 285 
TRP CD2 CE3  sing Y N 286 
TRP NE1 CE2  sing Y N 287 
TRP NE1 HE1  sing N N 288 
TRP CE2 CZ2  sing Y N 289 
TRP CE3 CZ3  doub Y N 290 
TRP CE3 HE3  sing N N 291 
TRP CZ2 CH2  doub Y N 292 
TRP CZ2 HZ2  sing N N 293 
TRP CZ3 CH2  sing Y N 294 
TRP CZ3 HZ3  sing N N 295 
TRP CH2 HH2  sing N N 296 
TRP OXT HXT  sing N N 297 
TYR N   CA   sing N N 298 
TYR N   H    sing N N 299 
TYR N   H2   sing N N 300 
TYR CA  C    sing N N 301 
TYR CA  CB   sing N N 302 
TYR CA  HA   sing N N 303 
TYR C   O    doub N N 304 
TYR C   OXT  sing N N 305 
TYR CB  CG   sing N N 306 
TYR CB  HB2  sing N N 307 
TYR CB  HB3  sing N N 308 
TYR CG  CD1  doub Y N 309 
TYR CG  CD2  sing Y N 310 
TYR CD1 CE1  sing Y N 311 
TYR CD1 HD1  sing N N 312 
TYR CD2 CE2  doub Y N 313 
TYR CD2 HD2  sing N N 314 
TYR CE1 CZ   doub Y N 315 
TYR CE1 HE1  sing N N 316 
TYR CE2 CZ   sing Y N 317 
TYR CE2 HE2  sing N N 318 
TYR CZ  OH   sing N N 319 
TYR OH  HH   sing N N 320 
TYR OXT HXT  sing N N 321 
VAL N   CA   sing N N 322 
VAL N   H    sing N N 323 
VAL N   H2   sing N N 324 
VAL CA  C    sing N N 325 
VAL CA  CB   sing N N 326 
VAL CA  HA   sing N N 327 
VAL C   O    doub N N 328 
VAL C   OXT  sing N N 329 
VAL CB  CG1  sing N N 330 
VAL CB  CG2  sing N N 331 
VAL CB  HB   sing N N 332 
VAL CG1 HG11 sing N N 333 
VAL CG1 HG12 sing N N 334 
VAL CG1 HG13 sing N N 335 
VAL CG2 HG21 sing N N 336 
VAL CG2 HG22 sing N N 337 
VAL CG2 HG23 sing N N 338 
VAL OXT HXT  sing N N 339 
# 
_atom_sites.entry_id                    1F94 
_atom_sites.fract_transf_matrix[1][1]   -0.01227501 
_atom_sites.fract_transf_matrix[1][2]   -0.00037348 
_atom_sites.fract_transf_matrix[1][3]   -0.00484517 
_atom_sites.fract_transf_matrix[2][1]   -0.01531822 
_atom_sites.fract_transf_matrix[2][2]   -0.01247213 
_atom_sites.fract_transf_matrix[2][3]   0.03976936 
_atom_sites.fract_transf_matrix[3][1]   -0.00908698 
_atom_sites.fract_transf_matrix[3][2]   0.02927013 
_atom_sites.fract_transf_matrix[3][3]   0.00567936 
_atom_sites.fract_transf_vector[1]      0.127617 
_atom_sites.fract_transf_vector[2]      0.747868 
_atom_sites.fract_transf_vector[3]      0.233920 
# 
loop_
_atom_type.symbol 
C 
H 
N 
O 
S 
# 
loop_
_atom_site.group_PDB 
_atom_site.id 
_atom_site.type_symbol 
_atom_site.label_atom_id 
_atom_site.label_alt_id 
_atom_site.label_comp_id 
_atom_site.label_asym_id 
_atom_site.label_entity_id 
_atom_site.label_seq_id 
_atom_site.pdbx_PDB_ins_code 
_atom_site.Cartn_x 
_atom_site.Cartn_y 
_atom_site.Cartn_z 
_atom_site.occupancy 
_atom_site.B_iso_or_equiv 
_atom_site.pdbx_formal_charge 
_atom_site.auth_seq_id 
_atom_site.auth_comp_id 
_atom_site.auth_asym_id 
_atom_site.auth_atom_id 
_atom_site.pdbx_PDB_model_num 
ATOM   1    N N    . MET A 1 1  ? 11.583  8.310   -2.506  1.00 25.14 ? 1   MET A N    1 
ATOM   2    C CA   . MET A 1 1  ? 10.679  7.285   -3.058  1.00 22.19 ? 1   MET A CA   1 
ATOM   3    C C    . MET A 1 1  ? 9.224   7.762   -2.883  1.00 20.04 ? 1   MET A C    1 
ATOM   4    O O    . MET A 1 1  ? 8.939   8.463   -1.915  1.00 20.64 ? 1   MET A O    1 
ATOM   5    C CB   . MET A 1 1  ? 10.917  6.006   -2.250  1.00 25.60 ? 1   MET A CB   1 
ATOM   6    C CG   . MET A 1 1  ? 10.172  4.805   -2.718  1.00 28.65 ? 1   MET A CG   1 
ATOM   7    S SD   . MET A 1 1  ? 10.616  3.262   -1.959  1.00 27.02 ? 1   MET A SD   1 
ATOM   8    C CE   . MET A 1 1  ? 9.308   3.070   -0.779  1.00 35.38 ? 1   MET A CE   1 
ATOM   9    N N    . GLU A 1 2  ? 8.382   7.305   -3.801  1.00 19.42 ? 2   GLU A N    1 
ATOM   10   C CA   . GLU A 1 2  ? 6.959   7.511   -3.735  1.00 19.29 ? 2   GLU A CA   1 
ATOM   11   C C    . GLU A 1 2  ? 6.280   6.162   -3.769  1.00 17.67 ? 2   GLU A C    1 
ATOM   12   O O    . GLU A 1 2  ? 6.806   5.185   -4.261  1.00 18.54 ? 2   GLU A O    1 
ATOM   13   C CB   . GLU A 1 2  ? 6.443   8.338   -4.934  1.00 21.68 ? 2   GLU A CB   1 
ATOM   14   C CG   . GLU A 1 2  ? 6.974   9.786   -4.968  1.00 23.25 ? 2   GLU A CG   1 
ATOM   15   C CD   . GLU A 1 2  ? 6.502   10.510  -6.255  1.00 30.98 ? 2   GLU A CD   1 
ATOM   16   O OE1  . GLU A 1 2  ? 6.345   9.853   -7.334  1.00 33.96 ? 2   GLU A OE1  1 
ATOM   17   O OE2  . GLU A 1 2  ? 6.255   11.713  -6.198  1.00 48.39 ? 2   GLU A OE2  1 
ATOM   18   N N    . CYS A 1 3  ? 5.042   6.128   -3.263  1.00 17.65 ? 3   CYS A N    1 
ATOM   19   C CA   . CYS A 1 3  ? 4.154   5.017   -3.391  1.00 17.16 ? 3   CYS A CA   1 
ATOM   20   C C    . CYS A 1 3  ? 2.810   5.510   -3.924  1.00 16.99 ? 3   CYS A C    1 
ATOM   21   O O    . CYS A 1 3  ? 2.504   6.692   -3.865  1.00 17.71 ? 3   CYS A O    1 
ATOM   22   C CB   . CYS A 1 3  ? 3.879   4.353   -2.011  1.00 17.05 ? 3   CYS A CB   1 
ATOM   23   S SG   . CYS A 1 3  ? 5.361   3.719   -1.209  1.00 17.61 ? 3   CYS A SG   1 
ATOM   24   H H    . CYS A 1 3  ? 4.764   6.820   -2.834  1.00 21.18 ? 3   CYS A H    1 
ATOM   25   H HA   . CYS A 1 3  ? 4.535   4.357   -4.008  1.00 20.59 ? 3   CYS A HA   1 
ATOM   26   H HB2  . CYS A 1 3  ? 3.461   5.004   -1.428  1.00 20.46 ? 3   CYS A HB2  1 
ATOM   27   H HB3  . CYS A 1 3  ? 3.253   3.622   -2.134  1.00 20.46 ? 3   CYS A HB3  1 
ATOM   28   N N    . TYR A 1 4  ? 2.017   4.580   -4.431  1.00 16.54 ? 4   TYR A N    1 
ATOM   29   C CA   . TYR A 1 4  ? 0.622   4.889   -4.751  1.00 16.84 ? 4   TYR A CA   1 
ATOM   30   C C    . TYR A 1 4  ? -0.203  4.955   -3.490  1.00 16.22 ? 4   TYR A C    1 
ATOM   31   O O    . TYR A 1 4  ? 0.083   4.317   -2.463  1.00 16.33 ? 4   TYR A O    1 
ATOM   32   C CB   . TYR A 1 4  ? 0.030   3.864   -5.735  1.00 17.52 ? 4   TYR A CB   1 
ATOM   33   C CG   . TYR A 1 4  ? 0.644   3.952   -7.087  1.00 18.16 ? 4   TYR A CG   1 
ATOM   34   C CD1  . TYR A 1 4  ? 1.459   2.945   -7.624  1.00 18.18 ? 4   TYR A CD1  1 
ATOM   35   C CD2  . TYR A 1 4  ? 0.427   5.093   -7.893  1.00 18.58 ? 4   TYR A CD2  1 
ATOM   36   C CE1  . TYR A 1 4  ? 1.994   3.080   -8.885  1.00 19.62 ? 4   TYR A CE1  1 
ATOM   37   C CE2  . TYR A 1 4  ? 0.945   5.242   -9.137  1.00 20.35 ? 4   TYR A CE2  1 
ATOM   38   C CZ   . TYR A 1 4  ? 1.760   4.215   -9.646  1.00 19.37 ? 4   TYR A CZ   1 
ATOM   39   O OH   . TYR A 1 4  ? 2.305   4.332   -10.880 1.00 22.25 ? 4   TYR A OH   1 
ATOM   40   H H    . TYR A 1 4  ? 2.323   3.789   -4.573  1.00 19.85 ? 4   TYR A H    1 
ATOM   41   H HA   . TYR A 1 4  ? 0.596   5.771   -5.178  1.00 20.21 ? 4   TYR A HA   1 
ATOM   42   H HB2  . TYR A 1 4  ? 0.165   2.971   -5.382  1.00 21.03 ? 4   TYR A HB2  1 
ATOM   43   H HB3  . TYR A 1 4  ? -0.926  4.012   -5.810  1.00 21.03 ? 4   TYR A HB3  1 
ATOM   44   H HD1  . TYR A 1 4  ? 1.637   2.181   -7.126  1.00 21.82 ? 4   TYR A HD1  1 
ATOM   45   H HD2  . TYR A 1 4  ? -0.102  5.779   -7.551  1.00 22.30 ? 4   TYR A HD2  1 
ATOM   46   H HE1  . TYR A 1 4  ? 2.523   2.398   -9.233  1.00 23.54 ? 4   TYR A HE1  1 
ATOM   47   H HE2  . TYR A 1 4  ? 0.766   6.003   -9.639  1.00 24.43 ? 4   TYR A HE2  1 
ATOM   48   H HH   . TYR A 1 4  ? 2.082   5.048   -11.210 1.00 33.38 ? 4   TYR A HH   1 
ATOM   49   N N    . ARG A 1 5  ? -1.291  5.733   -3.575  1.00 16.83 ? 5   ARG A N    1 
ATOM   50   C CA   . ARG A 1 5  ? -2.312  5.806   -2.562  1.00 16.97 ? 5   ARG A CA   1 
ATOM   51   C C    . ARG A 1 5  ? -3.667  5.959   -3.268  1.00 16.77 ? 5   ARG A C    1 
ATOM   52   O O    . ARG A 1 5  ? -3.731  6.299   -4.460  1.00 17.42 ? 5   ARG A O    1 
ATOM   53   C CB   . ARG A 1 5  ? -2.088  6.853   -1.492  1.00 19.09 ? 5   ARG A CB   1 
ATOM   54   C CG   . ARG A 1 5  ? -2.283  8.252   -1.929  1.00 21.60 ? 5   ARG A CG   1 
ATOM   55   C CD   . ARG A 1 5  ? -2.186  9.295   -0.826  1.00 23.31 ? 5   ARG A CD   1 
ATOM   56   N NE   . ARG A 1 5  ? -2.703  10.570  -1.320  1.00 27.09 ? 5   ARG A NE   1 
ATOM   57   C CZ   . ARG A 1 5  ? -3.989  10.963  -1.329  1.00 26.75 ? 5   ARG A CZ   1 
ATOM   58   N NH1  . ARG A 1 5  ? -4.995  10.245  -0.850  1.00 29.57 ? 5   ARG A NH1  1 
ATOM   59   N NH2  . ARG A 1 5  ? -4.240  12.160  -1.830  1.00 31.91 ? 5   ARG A NH2  1 
ATOM   60   H H    . ARG A 1 5  ? -1.385  6.218   -4.279  1.00 20.20 ? 5   ARG A H    1 
ATOM   61   H HA   . ARG A 1 5  ? -2.326  4.937   -2.110  1.00 20.37 ? 5   ARG A HA   1 
ATOM   62   H HB2  . ARG A 1 5  ? -2.693  6.674   -0.755  1.00 22.91 ? 5   ARG A HB2  1 
ATOM   63   H HB3  . ARG A 1 5  ? -1.183  6.759   -1.156  1.00 22.91 ? 5   ARG A HB3  1 
ATOM   64   H HG2  . ARG A 1 5  ? -1.619  8.458   -2.606  1.00 25.92 ? 5   ARG A HG2  1 
ATOM   65   H HG3  . ARG A 1 5  ? -3.156  8.325   -2.345  1.00 25.92 ? 5   ARG A HG3  1 
ATOM   66   H HD2  . ARG A 1 5  ? -2.701  9.008   -0.056  1.00 27.97 ? 5   ARG A HD2  1 
ATOM   67   H HD3  . ARG A 1 5  ? -1.262  9.399   -0.552  1.00 27.97 ? 5   ARG A HD3  1 
ATOM   68   H HE   . ARG A 1 5  ? -2.127  11.125  -1.637  1.00 32.51 ? 5   ARG A HE   1 
ATOM   69   H HH11 . ARG A 1 5  ? -5.795  10.559  -0.871  1.00 35.48 ? 5   ARG A HH11 1 
ATOM   70   H HH12 . ARG A 1 5  ? -4.848  9.464   -0.521  1.00 35.48 ? 5   ARG A HH12 1 
ATOM   71   H HH21 . ARG A 1 5  ? -5.046  12.461  -1.843  1.00 38.29 ? 5   ARG A HH21 1 
ATOM   72   H HH22 . ARG A 1 5  ? -3.598  12.638  -2.144  1.00 38.29 ? 5   ARG A HH22 1 
ATOM   73   N N    . CYS A 1 6  ? -4.726  5.737   -2.511  1.00 17.14 ? 6   CYS A N    1 
ATOM   74   C CA   . CYS A 1 6  ? -6.071  5.768   -3.037  1.00 17.68 ? 6   CYS A CA   1 
ATOM   75   C C    . CYS A 1 6  ? -6.890  6.952   -2.505  1.00 17.79 ? 6   CYS A C    1 
ATOM   76   O O    . CYS A 1 6  ? -6.842  7.327   -1.353  1.00 19.33 ? 6   CYS A O    1 
ATOM   77   C CB   . CYS A 1 6  ? -6.815  4.461   -2.691  1.00 18.56 ? 6   CYS A CB   1 
ATOM   78   S SG   . CYS A 1 6  ? -5.989  2.950   -3.219  1.00 19.99 ? 6   CYS A SG   1 
ATOM   79   H H    . CYS A 1 6  ? -4.610  5.566   -1.676  1.00 20.56 ? 6   CYS A H    1 
ATOM   80   H HA   . CYS A 1 6  ? -6.019  5.844   -4.013  1.00 21.21 ? 6   CYS A HA   1 
ATOM   81   H HB2  . CYS A 1 6  ? -6.940  4.423   -1.729  1.00 22.27 ? 6   CYS A HB2  1 
ATOM   82   H HB3  . CYS A 1 6  ? -7.695  4.489   -3.099  1.00 22.27 ? 6   CYS A HB3  1 
ATOM   83   N N    . GLY A 1 7  ? -7.709  7.473   -3.402  1.00 17.84 ? 7   GLY A N    1 
ATOM   84   C CA   . GLY A 1 7  ? -8.710  8.471   -3.063  1.00 18.21 ? 7   GLY A CA   1 
ATOM   85   C C    . GLY A 1 7  ? -9.957  8.195   -3.895  1.00 17.36 ? 7   GLY A C    1 
ATOM   86   O O    . GLY A 1 7  ? -10.080 7.196   -4.587  1.00 18.23 ? 7   GLY A O    1 
ATOM   87   H H    . GLY A 1 7  ? -7.646  7.213   -4.219  1.00 21.40 ? 7   GLY A H    1 
ATOM   88   H HA2  . GLY A 1 7  ? -8.922  8.420   -2.118  1.00 21.85 ? 7   GLY A HA2  1 
ATOM   89   H HA3  . GLY A 1 7  ? -8.372  9.359   -3.254  1.00 21.85 ? 7   GLY A HA3  1 
ATOM   90   N N    . VAL A 1 8  ? -10.893 9.127   -3.870  1.00 18.49 ? 8   VAL A N    1 
ATOM   91   C CA   . VAL A 1 8  ? -12.154 8.967   -4.642  1.00 18.66 ? 8   VAL A CA   1 
ATOM   92   C C    . VAL A 1 8  ? -11.897 8.756   -6.084  1.00 18.45 ? 8   VAL A C    1 
ATOM   93   O O    . VAL A 1 8  ? -12.691 8.128   -6.760  1.00 19.63 ? 8   VAL A O    1 
ATOM   94   C CB   . VAL A 1 8  ? -13.081 10.212  -4.387  1.00 20.63 ? 8   VAL A CB   1 
ATOM   95   C CG1  . VAL A 1 8  ? -12.547 11.442  -5.031  1.00 20.16 ? 8   VAL A CG1  1 
ATOM   96   C CG2  . VAL A 1 8  ? -14.452 9.836   -4.850  1.00 22.20 ? 8   VAL A CG2  1 
ATOM   97   H H    . VAL A 1 8  ? -10.771 9.837   -3.401  1.00 22.19 ? 8   VAL A H    1 
ATOM   98   H HA   . VAL A 1 8  ? -12.617 8.175   -4.300  1.00 22.39 ? 8   VAL A HA   1 
ATOM   99   H HB   . VAL A 1 8  ? -13.119 10.368  -3.421  1.00 24.75 ? 8   VAL A HB   1 
ATOM   100  H HG11 . VAL A 1 8  ? -11.656 11.607  -4.713  1.00 30.25 ? 8   VAL A HG11 1 
ATOM   101  H HG12 . VAL A 1 8  ? -13.110 12.188  -4.811  1.00 30.25 ? 8   VAL A HG12 1 
ATOM   102  H HG13 . VAL A 1 8  ? -12.530 11.323  -5.983  1.00 30.25 ? 8   VAL A HG13 1 
ATOM   103  H HG21 . VAL A 1 8  ? -14.742 9.049   -4.384  1.00 33.30 ? 8   VAL A HG21 1 
ATOM   104  H HG22 . VAL A 1 8  ? -14.435 9.663   -5.793  1.00 33.30 ? 8   VAL A HG22 1 
ATOM   105  H HG23 . VAL A 1 8  ? -15.059 10.557  -4.668  1.00 33.30 ? 8   VAL A HG23 1 
ATOM   106  N N    . SER A 1 9  ? -10.781 9.295   -6.617  1.00 17.58 ? 9   SER A N    1 
ATOM   107  C CA   . SER A 1 9  ? -10.480 9.219   -8.046  1.00 18.17 ? 9   SER A CA   1 
ATOM   108  C C    . SER A 1 9  ? -9.764  7.944   -8.439  1.00 17.77 ? 9   SER A C    1 
ATOM   109  O O    . SER A 1 9  ? -9.564  7.726   -9.641  1.00 19.46 ? 9   SER A O    1 
ATOM   110  C CB   . SER A 1 9  ? -9.702  10.424  -8.515  1.00 18.01 ? 9   SER A CB   1 
ATOM   111  O OG   . SER A 1 9  ? -8.379  10.378  -7.963  1.00 18.51 ? 9   SER A OG   1 
ATOM   112  H H    . SER A 1 9  ? -10.227 9.697   -6.098  1.00 21.10 ? 9   SER A H    1 
ATOM   113  H HA   . SER A 1 9  ? -11.336 9.227   -8.520  1.00 21.81 ? 9   SER A HA   1 
ATOM   114  H HB2  . SER A 1 9  ? -9.654  10.426  -9.484  1.00 21.61 ? 9   SER A HB2  1 
ATOM   115  H HB3  . SER A 1 9  ? -10.149 11.236  -8.230  1.00 21.61 ? 9   SER A HB3  1 
ATOM   116  H HG   . SER A 1 9  ? -8.424  10.406  -7.144  1.00 27.76 ? 9   SER A HG   1 
ATOM   117  N N    . GLY A 1 10 ? -9.405  7.097   -7.461  1.00 17.67 ? 10  GLY A N    1 
ATOM   118  C CA   . GLY A 1 10 ? -8.701  5.844   -7.757  1.00 18.49 ? 10  GLY A CA   1 
ATOM   119  C C    . GLY A 1 10 ? -7.433  5.729   -6.986  1.00 17.38 ? 10  GLY A C    1 
ATOM   120  O O    . GLY A 1 10 ? -7.141  6.529   -6.076  1.00 17.84 ? 10  GLY A O    1 
ATOM   121  H H    . GLY A 1 10 ? -9.592  7.292   -6.644  1.00 21.20 ? 10  GLY A H    1 
ATOM   122  H HA2  . GLY A 1 10 ? -9.276  5.095   -7.540  1.00 22.18 ? 10  GLY A HA2  1 
ATOM   123  H HA3  . GLY A 1 10 ? -8.503  5.806   -8.705  1.00 22.18 ? 10  GLY A HA3  1 
ATOM   124  N N    . CYS A 1 11 ? -6.615  4.756   -7.374  1.00 17.88 ? 11  CYS A N    1 
ATOM   125  C CA   . CYS A 1 11 ? -5.407  4.367   -6.640  1.00 17.56 ? 11  CYS A CA   1 
ATOM   126  C C    . CYS A 1 11 ? -4.115  4.690   -7.412  1.00 17.32 ? 11  CYS A C    1 
ATOM   127  O O    . CYS A 1 11 ? -3.082  4.122   -7.184  1.00 18.68 ? 11  CYS A O    1 
ATOM   128  C CB   . CYS A 1 11 ? -5.450  2.911   -6.232  1.00 18.91 ? 11  CYS A CB   1 
ATOM   129  S SG   . CYS A 1 11 ? -6.748  2.497   -5.077  1.00 20.25 ? 11  CYS A SG   1 
ATOM   130  H H    . CYS A 1 11 ? -6.804  4.330   -8.095  1.00 21.46 ? 11  CYS A H    1 
ATOM   131  H HA   . CYS A 1 11 ? -5.389  4.896   -5.816  1.00 21.07 ? 11  CYS A HA   1 
ATOM   132  H HB2  . CYS A 1 11 ? -5.562  2.370   -7.029  1.00 22.70 ? 11  CYS A HB2  1 
ATOM   133  H HB3  . CYS A 1 11 ? -4.597  2.677   -5.835  1.00 22.70 ? 11  CYS A HB3  1 
ATOM   134  N N    . HIS A 1 12 ? -4.219  5.696   -8.278  1.00 17.78 ? 12  HIS A N    1 
ATOM   135  C CA   . HIS A 1 12 ? -3.094  6.170   -9.072  1.00 17.70 ? 12  HIS A CA   1 
ATOM   136  C C    . HIS A 1 12 ? -2.439  7.415   -8.463  1.00 17.59 ? 12  HIS A C    1 
ATOM   137  O O    . HIS A 1 12 ? -1.539  7.982   -9.076  1.00 18.68 ? 12  HIS A O    1 
ATOM   138  C CB   . HIS A 1 12 ? -3.535  6.548   -10.484 1.00 18.53 ? 12  HIS A CB   1 
ATOM   139  C CG   . HIS A 1 12 ? -4.553  7.665   -10.453 1.00 18.45 ? 12  HIS A CG   1 
ATOM   140  N ND1  . HIS A 1 12 ? -5.894  7.432   -10.279 1.00 19.79 ? 12  HIS A ND1  1 
ATOM   141  C CD2  . HIS A 1 12 ? -4.383  8.998   -10.537 1.00 19.06 ? 12  HIS A CD2  1 
ATOM   142  C CE1  . HIS A 1 12 ? -6.498  8.582   -10.279 1.00 20.38 ? 12  HIS A CE1  1 
ATOM   143  N NE2  . HIS A 1 12 ? -5.601  9.593   -10.428 1.00 19.40 ? 12  HIS A NE2  1 
ATOM   144  H H    . HIS A 1 12 ? -4.983  6.081   -8.372  1.00 21.33 ? 12  HIS A H    1 
ATOM   145  H HA   . HIS A 1 12 ? -2.425  5.456   -9.130  1.00 21.24 ? 12  HIS A HA   1 
ATOM   146  H HB2  . HIS A 1 12 ? -2.763  6.828   -10.998 1.00 22.23 ? 12  HIS A HB2  1 
ATOM   147  H HB3  . HIS A 1 12 ? -3.921  5.772   -10.920 1.00 22.23 ? 12  HIS A HB3  1 
ATOM   148  H HD1  . HIS A 1 12 ? -6.268  6.663   -10.186 1.00 23.74 ? 12  HIS A HD1  1 
ATOM   149  H HD2  . HIS A 1 12 ? -3.572  9.436   -10.650 1.00 22.87 ? 12  HIS A HD2  1 
ATOM   150  H HE1  . HIS A 1 12 ? -7.416  8.697   -10.189 1.00 24.45 ? 12  HIS A HE1  1 
ATOM   151  N N    . LEU A 1 13 ? -2.899  7.852   -7.279  1.00 17.49 ? 13  LEU A N    1 
ATOM   152  C CA   . LEU A 1 13 ? -2.329  9.001   -6.642  1.00 17.10 ? 13  LEU A CA   1 
ATOM   153  C C    . LEU A 1 13 ? -0.919  8.674   -6.140  1.00 17.97 ? 13  LEU A C    1 
ATOM   154  O O    . LEU A 1 13 ? -0.711  7.546   -5.704  1.00 19.81 ? 13  LEU A O    1 
ATOM   155  C CB   . LEU A 1 13 ? -3.205  9.456   -5.464  1.00 18.02 ? 13  LEU A CB   1 
ATOM   156  C CG   . LEU A 1 13 ? -4.659  9.674   -5.801  1.00 19.14 ? 13  LEU A CG   1 
ATOM   157  C CD1  . LEU A 1 13 ? -5.434  10.095  -4.566  1.00 21.30 ? 13  LEU A CD1  1 
ATOM   158  C CD2  . LEU A 1 13 ? -4.858  10.707  -6.897  1.00 22.68 ? 13  LEU A CD2  1 
ATOM   159  H H    . LEU A 1 13 ? -3.546  7.434   -6.896  1.00 20.99 ? 13  LEU A H    1 
ATOM   160  H HA   . LEU A 1 13 ? -2.272  9.729   -7.296  1.00 20.52 ? 13  LEU A HA   1 
ATOM   161  H HB2  . LEU A 1 13 ? -3.149  8.790   -4.761  1.00 21.62 ? 13  LEU A HB2  1 
ATOM   162  H HB3  . LEU A 1 13 ? -2.843  10.284  -5.112  1.00 21.62 ? 13  LEU A HB3  1 
ATOM   163  H HG   . LEU A 1 13 ? -5.028  8.822   -6.115  1.00 22.97 ? 13  LEU A HG   1 
ATOM   164  H HD11 . LEU A 1 13 ? -5.316  9.439   -3.875  1.00 31.94 ? 13  LEU A HD11 1 
ATOM   165  H HD12 . LEU A 1 13 ? -6.366  10.168  -4.782  1.00 31.94 ? 13  LEU A HD12 1 
ATOM   166  H HD13 . LEU A 1 13 ? -5.109  10.945  -4.259  1.00 31.94 ? 13  LEU A HD13 1 
ATOM   167  H HD21 . LEU A 1 13 ? -5.794  10.787  -7.096  1.00 34.02 ? 13  LEU A HD21 1 
ATOM   168  H HD22 . LEU A 1 13 ? -4.385  10.432  -7.686  1.00 34.02 ? 13  LEU A HD22 1 
ATOM   169  H HD23 . LEU A 1 13 ? -4.521  11.556  -6.601  1.00 34.02 ? 13  LEU A HD23 1 
ATOM   170  N N    . LYS A 1 14 ? -0.032  9.632   -6.138  1.00 18.77 ? 14  LYS A N    1 
ATOM   171  C CA   . LYS A 1 14 ? 1.335   9.440   -5.692  1.00 19.71 ? 14  LYS A CA   1 
ATOM   172  C C    . LYS A 1 14 ? 1.570   10.178  -4.398  1.00 19.90 ? 14  LYS A C    1 
ATOM   173  O O    . LYS A 1 14 ? 1.107   11.289  -4.203  1.00 22.89 ? 14  LYS A O    1 
ATOM   174  C CB   . LYS A 1 14 ? 2.330   9.959   -6.737  1.00 22.52 ? 14  LYS A CB   1 
ATOM   175  C CG   . LYS A 1 14 ? 2.191   9.235   -8.092  1.00 27.21 ? 14  LYS A CG   1 
ATOM   176  C CD   . LYS A 1 14 ? 3.152   9.888   -9.116  1.00 32.89 ? 14  LYS A CD   1 
ATOM   177  C CE   . LYS A 1 14 ? 2.769   9.608   -10.530 1.00 36.21 ? 14  LYS A CE   1 
ATOM   178  N NZ   . LYS A 1 14 ? 1.751   10.479  -11.201 1.00 30.34 ? 14  LYS A NZ   1 
ATOM   179  H H    . LYS A 1 14 ? -0.269  10.410  -6.414  1.00 22.52 ? 14  LYS A H    1 
ATOM   180  H HA   . LYS A 1 14 ? 1.493   8.484   -5.548  1.00 23.65 ? 14  LYS A HA   1 
ATOM   181  H HB2  . LYS A 1 14 ? 2.186   10.910  -6.868  1.00 27.03 ? 14  LYS A HB2  1 
ATOM   182  H HB3  . LYS A 1 14 ? 3.233   9.839   -6.404  1.00 27.03 ? 14  LYS A HB3  1 
ATOM   183  H HG2  . LYS A 1 14 ? 2.410   8.296   -7.987  1.00 32.65 ? 14  LYS A HG2  1 
ATOM   184  H HG3  . LYS A 1 14 ? 1.276   9.302   -8.409  1.00 32.65 ? 14  LYS A HG3  1 
ATOM   185  H HD2  . LYS A 1 14 ? 3.160   10.848  -8.975  1.00 39.47 ? 14  LYS A HD2  1 
ATOM   186  H HD3  . LYS A 1 14 ? 4.051   9.559   -8.961  1.00 39.47 ? 14  LYS A HD3  1 
ATOM   187  H HE2  . LYS A 1 14 ? 3.579   9.643   -11.064 1.00 43.45 ? 14  LYS A HE2  1 
ATOM   188  H HE3  . LYS A 1 14 ? 2.444   8.696   -10.569 1.00 43.45 ? 14  LYS A HE3  1 
ATOM   189  H HZ1  . LYS A 1 14 ? 1.625   10.199  -12.036 1.00 45.50 ? 14  LYS A HZ1  1 
ATOM   190  H HZ2  . LYS A 1 14 ? 2.040   11.321  -11.211 1.00 45.50 ? 14  LYS A HZ2  1 
ATOM   191  H HZ3  . LYS A 1 14 ? 0.982   10.434  -10.754 1.00 45.50 ? 14  LYS A HZ3  1 
ATOM   192  N N    . ILE A 1 15 ? 2.302   9.528   -3.459  1.00 19.42 ? 15  ILE A N    1 
ATOM   193  C CA   . ILE A 1 15 ? 2.654   10.152  -2.192  1.00 19.64 ? 15  ILE A CA   1 
ATOM   194  C C    . ILE A 1 15 ? 4.128   9.931   -1.888  1.00 20.09 ? 15  ILE A C    1 
ATOM   195  O O    . ILE A 1 15 ? 4.623   8.795   -2.042  1.00 19.55 ? 15  ILE A O    1 
ATOM   196  C CB   . ILE A 1 15 ? 1.739   9.650   -1.068  1.00 21.30 ? 15  ILE A CB   1 
ATOM   197  C CG1  . ILE A 1 15 ? 1.992   10.392  0.220   1.00 23.73 ? 15  ILE A CG1  1 
ATOM   198  C CG2  . ILE A 1 15 ? 1.818   8.161   -0.873  1.00 21.07 ? 15  ILE A CG2  1 
ATOM   199  C CD1  . ILE A 1 15 ? 0.809   10.441  1.151   1.00 28.35 ? 15  ILE A CD1  1 
ATOM   200  H H    . ILE A 1 15 ? 2.567   8.725   -3.616  1.00 23.31 ? 15  ILE A H    1 
ATOM   201  H HA   . ILE A 1 15 ? 2.510   11.117  -2.285  1.00 23.57 ? 15  ILE A HA   1 
ATOM   202  H HB   . ILE A 1 15 ? 0.819   9.853   -1.338  1.00 25.56 ? 15  ILE A HB   1 
ATOM   203  H HG12 . ILE A 1 15 ? 2.734   9.970   0.682   1.00 28.47 ? 15  ILE A HG12 1 
ATOM   204  H HG13 . ILE A 1 15 ? 2.259   11.301  0.008   1.00 28.47 ? 15  ILE A HG13 1 
ATOM   205  H HG21 . ILE A 1 15 ? 1.640   7.719   -1.706  1.00 31.60 ? 15  ILE A HG21 1 
ATOM   206  H HG22 . ILE A 1 15 ? 1.168   7.889   -0.221  1.00 31.60 ? 15  ILE A HG22 1 
ATOM   207  H HG23 . ILE A 1 15 ? 2.697   7.925   -0.566  1.00 31.60 ? 15  ILE A HG23 1 
ATOM   208  H HD11 . ILE A 1 15 ? 1.051   10.912  1.952   1.00 42.53 ? 15  ILE A HD11 1 
ATOM   209  H HD12 . ILE A 1 15 ? 0.540   9.547   1.374   1.00 42.53 ? 15  ILE A HD12 1 
ATOM   210  H HD13 . ILE A 1 15 ? 0.081   10.896  0.721   1.00 42.53 ? 15  ILE A HD13 1 
ATOM   211  N N    . THR A 1 16 ? 4.807   10.940  -1.459  1.00 19.53 ? 16  THR A N    1 
ATOM   212  C CA   . THR A 1 16 ? 6.212   10.861  -1.114  1.00 20.06 ? 16  THR A CA   1 
ATOM   213  C C    . THR A 1 16 ? 6.352   10.178  0.220   1.00 18.91 ? 16  THR A C    1 
ATOM   214  O O    . THR A 1 16 ? 5.663   10.519  1.204   1.00 19.94 ? 16  THR A O    1 
ATOM   215  C CB   . THR A 1 16 ? 6.839   12.249  -1.041  1.00 20.65 ? 16  THR A CB   1 
ATOM   216  O OG1  . THR A 1 16 ? 6.753   12.823  -2.351  1.00 25.53 ? 16  THR A OG1  1 
ATOM   217  C CG2  . THR A 1 16 ? 8.316   12.179  -0.686  1.00 21.76 ? 16  THR A CG2  1 
ATOM   218  H H    . THR A 1 16 ? 4.407   11.696  -1.373  1.00 23.43 ? 16  THR A H    1 
ATOM   219  H HA   . THR A 1 16 ? 6.680   10.335  -1.794  1.00 24.07 ? 16  THR A HA   1 
ATOM   220  H HB   . THR A 1 16 ? 6.359   12.806  -0.392  1.00 24.78 ? 16  THR A HB   1 
ATOM   221  H HG1  . THR A 1 16 ? 6.397   12.289  -2.860  1.00 38.30 ? 16  THR A HG1  1 
ATOM   222  H HG21 . THR A 1 16 ? 8.680   13.066  -0.653  1.00 32.65 ? 16  THR A HG21 1 
ATOM   223  H HG22 . THR A 1 16 ? 8.781   11.667  -1.352  1.00 32.65 ? 16  THR A HG22 1 
ATOM   224  H HG23 . THR A 1 16 ? 8.419   11.758  0.169   1.00 32.65 ? 16  THR A HG23 1 
ATOM   225  N N    . CYS A 1 17 ? 7.280   9.239   0.309   1.00 18.93 ? 17  CYS A N    1 
ATOM   226  C CA   . CYS A 1 17 ? 7.646   8.544   1.511   1.00 19.09 ? 17  CYS A CA   1 
ATOM   227  C C    . CYS A 1 17 ? 8.811   9.257   2.201   1.00 19.21 ? 17  CYS A C    1 
ATOM   228  O O    . CYS A 1 17 ? 9.715   9.798   1.579   1.00 21.13 ? 17  CYS A O    1 
ATOM   229  C CB   . CYS A 1 17 ? 8.134   7.120   1.173   1.00 19.77 ? 17  CYS A CB   1 
ATOM   230  S SG   . CYS A 1 17 ? 7.063   6.107   0.152   1.00 19.64 ? 17  CYS A SG   1 
ATOM   231  H H    . CYS A 1 17 ? 7.699   9.027   -0.413  1.00 22.71 ? 17  CYS A H    1 
ATOM   232  H HA   . CYS A 1 17 ? 6.877   8.498   2.117   1.00 22.91 ? 17  CYS A HA   1 
ATOM   233  H HB2  . CYS A 1 17 ? 8.991   7.196   0.726   1.00 23.73 ? 17  CYS A HB2  1 
ATOM   234  H HB3  . CYS A 1 17 ? 8.285   6.649   2.007   1.00 23.73 ? 17  CYS A HB3  1 
ATOM   235  N N    . SER A 1 18 ? 8.746   9.230   3.525   1.00 19.37 ? 18  SER A N    1 
ATOM   236  C CA   . SER A 1 18 ? 9.951   9.677   4.252   1.00 21.24 ? 18  SER A CA   1 
ATOM   237  C C    . SER A 1 18 ? 11.070  8.661   4.055   1.00 20.48 ? 18  SER A C    1 
ATOM   238  O O    . SER A 1 18 ? 10.854  7.509   3.691   1.00 20.90 ? 18  SER A O    1 
ATOM   239  C CB   . SER A 1 18 ? 9.672   9.784   5.720   1.00 22.06 ? 18  SER A CB   1 
ATOM   240  O OG   . SER A 1 18 ? 9.367   8.535   6.242   1.00 25.52 ? 18  SER A OG   1 
ATOM   241  H H    . SER A 1 18 ? 8.040   8.968   3.939   1.00 23.24 ? 18  SER A H    1 
ATOM   242  H HA   . SER A 1 18 ? 10.238  10.549  3.908   1.00 25.49 ? 18  SER A HA   1 
ATOM   243  H HB2  . SER A 1 18 ? 10.450  10.146  6.174   1.00 26.47 ? 18  SER A HB2  1 
ATOM   244  H HB3  . SER A 1 18 ? 8.928   10.390  5.867   1.00 26.47 ? 18  SER A HB3  1 
ATOM   245  H HG   . SER A 1 18 ? 9.214   8.603   7.044   1.00 38.28 ? 18  SER A HG   1 
ATOM   246  N N    . ALA A 1 19 ? 12.311  9.080   4.350   1.00 22.92 ? 19  ALA A N    1 
ATOM   247  C CA   . ALA A 1 19 ? 13.407  8.119   4.280   1.00 24.43 ? 19  ALA A CA   1 
ATOM   248  C C    . ALA A 1 19 ? 13.181  6.894   5.164   1.00 24.51 ? 19  ALA A C    1 
ATOM   249  O O    . ALA A 1 19 ? 13.614  5.774   4.840   1.00 28.35 ? 19  ALA A O    1 
ATOM   250  C CB   . ALA A 1 19 ? 14.727  8.810   4.655   1.00 32.10 ? 19  ALA A CB   1 
ATOM   251  H H    . ALA A 1 19 ? 12.456  9.897   4.575   1.00 27.50 ? 19  ALA A H    1 
ATOM   252  H HA   . ALA A 1 19 ? 13.480  7.813   3.353   1.00 29.32 ? 19  ALA A HA   1 
ATOM   253  H HB1  . ALA A 1 19 ? 14.864  9.571   4.085   1.00 48.15 ? 19  ALA A HB1  1 
ATOM   254  H HB2  . ALA A 1 19 ? 15.455  8.192   4.543   1.00 48.15 ? 19  ALA A HB2  1 
ATOM   255  H HB3  . ALA A 1 19 ? 14.690  9.098   5.569   1.00 48.15 ? 19  ALA A HB3  1 
ATOM   256  N N    . GLU A 1 20 ? 12.514  7.054   6.311   1.00 23.72 ? 20  GLU A N    1 
ATOM   257  C CA   . GLU A 1 20 ? 12.267  5.892   7.177   1.00 25.42 ? 20  GLU A CA   1 
ATOM   258  C C    . GLU A 1 20 ? 11.139  5.010   6.676   1.00 22.57 ? 20  GLU A C    1 
ATOM   259  O O    . GLU A 1 20 ? 10.995  3.827   7.074   1.00 26.34 ? 20  GLU A O    1 
ATOM   260  C CB   . GLU A 1 20 ? 11.946  6.392   8.585   1.00 29.66 ? 20  GLU A CB   1 
ATOM   261  N N    . GLU A 1 21 ? 10.297  5.533   5.802   1.00 20.72 ? 21  GLU A N    1 
ATOM   262  C CA   . GLU A 1 21 ? 9.187   4.736   5.216   1.00 20.65 ? 21  GLU A CA   1 
ATOM   263  C C    . GLU A 1 21 ? 9.742   3.995   4.004   1.00 23.03 ? 21  GLU A C    1 
ATOM   264  O O    . GLU A 1 21 ? 9.660   4.468   2.854   1.00 23.89 ? 21  GLU A O    1 
ATOM   265  C CB   . GLU A 1 21 ? 8.027   5.631   4.823   1.00 19.65 ? 21  GLU A CB   1 
ATOM   266  C CG   . GLU A 1 21 ? 7.237   6.183   5.995   1.00 20.84 ? 21  GLU A CG   1 
ATOM   267  C CD   . GLU A 1 21 ? 6.242   7.271   5.618   1.00 20.72 ? 21  GLU A CD   1 
ATOM   268  O OE1  . GLU A 1 21 ? 6.361   7.876   4.547   1.00 19.85 ? 21  GLU A OE1  1 
ATOM   269  O OE2  . GLU A 1 21 ? 5.307   7.476   6.433   1.00 25.30 ? 21  GLU A OE2  1 
ATOM   270  N N    . THR A 1 22 ? 10.361  2.846   4.250   1.00 25.38 ? 22  THR A N    1 
ATOM   271  C CA   . THR A 1 22 ? 11.035  2.207   3.106   1.00 24.11 ? 22  THR A CA   1 
ATOM   272  C C    . THR A 1 22 ? 10.070  1.210   2.418   1.00 21.68 ? 22  THR A C    1 
ATOM   273  O O    . THR A 1 22 ? 10.499  0.660   1.432   1.00 21.30 ? 22  THR A O    1 
ATOM   274  C CB   . THR A 1 22 ? 12.273  1.467   3.564   1.00 24.79 ? 22  THR A CB   1 
ATOM   275  O OG1  . THR A 1 22 ? 11.768  0.559   4.613   1.00 27.21 ? 22  THR A OG1  1 
ATOM   276  C CG2  . THR A 1 22 ? 13.289  2.420   4.162   1.00 31.54 ? 22  THR A CG2  1 
ATOM   277  H H    . THR A 1 22 ? 10.367  2.494   5.035   1.00 30.46 ? 22  THR A H    1 
ATOM   278  H HA   . THR A 1 22 ? 11.295  2.897   2.461   1.00 28.93 ? 22  THR A HA   1 
ATOM   279  H HB   . THR A 1 22 ? 12.667  0.960   2.825   1.00 29.75 ? 22  THR A HB   1 
ATOM   280  H HG1  . THR A 1 22 ? 12.392  0.125   4.923   1.00 40.82 ? 22  THR A HG1  1 
ATOM   281  H HG21 . THR A 1 22 ? 14.063  1.926   4.442   1.00 47.31 ? 22  THR A HG21 1 
ATOM   282  H HG22 . THR A 1 22 ? 12.902  2.865   4.920   1.00 47.31 ? 22  THR A HG22 1 
ATOM   283  H HG23 . THR A 1 22 ? 13.543  3.070   3.504   1.00 47.31 ? 22  THR A HG23 1 
ATOM   284  N N    . PHE A 1 23 ? 8.817   1.051   2.871   1.00 20.95 ? 23  PHE A N    1 
ATOM   285  C CA   . PHE A 1 23 ? 7.862   0.196   2.214   1.00 19.30 ? 23  PHE A CA   1 
ATOM   286  C C    . PHE A 1 23 ? 6.728   0.970   1.557   1.00 18.23 ? 23  PHE A C    1 
ATOM   287  O O    . PHE A 1 23 ? 6.264   1.988   2.058   1.00 19.21 ? 23  PHE A O    1 
ATOM   288  C CB   . PHE A 1 23 ? 7.167   -0.731  3.205   1.00 19.47 ? 23  PHE A CB   1 
ATOM   289  C CG   . PHE A 1 23 ? 8.121   -1.678  3.943   1.00 20.66 ? 23  PHE A CG   1 
ATOM   290  C CD1  . PHE A 1 23 ? 8.533   -2.837  3.325   1.00 20.61 ? 23  PHE A CD1  1 
ATOM   291  C CD2  . PHE A 1 23 ? 8.581   -1.366  5.199   1.00 25.92 ? 23  PHE A CD2  1 
ATOM   292  C CE1  . PHE A 1 23 ? 9.418   -3.650  3.976   1.00 24.69 ? 23  PHE A CE1  1 
ATOM   293  C CE2  . PHE A 1 23 ? 9.435   -2.205  5.855   1.00 31.53 ? 23  PHE A CE2  1 
ATOM   294  C CZ   . PHE A 1 23 ? 9.826   -3.368  5.234   1.00 31.36 ? 23  PHE A CZ   1 
ATOM   295  H H    . PHE A 1 23 ? 8.576   1.475   3.579   1.00 25.14 ? 23  PHE A H    1 
ATOM   296  H HA   . PHE A 1 23 ? 8.322   -0.342  1.536   1.00 23.16 ? 23  PHE A HA   1 
ATOM   297  H HB2  . PHE A 1 23 ? 6.696   -0.191  3.859   1.00 23.37 ? 23  PHE A HB2  1 
ATOM   298  H HB3  . PHE A 1 23 ? 6.508   -1.259  2.729   1.00 23.37 ? 23  PHE A HB3  1 
ATOM   299  H HD1  . PHE A 1 23 ? 8.216   -3.062  2.480   1.00 24.73 ? 23  PHE A HD1  1 
ATOM   300  H HD2  . PHE A 1 23 ? 8.308   -0.575  5.607   1.00 31.10 ? 23  PHE A HD2  1 
ATOM   301  H HE1  . PHE A 1 23 ? 9.744   -4.408  3.548   1.00 29.63 ? 23  PHE A HE1  1 
ATOM   302  H HE2  . PHE A 1 23 ? 9.747   -1.993  6.705   1.00 37.84 ? 23  PHE A HE2  1 
ATOM   303  H HZ   . PHE A 1 23 ? 10.376  -3.967  5.685   1.00 37.63 ? 23  PHE A HZ   1 
ATOM   304  N N    . CYS A 1 24 ? 6.250   0.413   0.440   1.00 17.72 ? 24  CYS A N    1 
ATOM   305  C CA   . CYS A 1 24 ? 4.914   0.665   -0.041  1.00 16.88 ? 24  CYS A CA   1 
ATOM   306  C C    . CYS A 1 24 ? 4.097   -0.555  0.345   1.00 17.25 ? 24  CYS A C    1 
ATOM   307  O O    . CYS A 1 24 ? 4.544   -1.711  0.222   1.00 18.40 ? 24  CYS A O    1 
ATOM   308  C CB   . CYS A 1 24 ? 4.848   0.802   -1.543  1.00 17.83 ? 24  CYS A CB   1 
ATOM   309  S SG   . CYS A 1 24 ? 5.842   2.094   -2.310  1.00 18.00 ? 24  CYS A SG   1 
ATOM   310  H H    . CYS A 1 24 ? 6.759   -0.116  -0.009  1.00 21.26 ? 24  CYS A H    1 
ATOM   311  H HA   . CYS A 1 24 ? 4.546   1.466   0.388   1.00 20.26 ? 24  CYS A HA   1 
ATOM   312  H HB2  . CYS A 1 24 ? 5.112   -0.048  -1.930  1.00 21.40 ? 24  CYS A HB2  1 
ATOM   313  H HB3  . CYS A 1 24 ? 3.922   0.953   -1.787  1.00 21.40 ? 24  CYS A HB3  1 
ATOM   314  N N    . TYR A 1 25 ? 2.869   -0.327  0.794   1.00 17.26 ? 25  TYR A N    1 
ATOM   315  C CA   . TYR A 1 25 ? 1.933   -1.370  1.162   1.00 17.25 ? 25  TYR A CA   1 
ATOM   316  C C    . TYR A 1 25 ? 0.782   -1.383  0.147   1.00 16.75 ? 25  TYR A C    1 
ATOM   317  O O    . TYR A 1 25 ? 0.401   -0.358  -0.431  1.00 17.05 ? 25  TYR A O    1 
ATOM   318  C CB   . TYR A 1 25 ? 1.427   -1.322  2.603   1.00 18.02 ? 25  TYR A CB   1 
ATOM   319  C CG   . TYR A 1 25 ? 0.731   -0.052  2.982   1.00 17.43 ? 25  TYR A CG   1 
ATOM   320  C CD1  . TYR A 1 25 ? -0.660  0.060   2.857   1.00 17.72 ? 25  TYR A CD1  1 
ATOM   321  C CD2  . TYR A 1 25 ? 1.412   1.044   3.466   1.00 17.82 ? 25  TYR A CD2  1 
ATOM   322  C CE1  . TYR A 1 25 ? -1.302  1.244   3.219   1.00 17.92 ? 25  TYR A CE1  1 
ATOM   323  C CE2  . TYR A 1 25 ? 0.800   2.193   3.831   1.00 18.25 ? 25  TYR A CE2  1 
ATOM   324  C CZ   . TYR A 1 25 ? -0.587  2.289   3.699   1.00 17.42 ? 25  TYR A CZ   1 
ATOM   325  O OH   . TYR A 1 25 ? -1.221  3.470   4.048   1.00 18.77 ? 25  TYR A OH   1 
ATOM   326  H H    . TYR A 1 25 ? 2.613   0.490   0.871   1.00 20.71 ? 25  TYR A H    1 
ATOM   327  H HA   . TYR A 1 25 ? 2.407   -2.222  1.060   1.00 20.70 ? 25  TYR A HA   1 
ATOM   328  H HB2  . TYR A 1 25 ? 0.815   -2.063  2.740   1.00 21.62 ? 25  TYR A HB2  1 
ATOM   329  H HB3  . TYR A 1 25 ? 2.180   -1.451  3.200   1.00 21.62 ? 25  TYR A HB3  1 
ATOM   330  H HD1  . TYR A 1 25 ? -1.157  -0.657  2.533   1.00 21.26 ? 25  TYR A HD1  1 
ATOM   331  H HD2  . TYR A 1 25 ? 2.337   0.991   3.546   1.00 21.38 ? 25  TYR A HD2  1 
ATOM   332  H HE1  . TYR A 1 25 ? -2.225  1.318   3.130   1.00 21.50 ? 25  TYR A HE1  1 
ATOM   333  H HE2  . TYR A 1 25 ? 1.295   2.908   4.163   1.00 21.90 ? 25  TYR A HE2  1 
ATOM   334  H HH   . TYR A 1 25 ? -0.666  4.008   4.322   1.00 28.16 ? 25  TYR A HH   1 
ATOM   335  N N    . LYS A 1 26 ? 0.178   -2.541  0.034   1.00 18.39 ? 26  LYS A N    1 
ATOM   336  C CA   . LYS A 1 26 ? -1.044  -2.785  -0.763  1.00 17.30 ? 26  LYS A CA   1 
ATOM   337  C C    . LYS A 1 26 ? -1.877  -3.738  0.077   1.00 17.48 ? 26  LYS A C    1 
ATOM   338  O O    . LYS A 1 26 ? -1.697  -4.952  0.044   1.00 18.03 ? 26  LYS A O    1 
ATOM   339  C CB   . LYS A 1 26 ? -0.692  -3.441  -2.086  1.00 19.46 ? 26  LYS A CB   1 
ATOM   340  C CG   . LYS A 1 26 ? -1.909  -3.661  -2.953  1.00 22.25 ? 26  LYS A CG   1 
ATOM   341  C CD   . LYS A 1 26 ? -1.666  -4.261  -4.292  1.00 27.13 ? 26  LYS A CD   1 
ATOM   342  C CE   . LYS A 1 26 ? -1.094  -5.640  -4.382  1.00 36.91 ? 26  LYS A CE   1 
ATOM   343  N NZ   . LYS A 1 26 ? -0.949  -5.991  -5.871  1.00 44.36 ? 26  LYS A NZ   1 
ATOM   344  H H    . LYS A 1 26 ? 0.519   -3.209  0.455   1.00 22.07 ? 26  LYS A H    1 
ATOM   345  H HA   . LYS A 1 26 ? -1.529  -1.947  -0.914  1.00 20.77 ? 26  LYS A HA   1 
ATOM   346  H HB2  . LYS A 1 26 ? -0.059  -2.881  -2.562  1.00 23.36 ? 26  LYS A HB2  1 
ATOM   347  H HB3  . LYS A 1 26 ? -0.264  -4.294  -1.915  1.00 23.36 ? 26  LYS A HB3  1 
ATOM   348  H HG2  . LYS A 1 26 ? -2.524  -4.235  -2.471  1.00 26.69 ? 26  LYS A HG2  1 
ATOM   349  H HG3  . LYS A 1 26 ? -2.350  -2.807  -3.079  1.00 26.69 ? 26  LYS A HG3  1 
ATOM   350  H HD2  . LYS A 1 26 ? -2.510  -4.264  -4.769  1.00 32.56 ? 26  LYS A HD2  1 
ATOM   351  H HD3  . LYS A 1 26 ? -1.070  -3.667  -4.774  1.00 32.56 ? 26  LYS A HD3  1 
ATOM   352  H HE2  . LYS A 1 26 ? -0.229  -5.672  -3.945  1.00 44.29 ? 26  LYS A HE2  1 
ATOM   353  H HE3  . LYS A 1 26 ? -1.684  -6.274  -3.945  1.00 44.29 ? 26  LYS A HE3  1 
ATOM   354  H HZ1  . LYS A 1 26 ? -0.671  -6.832  -5.952  1.00 66.54 ? 26  LYS A HZ1  1 
ATOM   355  H HZ2  . LYS A 1 26 ? -0.355  -5.445  -6.248  1.00 66.54 ? 26  LYS A HZ2  1 
ATOM   356  H HZ3  . LYS A 1 26 ? -1.736  -5.898  -6.276  1.00 66.54 ? 26  LYS A HZ3  1 
ATOM   357  N N    . TRP A 1 27 ? -2.827  -3.137  0.786   1.00 17.27 ? 27  TRP A N    1 
ATOM   358  C CA   . TRP A 1 27 ? -3.686  -3.794  1.755   1.00 17.51 ? 27  TRP A CA   1 
ATOM   359  C C    . TRP A 1 27 ? -5.072  -3.887  1.112   1.00 18.55 ? 27  TRP A C    1 
ATOM   360  O O    . TRP A 1 27 ? -5.667  -2.863  0.755   1.00 25.61 ? 27  TRP A O    1 
ATOM   361  C CB   A TRP A 1 27 ? -3.675  -3.114  3.094   0.50 18.92 ? 27  TRP A CB   1 
ATOM   362  C CB   B TRP A 1 27 ? -3.706  -2.960  3.006   0.50 17.00 ? 27  TRP A CB   1 
ATOM   363  C CG   A TRP A 1 27 ? -4.438  -3.553  4.285   0.50 18.62 ? 27  TRP A CG   1 
ATOM   364  C CG   B TRP A 1 27 ? -4.562  -3.374  4.145   0.50 19.08 ? 27  TRP A CG   1 
ATOM   365  C CD1  A TRP A 1 27 ? -5.802  -3.767  4.392   0.50 18.61 ? 27  TRP A CD1  1 
ATOM   366  C CD1  B TRP A 1 27 ? -4.093  -3.928  5.325   0.50 19.80 ? 27  TRP A CD1  1 
ATOM   367  C CD2  A TRP A 1 27 ? -3.907  -3.819  5.602   0.50 19.58 ? 27  TRP A CD2  1 
ATOM   368  C CD2  B TRP A 1 27 ? -6.000  -3.266  4.241   0.50 19.74 ? 27  TRP A CD2  1 
ATOM   369  N NE1  A TRP A 1 27 ? -6.137  -4.159  5.686   0.50 22.40 ? 27  TRP A NE1  1 
ATOM   370  N NE1  B TRP A 1 27 ? -5.199  -4.174  6.153   0.50 24.06 ? 27  TRP A NE1  1 
ATOM   371  C CE2  A TRP A 1 27 ? -4.990  -4.198  6.455   0.50 20.28 ? 27  TRP A CE2  1 
ATOM   372  C CE2  B TRP A 1 27 ? -6.360  -3.776  5.511   0.50 23.02 ? 27  TRP A CE2  1 
ATOM   373  C CE3  A TRP A 1 27 ? -2.682  -3.799  6.225   0.50 18.86 ? 27  TRP A CE3  1 
ATOM   374  C CE3  B TRP A 1 27 ? -7.072  -2.820  3.453   0.50 23.32 ? 27  TRP A CE3  1 
ATOM   375  C CZ2  A TRP A 1 27 ? -4.823  -4.535  7.797   0.50 20.13 ? 27  TRP A CZ2  1 
ATOM   376  C CZ2  B TRP A 1 27 ? -7.690  -3.797  5.883   0.50 26.43 ? 27  TRP A CZ2  1 
ATOM   377  C CZ3  A TRP A 1 27 ? -2.530  -4.128  7.553   0.50 19.17 ? 27  TRP A CZ3  1 
ATOM   378  C CZ3  B TRP A 1 27 ? -8.376  -2.827  3.794   0.50 25.11 ? 27  TRP A CZ3  1 
ATOM   379  C CH2  A TRP A 1 27 ? -3.607  -4.490  8.399   0.50 20.74 ? 27  TRP A CH2  1 
ATOM   380  C CH2  B TRP A 1 27 ? -8.713  -3.345  5.077   0.50 29.85 ? 27  TRP A CH2  1 
ATOM   381  H H    . TRP A 1 27 ? -2.941  -2.294  0.662   1.00 20.73 ? 27  TRP A H    1 
ATOM   382  H HA   . TRP A 1 27 ? -3.353  -4.707  1.880   1.00 21.01 ? 27  TRP A HA   1 
ATOM   383  H HB2  A TRP A 1 27 ? -2.745  -3.082  3.369   0.50 22.70 ? 27  TRP A HB2  1 
ATOM   384  H HB2  B TRP A 1 27 ? -2.794  -2.904  3.332   0.50 20.41 ? 27  TRP A HB2  1 
ATOM   385  H HB3  A TRP A 1 27 ? -3.941  -2.195  2.930   0.50 22.70 ? 27  TRP A HB3  1 
ATOM   386  H HB3  B TRP A 1 27 ? -3.972  -2.062  2.753   0.50 20.41 ? 27  TRP A HB3  1 
ATOM   387  H HD1  A TRP A 1 27 ? -6.410  -3.663  3.696   0.50 22.33 ? 27  TRP A HD1  1 
ATOM   388  H HD1  B TRP A 1 27 ? -3.204  -4.106  5.531   0.50 23.76 ? 27  TRP A HD1  1 
ATOM   389  H HE1  A TRP A 1 27 ? -6.930  -4.348  5.961   0.50 26.88 ? 27  TRP A HE1  1 
ATOM   390  H HE1  B TRP A 1 27 ? -5.161  -4.518  6.940   0.50 28.87 ? 27  TRP A HE1  1 
ATOM   391  H HE3  A TRP A 1 27 ? -1.930  -3.558  5.732   0.50 22.63 ? 27  TRP A HE3  1 
ATOM   392  H HE3  B TRP A 1 27 ? -6.863  -2.489  2.610   0.50 27.99 ? 27  TRP A HE3  1 
ATOM   393  H HZ2  A TRP A 1 27 ? -5.564  -4.797  8.293   0.50 24.15 ? 27  TRP A HZ2  1 
ATOM   394  H HZ2  B TRP A 1 27 ? -7.906  -4.134  6.722   0.50 31.72 ? 27  TRP A HZ2  1 
ATOM   395  H HZ3  A TRP A 1 27 ? -1.675  -4.111  7.915   0.50 23.01 ? 27  TRP A HZ3  1 
ATOM   396  H HZ3  B TRP A 1 27 ? -9.029  -2.506  3.214   0.50 30.14 ? 27  TRP A HZ3  1 
ATOM   397  H HH2  A TRP A 1 27 ? -3.490  -4.683  9.302   0.50 24.88 ? 27  TRP A HH2  1 
ATOM   398  H HH2  B TRP A 1 27 ? -9.597  -3.376  5.364   0.50 35.81 ? 27  TRP A HH2  1 
ATOM   399  N N    . LEU A 1 28 ? -5.592  -5.059  0.989   1.00 17.13 ? 28  LEU A N    1 
ATOM   400  C CA   . LEU A 1 28 ? -6.841  -5.323  0.334   1.00 17.54 ? 28  LEU A CA   1 
ATOM   401  C C    . LEU A 1 28 ? -7.785  -6.000  1.319   1.00 18.10 ? 28  LEU A C    1 
ATOM   402  O O    . LEU A 1 28 ? -7.428  -6.977  1.950   1.00 18.81 ? 28  LEU A O    1 
ATOM   403  C CB   . LEU A 1 28 ? -6.655  -6.240  -0.879  1.00 18.54 ? 28  LEU A CB   1 
ATOM   404  C CG   . LEU A 1 28 ? -5.574  -5.736  -1.845  1.00 19.02 ? 28  LEU A CG   1 
ATOM   405  C CD1  . LEU A 1 28 ? -5.312  -6.777  -2.957  1.00 21.67 ? 28  LEU A CD1  1 
ATOM   406  C CD2  . LEU A 1 28 ? -5.900  -4.403  -2.450  1.00 23.34 ? 28  LEU A CD2  1 
ATOM   407  H H    . LEU A 1 28 ? -5.163  -5.726  1.322   1.00 20.55 ? 28  LEU A H    1 
ATOM   408  H HA   . LEU A 1 28 ? -7.238  -4.477  0.039   1.00 21.05 ? 28  LEU A HA   1 
ATOM   409  H HB2  . LEU A 1 28 ? -6.412  -7.128  -0.569  1.00 22.25 ? 28  LEU A HB2  1 
ATOM   410  H HB3  . LEU A 1 28 ? -7.496  -6.311  -1.355  1.00 22.25 ? 28  LEU A HB3  1 
ATOM   411  H HG   . LEU A 1 28 ? -4.744  -5.634  -1.334  1.00 22.82 ? 28  LEU A HG   1 
ATOM   412  H HD11 . LEU A 1 28 ? -5.085  -7.620  -2.559  1.00 32.51 ? 28  LEU A HD11 1 
ATOM   413  H HD12 . LEU A 1 28 ? -4.586  -6.479  -3.510  1.00 32.51 ? 28  LEU A HD12 1 
ATOM   414  H HD13 . LEU A 1 28 ? -6.103  -6.879  -3.493  1.00 32.51 ? 28  LEU A HD13 1 
ATOM   415  H HD21 . LEU A 1 28 ? -5.195  -4.139  -3.044  1.00 35.00 ? 28  LEU A HD21 1 
ATOM   416  H HD22 . LEU A 1 28 ? -5.992  -3.749  -1.752  1.00 35.00 ? 28  LEU A HD22 1 
ATOM   417  H HD23 . LEU A 1 28 ? -6.724  -4.466  -2.939  1.00 35.00 ? 28  LEU A HD23 1 
ATOM   418  N N    . ASN A 1 29 ? -9.026  -5.471  1.390   1.00 17.90 ? 29  ASN A N    1 
ATOM   419  C CA   . ASN A 1 29 ? -10.080 -6.120  2.179   1.00 18.64 ? 29  ASN A CA   1 
ATOM   420  C C    . ASN A 1 29 ? -10.773 -7.121  1.293   1.00 18.53 ? 29  ASN A C    1 
ATOM   421  O O    . ASN A 1 29 ? -11.369 -6.767  0.255   1.00 19.73 ? 29  ASN A O    1 
ATOM   422  C CB   . ASN A 1 29 ? -11.004 -5.045  2.729   1.00 19.36 ? 29  ASN A CB   1 
ATOM   423  C CG   . ASN A 1 29 ? -12.023 -5.639  3.680   1.00 22.25 ? 29  ASN A CG   1 
ATOM   424  O OD1  . ASN A 1 29 ? -12.770 -6.564  3.355   1.00 20.47 ? 29  ASN A OD1  1 
ATOM   425  N ND2  . ASN A 1 29 ? -12.055 -5.109  4.885   1.00 34.15 ? 29  ASN A ND2  1 
ATOM   426  H H    . ASN A 1 29 ? -9.201  -4.743  0.965   1.00 21.48 ? 29  ASN A H    1 
ATOM   427  H HA   . ASN A 1 29 ? -9.666  -6.596  2.930   1.00 22.37 ? 29  ASN A HA   1 
ATOM   428  H HB2  . ASN A 1 29 ? -10.481 -4.376  3.195   1.00 23.23 ? 29  ASN A HB2  1 
ATOM   429  H HB3  . ASN A 1 29 ? -11.465 -4.609  1.995   1.00 23.23 ? 29  ASN A HB3  1 
ATOM   430  H HD21 . ASN A 1 29 ? -12.608 -5.408  5.472   1.00 40.98 ? 29  ASN A HD21 1 
ATOM   431  H HD22 . ASN A 1 29 ? -11.523 -4.464  5.085   1.00 40.98 ? 29  ASN A HD22 1 
ATOM   432  N N    . LYS A 1 30 ? -10.693 -8.377  1.632   1.00 19.15 ? 30  LYS A N    1 
ATOM   433  C CA   . LYS A 1 30 ? -11.216 -9.443  0.805   1.00 19.11 ? 30  LYS A CA   1 
ATOM   434  C C    . LYS A 1 30 ? -12.718 -9.511  0.804   1.00 20.11 ? 30  LYS A C    1 
ATOM   435  O O    . LYS A 1 30 ? -13.294 -10.212 -0.026  1.00 22.66 ? 30  LYS A O    1 
ATOM   436  C CB   . LYS A 1 30 ? -10.666 -10.826 1.280   1.00 19.92 ? 30  LYS A CB   1 
ATOM   437  C CG   . LYS A 1 30 ? -9.169  -10.982 1.236   1.00 19.11 ? 30  LYS A CG   1 
ATOM   438  C CD   . LYS A 1 30 ? -8.757  -12.400 1.621   1.00 19.61 ? 30  LYS A CD   1 
ATOM   439  C CE   . LYS A 1 30 ? -7.279  -12.624 1.530   1.00 19.88 ? 30  LYS A CE   1 
ATOM   440  N NZ   . LYS A 1 30 ? -6.928  -13.994 1.880   1.00 21.61 ? 30  LYS A NZ   1 
ATOM   441  H H    . LYS A 1 30 ? -10.314 -8.581  2.377   1.00 22.98 ? 30  LYS A H    1 
ATOM   442  H HA   . LYS A 1 30 ? -10.915 -9.292  -0.115  1.00 22.93 ? 30  LYS A HA   1 
ATOM   443  H HB2  . LYS A 1 30 ? -10.964 -10.977 2.190   1.00 23.90 ? 30  LYS A HB2  1 
ATOM   444  H HB3  . LYS A 1 30 ? -11.062 -11.518 0.727   1.00 23.90 ? 30  LYS A HB3  1 
ATOM   445  H HG2  . LYS A 1 30 ? -8.849  -10.784 0.343   1.00 22.93 ? 30  LYS A HG2  1 
ATOM   446  H HG3  . LYS A 1 30 ? -8.761  -10.350 1.849   1.00 22.93 ? 30  LYS A HG3  1 
ATOM   447  H HD2  . LYS A 1 30 ? -9.049  -12.578 2.528   1.00 23.53 ? 30  LYS A HD2  1 
ATOM   448  H HD3  . LYS A 1 30 ? -9.208  -13.029 1.035   1.00 23.53 ? 30  LYS A HD3  1 
ATOM   449  H HE2  . LYS A 1 30 ? -6.979  -12.436 0.627   1.00 23.85 ? 30  LYS A HE2  1 
ATOM   450  H HE3  . LYS A 1 30 ? -6.823  -12.012 2.130   1.00 23.85 ? 30  LYS A HE3  1 
ATOM   451  H HZ1  . LYS A 1 30 ? -6.044  -14.096 1.829   1.00 32.41 ? 30  LYS A HZ1  1 
ATOM   452  H HZ2  . LYS A 1 30 ? -7.324  -14.556 1.314   1.00 32.41 ? 30  LYS A HZ2  1 
ATOM   453  H HZ3  . LYS A 1 30 ? -7.199  -14.168 2.709   1.00 32.41 ? 30  LYS A HZ3  1 
ATOM   454  N N    . ILE A 1 31 ? -13.349 -8.816  1.738   1.00 19.86 ? 31  ILE A N    1 
ATOM   455  C CA   . ILE A 1 31 ? -14.801 -8.828  1.890   1.00 21.46 ? 31  ILE A CA   1 
ATOM   456  C C    . ILE A 1 31 ? -15.435 -7.669  1.140   1.00 20.82 ? 31  ILE A C    1 
ATOM   457  O O    . ILE A 1 31 ? -16.443 -7.799  0.436   1.00 26.21 ? 31  ILE A O    1 
ATOM   458  C CB   . ILE A 1 31 ? -15.162 -8.858  3.400   1.00 22.71 ? 31  ILE A CB   1 
ATOM   459  C CG1  . ILE A 1 31 ? -14.489 -9.978  4.167   1.00 23.50 ? 31  ILE A CG1  1 
ATOM   460  C CG2  . ILE A 1 31 ? -16.684 -8.963  3.560   1.00 25.68 ? 31  ILE A CG2  1 
ATOM   461  C CD1  . ILE A 1 31 ? -14.601 -11.342 3.549   1.00 24.60 ? 31  ILE A CD1  1 
ATOM   462  H H    . ILE A 1 31 ? -12.883 -8.337  2.279   1.00 23.83 ? 31  ILE A H    1 
ATOM   463  H HA   . ILE A 1 31 ? -15.134 -9.658  1.489   1.00 25.75 ? 31  ILE A HA   1 
ATOM   464  H HB   . ILE A 1 31 ? -14.876 -8.008  3.794   1.00 27.25 ? 31  ILE A HB   1 
ATOM   465  H HG12 . ILE A 1 31 ? -13.548 -9.761  4.263   1.00 28.20 ? 31  ILE A HG12 1 
ATOM   466  H HG13 . ILE A 1 31 ? -14.872 -10.012 5.058   1.00 28.20 ? 31  ILE A HG13 1 
ATOM   467  H HG21 . ILE A 1 31 ? -17.107 -8.256  3.067   1.00 38.52 ? 31  ILE A HG21 1 
ATOM   468  H HG22 . ILE A 1 31 ? -16.915 -8.887  4.488   1.00 38.52 ? 31  ILE A HG22 1 
ATOM   469  H HG23 . ILE A 1 31 ? -16.984 -9.811  3.223   1.00 38.52 ? 31  ILE A HG23 1 
ATOM   470  H HD11 . ILE A 1 31 ? -14.146 -11.982 4.102   1.00 36.90 ? 31  ILE A HD11 1 
ATOM   471  H HD12 . ILE A 1 31 ? -14.202 -11.332 2.676   1.00 36.90 ? 31  ILE A HD12 1 
ATOM   472  H HD13 . ILE A 1 31 ? -15.527 -11.585 3.475   1.00 36.90 ? 31  ILE A HD13 1 
ATOM   473  N N    . SER A 1 32 ? -14.901 -6.463  1.318   1.00 20.53 ? 32  SER A N    1 
ATOM   474  C CA   . SER A 1 32 ? -15.446 -5.248  0.743   1.00 21.05 ? 32  SER A CA   1 
ATOM   475  C C    . SER A 1 32 ? -14.737 -4.776  -0.500  1.00 20.53 ? 32  SER A C    1 
ATOM   476  O O    . SER A 1 32 ? -15.257 -3.901  -1.183  1.00 23.08 ? 32  SER A O    1 
ATOM   477  C CB   . SER A 1 32 ? -15.378 -4.084  1.745   1.00 21.68 ? 32  SER A CB   1 
ATOM   478  O OG   . SER A 1 32 ? -14.004 -3.750  1.855   1.00 20.80 ? 32  SER A OG   1 
ATOM   479  H H    . SER A 1 32 ? -14.192 -6.400  1.801   1.00 24.63 ? 32  SER A H    1 
ATOM   480  H HA   . SER A 1 32 ? -16.387 -5.408  0.519   1.00 25.26 ? 32  SER A HA   1 
ATOM   481  H HB2  . SER A 1 32 ? -15.889 -3.326  1.422   1.00 26.01 ? 32  SER A HB2  1 
ATOM   482  H HB3  . SER A 1 32 ? -15.734 -4.354  2.607   1.00 26.01 ? 32  SER A HB3  1 
ATOM   483  H HG   . SER A 1 32 ? -13.915 -3.128  2.382   1.00 31.20 ? 32  SER A HG   1 
ATOM   484  N N    . ASN A 1 33 ? -13.596 -5.359  -0.850  1.00 19.45 ? 33  ASN A N    1 
ATOM   485  C CA   . ASN A 1 33 ? -12.738 -4.961  -1.958  1.00 19.44 ? 33  ASN A CA   1 
ATOM   486  C C    . ASN A 1 33 ? -12.084 -3.605  -1.740  1.00 18.83 ? 33  ASN A C    1 
ATOM   487  O O    . ASN A 1 33 ? -11.401 -3.118  -2.647  1.00 20.84 ? 33  ASN A O    1 
ATOM   488  C CB   . ASN A 1 33 ? -13.465 -5.034  -3.277  1.00 21.66 ? 33  ASN A CB   1 
ATOM   489  C CG   . ASN A 1 33 ? -14.086 -6.396  -3.471  1.00 23.70 ? 33  ASN A CG   1 
ATOM   490  O OD1  . ASN A 1 33 ? -13.457 -7.427  -3.348  1.00 22.77 ? 33  ASN A OD1  1 
ATOM   491  N ND2  . ASN A 1 33 ? -15.375 -6.468  -3.763  1.00 29.49 ? 33  ASN A ND2  1 
ATOM   492  H H    . ASN A 1 33 ? -13.340 -6.032  -0.380  1.00 23.35 ? 33  ASN A H    1 
ATOM   493  H HA   . ASN A 1 33 ? -12.013 -5.618  -2.001  1.00 23.33 ? 33  ASN A HA   1 
ATOM   494  H HB2  . ASN A 1 33 ? -14.157 -4.356  -3.303  1.00 26.00 ? 33  ASN A HB2  1 
ATOM   495  H HB3  . ASN A 1 33 ? -12.842 -4.857  -3.999  1.00 26.00 ? 33  ASN A HB3  1 
ATOM   496  H HD21 . ASN A 1 33 ? -15.751 -7.235  -3.863  1.00 35.39 ? 33  ASN A HD21 1 
ATOM   497  H HD22 . ASN A 1 33 ? -15.836 -5.747  -3.854  1.00 35.39 ? 33  ASN A HD22 1 
ATOM   498  N N    . GLU A 1 34 ? -12.161 -3.020  -0.556  1.00 18.34 ? 34  GLU A N    1 
ATOM   499  C CA   . GLU A 1 34 ? -11.446 -1.781  -0.276  1.00 17.88 ? 34  GLU A CA   1 
ATOM   500  C C    . GLU A 1 34 ? -9.941  -1.963  -0.469  1.00 17.22 ? 34  GLU A C    1 
ATOM   501  O O    . GLU A 1 34 ? -9.375  -2.948  -0.038  1.00 18.44 ? 34  GLU A O    1 
ATOM   502  C CB   . GLU A 1 34 ? -11.715 -1.335  1.174   1.00 18.76 ? 34  GLU A CB   1 
ATOM   503  C CG   . GLU A 1 34 ? -10.961 -0.088  1.538   1.00 18.33 ? 34  GLU A CG   1 
ATOM   504  C CD   . GLU A 1 34 ? -11.146 0.326   2.998   1.00 18.73 ? 34  GLU A CD   1 
ATOM   505  O OE1  . GLU A 1 34 ? -11.795 -0.411  3.760   1.00 23.46 ? 34  GLU A OE1  1 
ATOM   506  O OE2  . GLU A 1 34 ? -10.667 1.407   3.383   1.00 18.74 ? 34  GLU A OE2  1 
ATOM   507  N N    . ARG A 1 35 ? -9.317  -0.965  -1.101  1.00 17.49 ? 35  ARG A N    1 
ATOM   508  C CA   . ARG A 1 35 ? -7.870  -0.896  -1.339  1.00 16.89 ? 35  ARG A CA   1 
ATOM   509  C C    . ARG A 1 35 ? -7.252  0.171   -0.481  1.00 17.04 ? 35  ARG A C    1 
ATOM   510  O O    . ARG A 1 35 ? -7.712  1.296   -0.477  1.00 19.85 ? 35  ARG A O    1 
ATOM   511  C CB   . ARG A 1 35 ? -7.633  -0.596  -2.822  1.00 17.95 ? 35  ARG A CB   1 
ATOM   512  C CG   . ARG A 1 35 ? -8.231  -1.644  -3.741  1.00 20.18 ? 35  ARG A CG   1 
ATOM   513  C CD   . ARG A 1 35 ? -8.009  -1.261  -5.180  1.00 24.27 ? 35  ARG A CD   1 
ATOM   514  N NE   . ARG A 1 35 ? -8.889  -0.202  -5.546  1.00 38.77 ? 35  ARG A NE   1 
ATOM   515  C CZ   . ARG A 1 35 ? -8.854  0.559   -6.653  1.00 55.62 ? 35  ARG A CZ   1 
ATOM   516  N NH1  . ARG A 1 35 ? -7.902  0.326   -7.559  1.00 43.24 ? 35  ARG A NH1  1 
ATOM   517  N NH2  . ARG A 1 35 ? -9.791  1.510   -6.761  1.00 63.01 ? 35  ARG A NH2  1 
ATOM   518  H H    . ARG A 1 35 ? -9.800  -0.315  -1.390  1.00 20.99 ? 35  ARG A H    1 
ATOM   519  H HA   . ARG A 1 35 ? -7.467  -1.760  -1.118  1.00 20.26 ? 35  ARG A HA   1 
ATOM   520  H HB2  . ARG A 1 35 ? -8.019  0.268   -3.036  1.00 21.54 ? 35  ARG A HB2  1 
ATOM   521  H HB3  . ARG A 1 35 ? -6.678  -0.542  -2.984  1.00 21.54 ? 35  ARG A HB3  1 
ATOM   522  H HG2  . ARG A 1 35 ? -7.819  -2.504  -3.566  1.00 24.22 ? 35  ARG A HG2  1 
ATOM   523  H HG3  . ARG A 1 35 ? -9.183  -1.725  -3.569  1.00 24.22 ? 35  ARG A HG3  1 
ATOM   524  H HD2  . ARG A 1 35 ? -7.090  -0.978  -5.304  1.00 29.13 ? 35  ARG A HD2  1 
ATOM   525  H HD3  . ARG A 1 35 ? -8.168  -2.029  -5.751  1.00 29.13 ? 35  ARG A HD3  1 
ATOM   526  H HE   . ARG A 1 35 ? -9.523  -0.028  -4.990  1.00 46.52 ? 35  ARG A HE   1 
ATOM   527  H HH11 . ARG A 1 35 ? -7.861  0.804   -8.272  1.00 51.89 ? 35  ARG A HH11 1 
ATOM   528  H HH12 . ARG A 1 35 ? -7.328  -0.302  -7.428  1.00 51.89 ? 35  ARG A HH12 1 
ATOM   529  H HH21 . ARG A 1 35 ? -9.804  2.022   -7.452  1.00 75.61 ? 35  ARG A HH21 1 
ATOM   530  H HH22 . ARG A 1 35 ? -10.377 1.608   -6.141  1.00 75.61 ? 35  ARG A HH22 1 
ATOM   531  N N    . TRP A 1 36 ? -6.215  -0.183  0.274   1.00 16.41 ? 36  TRP A N    1 
ATOM   532  C CA   . TRP A 1 36 ? -5.515  0.744   1.141   1.00 16.40 ? 36  TRP A CA   1 
ATOM   533  C C    . TRP A 1 36 ? -4.041  0.669   0.798   1.00 16.15 ? 36  TRP A C    1 
ATOM   534  O O    . TRP A 1 36 ? -3.393  -0.338  1.038   1.00 16.84 ? 36  TRP A O    1 
ATOM   535  C CB   . TRP A 1 36 ? -5.746  0.410   2.614   1.00 16.79 ? 36  TRP A CB   1 
ATOM   536  C CG   . TRP A 1 36 ? -5.091  1.393   3.521   1.00 16.57 ? 36  TRP A CG   1 
ATOM   537  C CD1  . TRP A 1 36 ? -4.892  2.719   3.361   1.00 17.35 ? 36  TRP A CD1  1 
ATOM   538  C CD2  . TRP A 1 36 ? -4.528  1.081   4.825   1.00 17.00 ? 36  TRP A CD2  1 
ATOM   539  N NE1  . TRP A 1 36 ? -4.243  3.271   4.436   1.00 17.58 ? 36  TRP A NE1  1 
ATOM   540  C CE2  . TRP A 1 36 ? -4.014  2.264   5.346   1.00 17.56 ? 36  TRP A CE2  1 
ATOM   541  C CE3  . TRP A 1 36 ? -4.416  -0.111  5.550   1.00 17.40 ? 36  TRP A CE3  1 
ATOM   542  C CZ2  . TRP A 1 36 ? -3.384  2.302   6.597   1.00 19.58 ? 36  TRP A CZ2  1 
ATOM   543  C CZ3  . TRP A 1 36 ? -3.788  -0.059  6.780   1.00 18.95 ? 36  TRP A CZ3  1 
ATOM   544  C CH2  . TRP A 1 36 ? -3.281  1.127   7.294   1.00 20.13 ? 36  TRP A CH2  1 
ATOM   545  H H    . TRP A 1 36 ? -5.948  -0.999  0.246   1.00 19.69 ? 36  TRP A H    1 
ATOM   546  H HA   . TRP A 1 36 ? -5.838  1.652   0.964   1.00 19.67 ? 36  TRP A HA   1 
ATOM   547  H HB2  . TRP A 1 36 ? -6.700  0.399   2.791   1.00 20.14 ? 36  TRP A HB2  1 
ATOM   548  H HB3  . TRP A 1 36 ? -5.398  -0.476  2.798   1.00 20.14 ? 36  TRP A HB3  1 
ATOM   549  H HD1  . TRP A 1 36 ? -5.162  3.200   2.613   1.00 20.81 ? 36  TRP A HD1  1 
ATOM   550  H HE1  . TRP A 1 36 ? -4.020  4.097   4.525   1.00 21.09 ? 36  TRP A HE1  1 
ATOM   551  H HE3  . TRP A 1 36 ? -4.754  -0.910  5.216   1.00 20.88 ? 36  TRP A HE3  1 
ATOM   552  H HZ2  . TRP A 1 36 ? -3.049  3.098   6.942   1.00 23.49 ? 36  TRP A HZ2  1 
ATOM   553  H HZ3  . TRP A 1 36 ? -3.701  -0.841  7.276   1.00 22.74 ? 36  TRP A HZ3  1 
ATOM   554  H HH2  . TRP A 1 36 ? -2.865  1.124   8.126   1.00 24.15 ? 36  TRP A HH2  1 
ATOM   555  N N    . LEU A 1 37 ? -3.515  1.756   0.204   1.00 16.26 ? 37  LEU A N    1 
ATOM   556  C CA   . LEU A 1 37 ? -2.167  1.814   -0.352  1.00 16.02 ? 37  LEU A CA   1 
ATOM   557  C C    . LEU A 1 37 ? -1.420  2.999   0.237   1.00 15.96 ? 37  LEU A C    1 
ATOM   558  O O    . LEU A 1 37 ? -2.012  4.083   0.475   1.00 16.77 ? 37  LEU A O    1 
ATOM   559  C CB   . LEU A 1 37 ? -2.228  1.948   -1.895  1.00 16.52 ? 37  LEU A CB   1 
ATOM   560  C CG   . LEU A 1 37 ? -2.414  0.648   -2.654  1.00 17.80 ? 37  LEU A CG   1 
ATOM   561  C CD1  . LEU A 1 37 ? -3.674  -0.125  -2.362  1.00 19.50 ? 37  LEU A CD1  1 
ATOM   562  C CD2  . LEU A 1 37 ? -2.310  0.971   -4.161  1.00 19.09 ? 37  LEU A CD2  1 
ATOM   563  H H    . LEU A 1 37 ? -4.005  2.460   0.149   1.00 19.51 ? 37  LEU A H    1 
ATOM   564  H HA   . LEU A 1 37 ? -1.691  0.990   -0.122  1.00 19.23 ? 37  LEU A HA   1 
ATOM   565  H HB2  . LEU A 1 37 ? -2.960  2.542   -2.123  1.00 19.82 ? 37  LEU A HB2  1 
ATOM   566  H HB3  . LEU A 1 37 ? -1.408  2.366   -2.200  1.00 19.82 ? 37  LEU A HB3  1 
ATOM   567  H HG   . LEU A 1 37 ? -1.657  0.068   -2.427  1.00 21.36 ? 37  LEU A HG   1 
ATOM   568  H HD11 . LEU A 1 37 ? -3.678  -0.936  -2.876  1.00 29.25 ? 37  LEU A HD11 1 
ATOM   569  H HD12 . LEU A 1 37 ? -4.436  0.407   -2.598  1.00 29.25 ? 37  LEU A HD12 1 
ATOM   570  H HD13 . LEU A 1 37 ? -3.709  -0.339  -1.426  1.00 29.25 ? 37  LEU A HD13 1 
ATOM   571  H HD21 . LEU A 1 37 ? -1.497  1.454   -4.330  1.00 28.63 ? 37  LEU A HD21 1 
ATOM   572  H HD22 . LEU A 1 37 ? -3.061  1.507   -4.427  1.00 28.63 ? 37  LEU A HD22 1 
ATOM   573  H HD23 . LEU A 1 37 ? -2.307  0.154   -4.665  1.00 28.63 ? 37  LEU A HD23 1 
ATOM   574  N N    . GLY A 1 38 ? -0.107  2.901   0.403   1.00 16.06 ? 38  GLY A N    1 
ATOM   575  C CA   . GLY A 1 38 ? 0.667   4.040   0.820   1.00 16.41 ? 38  GLY A CA   1 
ATOM   576  C C    . GLY A 1 38 ? 2.096   3.621   1.164   1.00 16.44 ? 38  GLY A C    1 
ATOM   577  O O    . GLY A 1 38 ? 2.540   2.559   0.810   1.00 16.88 ? 38  GLY A O    1 
ATOM   578  H H    . GLY A 1 38 ? 0.285   2.149   0.258   1.00 19.28 ? 38  GLY A H    1 
ATOM   579  H HA2  . GLY A 1 38 ? 0.685   4.699   0.110   1.00 19.69 ? 38  GLY A HA2  1 
ATOM   580  H HA3  . GLY A 1 38 ? 0.254   4.446   1.598   1.00 19.69 ? 38  GLY A HA3  1 
ATOM   581  N N    . CYS A 1 39 ? 2.793   4.562   1.808   1.00 17.07 ? 39  CYS A N    1 
ATOM   582  C CA   . CYS A 1 39 ? 4.154   4.387   2.323   1.00 18.00 ? 39  CYS A CA   1 
ATOM   583  C C    . CYS A 1 39 ? 4.075   3.973   3.787   1.00 18.14 ? 39  CYS A C    1 
ATOM   584  O O    . CYS A 1 39 ? 3.178   4.444   4.537   1.00 19.22 ? 39  CYS A O    1 
ATOM   585  C CB   . CYS A 1 39 ? 4.945   5.677   2.321   1.00 19.06 ? 39  CYS A CB   1 
ATOM   586  S SG   . CYS A 1 39 ? 5.150   6.554   0.768   1.00 18.87 ? 39  CYS A SG   1 
ATOM   587  H H    . CYS A 1 39 ? 2.416   5.326   1.930   1.00 20.48 ? 39  CYS A H    1 
ATOM   588  H HA   . CYS A 1 39 ? 4.625   3.703   1.804   1.00 21.60 ? 39  CYS A HA   1 
ATOM   589  H HB2  . CYS A 1 39 ? 4.521   6.284   2.947   1.00 22.87 ? 39  CYS A HB2  1 
ATOM   590  H HB3  . CYS A 1 39 ? 5.829   5.482   2.667   1.00 22.87 ? 39  CYS A HB3  1 
ATOM   591  N N    . ALA A 1 40 ? 5.030   3.184   4.276   1.00 18.75 ? 40  ALA A N    1 
ATOM   592  C CA   . ALA A 1 40 ? 5.030   2.823   5.702   1.00 19.56 ? 40  ALA A CA   1 
ATOM   593  C C    . ALA A 1 40 ? 6.456   2.513   6.156   1.00 20.25 ? 40  ALA A C    1 
ATOM   594  O O    . ALA A 1 40 ? 7.303   2.054   5.381   1.00 21.25 ? 40  ALA A O    1 
ATOM   595  C CB   . ALA A 1 40 ? 4.192   1.602   5.956   1.00 24.35 ? 40  ALA A CB   1 
ATOM   596  H H    . ALA A 1 40 ? 5.648   2.886   3.757   1.00 22.50 ? 40  ALA A H    1 
ATOM   597  H HA   . ALA A 1 40 ? 4.678   3.572   6.226   1.00 23.47 ? 40  ALA A HA   1 
ATOM   598  H HB1  . ALA A 1 40 ? 3.288   1.771   5.682   1.00 36.52 ? 40  ALA A HB1  1 
ATOM   599  H HB2  . ALA A 1 40 ? 4.209   1.391   6.892   1.00 36.52 ? 40  ALA A HB2  1 
ATOM   600  H HB3  . ALA A 1 40 ? 4.544   0.863   5.455   1.00 36.52 ? 40  ALA A HB3  1 
ATOM   601  N N    . LYS A 1 41 ? 6.706   2.751   7.449   1.00 20.50 ? 41  LYS A N    1 
ATOM   602  C CA   . LYS A 1 41 ? 7.903   2.346   8.113   1.00 21.61 ? 41  LYS A CA   1 
ATOM   603  C C    . LYS A 1 41 ? 7.932   0.832   8.396   1.00 22.34 ? 41  LYS A C    1 
ATOM   604  O O    . LYS A 1 41 ? 9.003   0.224   8.358   1.00 26.14 ? 41  LYS A O    1 
ATOM   605  C CB   A LYS A 1 41 ? 8.031   3.050   9.442   0.50 24.23 ? 41  LYS A CB   1 
ATOM   606  C CB   B LYS A 1 41 ? 8.112   3.048   9.456   0.50 25.14 ? 41  LYS A CB   1 
ATOM   607  C CG   A LYS A 1 41 ? 9.317   2.952   10.208  0.50 27.96 ? 41  LYS A CG   1 
ATOM   608  C CG   B LYS A 1 41 ? 7.932   4.560   9.464   0.50 26.51 ? 41  LYS A CG   1 
ATOM   609  C CD   A LYS A 1 41 ? 9.451   3.977   11.300  0.50 34.61 ? 41  LYS A CD   1 
ATOM   610  C CD   B LYS A 1 41 ? 6.539   4.986   9.911   0.50 42.76 ? 41  LYS A CD   1 
ATOM   611  C CE   A LYS A 1 41 ? 8.259   4.913   11.459  0.50 36.05 ? 41  LYS A CE   1 
ATOM   612  C CE   B LYS A 1 41 ? 6.460   6.122   10.918  0.50 46.73 ? 41  LYS A CE   1 
ATOM   613  N NZ   A LYS A 1 41 ? 8.366   6.147   10.642  0.50 36.15 ? 41  LYS A NZ   1 
ATOM   614  N NZ   B LYS A 1 41 ? 5.071   6.593   11.208  0.50 54.02 ? 41  LYS A NZ   1 
ATOM   615  H H    . LYS A 1 41 ? 6.110   3.171   7.907   1.00 24.60 ? 41  LYS A H    1 
ATOM   616  H HA   A LYS A 1 41 ? 8.673   2.581   7.553   1.00 25.93 ? 41  LYS A HA   1 
ATOM   617  H HB2  A LYS A 1 41 ? 7.853   3.992   9.290   0.50 29.07 ? 41  LYS A HB2  1 
ATOM   618  H HB2  B LYS A 1 41 ? 7.492   2.666   10.096  0.50 30.17 ? 41  LYS A HB2  1 
ATOM   619  H HB3  A LYS A 1 41 ? 7.323   2.718   10.016  0.50 29.07 ? 41  LYS A HB3  1 
ATOM   620  H HB3  B LYS A 1 41 ? 9.009   2.848   9.766   0.50 30.17 ? 41  LYS A HB3  1 
ATOM   621  H HG2  A LYS A 1 41 ? 9.381   2.066   10.601  0.50 33.55 ? 41  LYS A HG2  1 
ATOM   622  H HG2  B LYS A 1 41 ? 8.589   4.953   10.061  0.50 31.81 ? 41  LYS A HG2  1 
ATOM   623  H HG3  A LYS A 1 41 ? 10.058  3.053   9.591   0.50 33.55 ? 41  LYS A HG3  1 
ATOM   624  H HG3  B LYS A 1 41 ? 8.099   4.903   8.573   0.50 31.81 ? 41  LYS A HG3  1 
ATOM   625  H HD2  A LYS A 1 41 ? 9.594   3.515   12.140  0.50 41.53 ? 41  LYS A HD2  1 
ATOM   626  H HD2  B LYS A 1 41 ? 6.036   5.246   9.122   0.50 51.31 ? 41  LYS A HD2  1 
ATOM   627  H HD3  A LYS A 1 41 ? 10.240  4.513   11.123  0.50 41.53 ? 41  LYS A HD3  1 
ATOM   628  H HD3  B LYS A 1 41 ? 6.095   4.213   10.292  0.50 51.31 ? 41  LYS A HD3  1 
ATOM   629  H HE2  A LYS A 1 41 ? 7.451   4.438   11.208  0.50 43.27 ? 41  LYS A HE2  1 
ATOM   630  H HE2  B LYS A 1 41 ? 6.870   5.829   11.747  0.50 56.08 ? 41  LYS A HE2  1 
ATOM   631  H HE3  A LYS A 1 41 ? 8.178   5.161   12.394  0.50 43.27 ? 41  LYS A HE3  1 
ATOM   632  H HE3  B LYS A 1 41 ? 6.979   6.869   10.583  0.50 56.08 ? 41  LYS A HE3  1 
ATOM   633  H HZ1  A LYS A 1 41 ? 7.601   6.600   10.690  0.50 54.22 ? 41  LYS A HZ1  1 
ATOM   634  H HZ1  B LYS A 1 41 ? 4.992   6.764   12.079  0.50 81.03 ? 41  LYS A HZ1  1 
ATOM   635  H HZ2  A LYS A 1 41 ? 8.528   5.928   9.796   0.50 54.22 ? 41  LYS A HZ2  1 
ATOM   636  H HZ2  B LYS A 1 41 ? 4.489   5.962   10.976  0.50 81.03 ? 41  LYS A HZ2  1 
ATOM   637  H HZ3  A LYS A 1 41 ? 9.030   6.651   10.952  0.50 54.22 ? 41  LYS A HZ3  1 
ATOM   638  H HZ3  B LYS A 1 41 ? 4.907   7.335   10.745  0.50 81.03 ? 41  LYS A HZ3  1 
ATOM   639  N N    . THR A 1 42 ? 6.816   0.249   8.708   1.00 24.80 ? 42  THR A N    1 
ATOM   640  C CA   . THR A 1 42 ? 6.667   -1.161  9.012   1.00 27.00 ? 42  THR A CA   1 
ATOM   641  C C    . THR A 1 42 ? 5.644   -1.711  8.063   1.00 25.61 ? 42  THR A C    1 
ATOM   642  O O    . THR A 1 42 ? 4.673   -1.073  7.686   1.00 30.77 ? 42  THR A O    1 
ATOM   643  C CB   . THR A 1 42 ? 6.146   -1.457  10.464  1.00 28.28 ? 42  THR A CB   1 
ATOM   644  O OG1  . THR A 1 42 ? 4.796   -0.937  10.581  1.00 39.07 ? 42  THR A OG1  1 
ATOM   645  C CG2  . THR A 1 42 ? 7.068   -0.858  11.493  1.00 36.62 ? 42  THR A CG2  1 
ATOM   646  H H    . THR A 1 42 ? 6.109   0.738   8.737   1.00 29.76 ? 42  THR A H    1 
ATOM   647  H HA   . THR A 1 42 ? 7.522   -1.618  8.872   1.00 32.40 ? 42  THR A HA   1 
ATOM   648  H HB   . THR A 1 42 ? 6.119   -2.428  10.595  1.00 33.93 ? 42  THR A HB   1 
ATOM   649  H HG1  . THR A 1 42 ? 4.310   -1.317  10.042  1.00 58.60 ? 42  THR A HG1  1 
ATOM   650  H HG21 . THR A 1 42 ? 6.738   -1.056  12.373  1.00 54.93 ? 42  THR A HG21 1 
ATOM   651  H HG22 . THR A 1 42 ? 7.106   0.094   11.373  1.00 54.93 ? 42  THR A HG22 1 
ATOM   652  H HG23 . THR A 1 42 ? 7.947   -1.229  11.390  1.00 54.93 ? 42  THR A HG23 1 
ATOM   653  N N    . CYS A 1 43 ? 5.866   -2.942  7.716   1.00 25.38 ? 43  CYS A N    1 
ATOM   654  C CA   . CYS A 1 43 ? 4.905   -3.603  6.801   1.00 23.75 ? 43  CYS A CA   1 
ATOM   655  C C    . CYS A 1 43 ? 5.047   -5.112  7.009   1.00 23.82 ? 43  CYS A C    1 
ATOM   656  O O    . CYS A 1 43 ? 6.129   -5.653  6.969   1.00 26.44 ? 43  CYS A O    1 
ATOM   657  C CB   . CYS A 1 43 ? 5.201   -3.211  5.363   1.00 23.42 ? 43  CYS A CB   1 
ATOM   658  S SG   . CYS A 1 43 ? 3.975   -3.706  4.105   1.00 22.88 ? 43  CYS A SG   1 
ATOM   659  H H    . CYS A 1 43 ? 6.554   -3.364  8.009   1.00 30.46 ? 43  CYS A H    1 
ATOM   660  H HA   . CYS A 1 43 ? 3.994   -3.328  7.032   1.00 28.50 ? 43  CYS A HA   1 
ATOM   661  H HB2  . CYS A 1 43 ? 5.296   -2.246  5.327   1.00 28.10 ? 43  CYS A HB2  1 
ATOM   662  H HB3  . CYS A 1 43 ? 6.056   -3.595  5.117   1.00 28.10 ? 43  CYS A HB3  1 
ATOM   663  N N    . THR A 1 44 ? 3.965   -5.758  7.325   1.00 25.42 ? 44  THR A N    1 
ATOM   664  C CA   . THR A 1 44 ? 3.874   -7.191  7.560   1.00 27.20 ? 44  THR A CA   1 
ATOM   665  C C    . THR A 1 44 ? 2.972   -7.807  6.493   1.00 24.96 ? 44  THR A C    1 
ATOM   666  O O    . THR A 1 44 ? 1.859   -7.284  6.281   1.00 28.00 ? 44  THR A O    1 
ATOM   667  C CB   . THR A 1 44 ? 3.278   -7.472  8.967   1.00 32.32 ? 44  THR A CB   1 
ATOM   668  O OG1  . THR A 1 44 ? 4.100   -6.835  9.909   1.00 41.68 ? 44  THR A OG1  1 
ATOM   669  C CG2  . THR A 1 44 ? 3.245   -8.966  9.237   1.00 39.99 ? 44  THR A CG2  1 
ATOM   670  H H    . THR A 1 44 ? 3.242   -5.301  7.403   1.00 30.50 ? 44  THR A H    1 
ATOM   671  H HA   . THR A 1 44 ? 4.768   -7.589  7.499   1.00 32.64 ? 44  THR A HA   1 
ATOM   672  H HB   . THR A 1 44 ? 2.371   -7.107  9.020   1.00 38.78 ? 44  THR A HB   1 
ATOM   673  H HG1  . THR A 1 44 ? 4.138   -6.034  9.740   1.00 62.52 ? 44  THR A HG1  1 
ATOM   674  H HG21 . THR A 1 44 ? 2.866   -9.126  10.106  1.00 59.98 ? 44  THR A HG21 1 
ATOM   675  H HG22 . THR A 1 44 ? 4.138   -9.316  9.208   1.00 59.98 ? 44  THR A HG22 1 
ATOM   676  H HG23 . THR A 1 44 ? 2.709   -9.400  8.570   1.00 59.98 ? 44  THR A HG23 1 
ATOM   677  N N    . GLU A 1 45 ? 3.372   -8.830  5.813   1.00 24.44 ? 45  GLU A N    1 
ATOM   678  C CA   . GLU A 1 45 ? 2.492   -9.474  4.875   1.00 24.66 ? 45  GLU A CA   1 
ATOM   679  C C    . GLU A 1 45 ? 1.401   -10.200 5.638   1.00 23.36 ? 45  GLU A C    1 
ATOM   680  O O    . GLU A 1 45 ? 1.663   -10.735 6.733   1.00 25.74 ? 45  GLU A O    1 
ATOM   681  C CB   . GLU A 1 45 ? 3.315   -10.365 3.961   1.00 31.15 ? 45  GLU A CB   1 
ATOM   682  C CG   . GLU A 1 45 ? 4.096   -9.279  3.176   1.00 33.39 ? 45  GLU A CG   1 
ATOM   683  C CD   . GLU A 1 45 ? 4.466   -9.722  1.816   1.00 26.06 ? 45  GLU A CD   1 
ATOM   684  O OE1  . GLU A 1 45 ? 4.683   -10.956 1.628   1.00 37.36 ? 45  GLU A OE1  1 
ATOM   685  O OE2  . GLU A 1 45 ? 4.689   -8.861  0.952   1.00 26.28 ? 45  GLU A OE2  1 
ATOM   686  N N    . ILE A 1 46 ? 0.210   -10.136 5.061   1.00 20.79 ? 46  ILE A N    1 
ATOM   687  C CA   . ILE A 1 46 ? -0.990  -10.724 5.678   1.00 20.63 ? 46  ILE A CA   1 
ATOM   688  C C    . ILE A 1 46 ? -1.778  -11.474 4.623   1.00 19.70 ? 46  ILE A C    1 
ATOM   689  O O    . ILE A 1 46 ? -1.904  -11.015 3.457   1.00 19.72 ? 46  ILE A O    1 
ATOM   690  C CB   . ILE A 1 46 ? -1.902  -9.623  6.331   1.00 20.89 ? 46  ILE A CB   1 
ATOM   691  C CG1  . ILE A 1 46 ? -1.143  -8.753  7.294   1.00 22.99 ? 46  ILE A CG1  1 
ATOM   692  C CG2  . ILE A 1 46 ? -3.143  -10.230 6.942   1.00 21.74 ? 46  ILE A CG2  1 
ATOM   693  C CD1  . ILE A 1 46 ? -1.872  -7.482  7.714   1.00 27.16 ? 46  ILE A CD1  1 
ATOM   694  H H    . ILE A 1 46 ? 0.136   -9.740  4.301   1.00 24.95 ? 46  ILE A H    1 
ATOM   695  H HA   . ILE A 1 46 ? -0.712  -11.357 6.373   1.00 24.76 ? 46  ILE A HA   1 
ATOM   696  H HB   . ILE A 1 46 ? -2.204  -9.041  5.603   1.00 25.07 ? 46  ILE A HB   1 
ATOM   697  H HG12 . ILE A 1 46 ? -0.943  -9.273  8.089   1.00 27.59 ? 46  ILE A HG12 1 
ATOM   698  H HG13 . ILE A 1 46 ? -0.297  -8.506  6.886   1.00 27.59 ? 46  ILE A HG13 1 
ATOM   699  H HG21 . ILE A 1 46 ? -3.603  -10.752 6.281   1.00 32.61 ? 46  ILE A HG21 1 
ATOM   700  H HG22 . ILE A 1 46 ? -3.720  -9.530  7.257   1.00 32.61 ? 46  ILE A HG22 1 
ATOM   701  H HG23 . ILE A 1 46 ? -2.893  -10.794 7.678   1.00 32.61 ? 46  ILE A HG23 1 
ATOM   702  H HD11 . ILE A 1 46 ? -1.340  -7.005  8.354   1.00 40.75 ? 46  ILE A HD11 1 
ATOM   703  H HD12 . ILE A 1 46 ? -2.717  -7.713  8.108   1.00 40.75 ? 46  ILE A HD12 1 
ATOM   704  H HD13 . ILE A 1 46 ? -2.019  -6.929  6.943   1.00 40.75 ? 46  ILE A HD13 1 
ATOM   705  N N    . ASP A 1 47 ? -2.309  -12.642 4.981   1.00 20.74 ? 47  ASP A N    1 
ATOM   706  C CA   . ASP A 1 47 ? -3.193  -13.383 4.082   1.00 20.66 ? 47  ASP A CA   1 
ATOM   707  C C    . ASP A 1 47 ? -4.179  -14.129 4.957   1.00 21.74 ? 47  ASP A C    1 
ATOM   708  O O    . ASP A 1 47 ? -4.102  -15.345 5.155   1.00 27.57 ? 47  ASP A O    1 
ATOM   709  C CB   . ASP A 1 47 ? -2.399  -14.299 3.186   1.00 22.02 ? 47  ASP A CB   1 
ATOM   710  C CG   . ASP A 1 47 ? -3.157  -14.908 2.019   1.00 24.83 ? 47  ASP A CG   1 
ATOM   711  O OD1  . ASP A 1 47 ? -2.687  -15.894 1.445   1.00 32.86 ? 47  ASP A OD1  1 
ATOM   712  O OD2  . ASP A 1 47 ? -4.257  -14.420 1.592   1.00 28.25 ? 47  ASP A OD2  1 
ATOM   713  H H    . ASP A 1 47 ? -2.128  -12.967 5.756   1.00 24.89 ? 47  ASP A H    1 
ATOM   714  H HA   . ASP A 1 47 ? -3.684  -12.744 3.525   1.00 24.80 ? 47  ASP A HA   1 
ATOM   715  H HB2  . ASP A 1 47 ? -1.645  -13.802 2.833   1.00 26.43 ? 47  ASP A HB2  1 
ATOM   716  H HB3  . ASP A 1 47 ? -2.043  -15.021 3.727   1.00 26.43 ? 47  ASP A HB3  1 
ATOM   717  N N    . THR A 1 48 ? -5.222  -13.483 5.425   1.00 19.38 ? 48  THR A N    1 
ATOM   718  C CA   . THR A 1 48 ? -6.235  -14.024 6.306   1.00 19.56 ? 48  THR A CA   1 
ATOM   719  C C    . THR A 1 48 ? -7.587  -14.099 5.631   1.00 18.83 ? 48  THR A C    1 
ATOM   720  O O    . THR A 1 48 ? -7.721  -13.729 4.471   1.00 19.81 ? 48  THR A O    1 
ATOM   721  C CB   . THR A 1 48 ? -6.311  -13.220 7.623   1.00 20.42 ? 48  THR A CB   1 
ATOM   722  O OG1  . THR A 1 48 ? -6.684  -11.925 7.234   1.00 20.65 ? 48  THR A OG1  1 
ATOM   723  C CG2  . THR A 1 48 ? -5.011  -13.143 8.373   1.00 21.86 ? 48  THR A CG2  1 
ATOM   724  H H    . THR A 1 48 ? -5.313  -12.663 5.185   1.00 23.25 ? 48  THR A H    1 
ATOM   725  H HA   . THR A 1 48 ? -5.969  -14.940 6.533   1.00 23.47 ? 48  THR A HA   1 
ATOM   726  H HB   . THR A 1 48 ? -7.003  -13.603 8.203   1.00 24.50 ? 48  THR A HB   1 
ATOM   727  H HG1  . THR A 1 48 ? -7.401  -11.956 6.837   1.00 30.97 ? 48  THR A HG1  1 
ATOM   728  H HG21 . THR A 1 48 ? -5.130  -12.622 9.171   1.00 32.79 ? 48  THR A HG21 1 
ATOM   729  H HG22 . THR A 1 48 ? -4.345  -12.731 7.819   1.00 32.79 ? 48  THR A HG22 1 
ATOM   730  H HG23 . THR A 1 48 ? -4.725  -14.029 8.611   1.00 32.79 ? 48  THR A HG23 1 
ATOM   731  N N    . TRP A 1 49 ? -8.614  -14.479 6.373   1.00 19.28 ? 49  TRP A N    1 
ATOM   732  C CA   . TRP A 1 49 ? -9.929  -14.590 5.783   1.00 19.38 ? 49  TRP A CA   1 
ATOM   733  C C    . TRP A 1 49 ? -10.381 -13.242 5.195   1.00 19.13 ? 49  TRP A C    1 
ATOM   734  O O    . TRP A 1 49 ? -11.133 -13.220 4.209   1.00 19.97 ? 49  TRP A O    1 
ATOM   735  C CB   . TRP A 1 49 ? -10.953 -15.099 6.828   1.00 20.46 ? 49  TRP A CB   1 
ATOM   736  C CG   . TRP A 1 49 ? -11.299 -14.072 7.870   1.00 19.28 ? 49  TRP A CG   1 
ATOM   737  C CD1  . TRP A 1 49 ? -10.638 -13.748 9.017   1.00 21.04 ? 49  TRP A CD1  1 
ATOM   738  C CD2  . TRP A 1 49 ? -12.450 -13.192 7.848   1.00 19.84 ? 49  TRP A CD2  1 
ATOM   739  N NE1  . TRP A 1 49 ? -11.281 -12.762 9.691   1.00 21.53 ? 49  TRP A NE1  1 
ATOM   740  C CE2  . TRP A 1 49 ? -12.371 -12.398 9.003   1.00 20.78 ? 49  TRP A CE2  1 
ATOM   741  C CE3  . TRP A 1 49 ? -13.492 -13.029 6.953   1.00 20.76 ? 49  TRP A CE3  1 
ATOM   742  C CZ2  . TRP A 1 49 ? -13.312 -11.431 9.287   1.00 22.37 ? 49  TRP A CZ2  1 
ATOM   743  C CZ3  . TRP A 1 49 ? -14.444 -12.057 7.260   1.00 21.14 ? 49  TRP A CZ3  1 
ATOM   744  C CH2  . TRP A 1 49 ? -14.332 -11.301 8.403   1.00 22.60 ? 49  TRP A CH2  1 
ATOM   745  H H    . TRP A 1 49 ? -8.499  -14.659 7.206   1.00 23.13 ? 49  TRP A H    1 
ATOM   746  H HA   . TRP A 1 49 ? -9.884  -15.243 5.054   1.00 23.25 ? 49  TRP A HA   1 
ATOM   747  H HB2  . TRP A 1 49 ? -11.764 -15.366 6.369   1.00 24.56 ? 49  TRP A HB2  1 
ATOM   748  H HB3  . TRP A 1 49 ? -10.590 -15.884 7.268   1.00 24.56 ? 49  TRP A HB3  1 
ATOM   749  H HD1  . TRP A 1 49 ? -9.848  -14.151 9.301   1.00 25.25 ? 49  TRP A HD1  1 
ATOM   750  H HE1  . TRP A 1 49 ? -11.029 -12.424 10.441  1.00 25.83 ? 49  TRP A HE1  1 
ATOM   751  H HE3  . TRP A 1 49 ? -13.556 -13.545 6.183   1.00 24.91 ? 49  TRP A HE3  1 
ATOM   752  H HZ2  . TRP A 1 49 ? -13.250 -10.897 10.045  1.00 26.84 ? 49  TRP A HZ2  1 
ATOM   753  H HZ3  . TRP A 1 49 ? -15.161 -11.919 6.684   1.00 25.37 ? 49  TRP A HZ3  1 
ATOM   754  H HH2  . TRP A 1 49 ? -14.989 -10.667 8.580   1.00 27.12 ? 49  TRP A HH2  1 
ATOM   755  N N    . ASN A 1 50 ? -9.992  -12.120 5.803   1.00 18.38 ? 50  ASN A N    1 
ATOM   756  C CA   . ASN A 1 50 ? -10.484 -10.816 5.428   1.00 18.55 ? 50  ASN A CA   1 
ATOM   757  C C    . ASN A 1 50 ? -9.417  -9.835  4.871   1.00 18.70 ? 50  ASN A C    1 
ATOM   758  O O    . ASN A 1 50 ? -9.847  -8.804  4.293   1.00 19.06 ? 50  ASN A O    1 
ATOM   759  C CB   . ASN A 1 50 ? -11.213 -10.086 6.562   1.00 19.53 ? 50  ASN A CB   1 
ATOM   760  C CG   . ASN A 1 50 ? -10.395 -9.857  7.803   1.00 20.02 ? 50  ASN A CG   1 
ATOM   761  O OD1  . ASN A 1 50 ? -9.424  -10.559 8.036   1.00 20.56 ? 50  ASN A OD1  1 
ATOM   762  N ND2  . ASN A 1 50 ? -10.819 -8.907  8.622   1.00 22.45 ? 50  ASN A ND2  1 
ATOM   763  H H    . ASN A 1 50 ? -9.424  -12.176 6.446   1.00 22.05 ? 50  ASN A H    1 
ATOM   764  H HA   . ASN A 1 50 ? -11.140 -10.956 4.714   1.00 22.26 ? 50  ASN A HA   1 
ATOM   765  H HB2  . ASN A 1 50 ? -11.515 -9.226  6.230   1.00 23.43 ? 50  ASN A HB2  1 
ATOM   766  H HB3  . ASN A 1 50 ? -12.000 -10.599 6.803   1.00 23.43 ? 50  ASN A HB3  1 
ATOM   767  H HD21 . ASN A 1 50 ? -10.403 -8.759  9.361   1.00 26.94 ? 50  ASN A HD21 1 
ATOM   768  H HD22 . ASN A 1 50 ? -11.509 -8.436  8.416   1.00 26.94 ? 50  ASN A HD22 1 
ATOM   769  N N    . VAL A 1 51 ? -8.165  -10.108 5.006   1.00 18.53 ? 51  VAL A N    1 
ATOM   770  C CA   . VAL A 1 51 ? -7.105  -9.182  4.635   1.00 18.41 ? 51  VAL A CA   1 
ATOM   771  C C    . VAL A 1 51 ? -6.025  -9.859  3.814   1.00 17.57 ? 51  VAL A C    1 
ATOM   772  O O    . VAL A 1 51 ? -5.485  -10.910 4.169   1.00 18.92 ? 51  VAL A O    1 
ATOM   773  C CB   . VAL A 1 51 ? -6.491  -8.455  5.834   1.00 20.04 ? 51  VAL A CB   1 
ATOM   774  C CG1  . VAL A 1 51 ? -5.296  -7.595  5.474   1.00 20.39 ? 51  VAL A CG1  1 
ATOM   775  C CG2  . VAL A 1 51 ? -7.581  -7.622  6.556   1.00 22.41 ? 51  VAL A CG2  1 
ATOM   776  H H    . VAL A 1 51 ? -7.945  -10.874 5.331   1.00 22.23 ? 51  VAL A H    1 
ATOM   777  H HA   . VAL A 1 51 ? -7.512  -8.497  4.063   1.00 22.10 ? 51  VAL A HA   1 
ATOM   778  H HB   . VAL A 1 51 ? -6.181  -9.139  6.464   1.00 24.05 ? 51  VAL A HB   1 
ATOM   779  H HG11 . VAL A 1 51 ? -4.955  -7.172  6.266   1.00 30.58 ? 51  VAL A HG11 1 
ATOM   780  H HG12 . VAL A 1 51 ? -5.563  -6.924  4.843   1.00 30.58 ? 51  VAL A HG12 1 
ATOM   781  H HG13 . VAL A 1 51 ? -4.611  -8.145  5.086   1.00 30.58 ? 51  VAL A HG13 1 
ATOM   782  H HG21 . VAL A 1 51 ? -8.319  -8.190  6.785   1.00 33.62 ? 51  VAL A HG21 1 
ATOM   783  H HG22 . VAL A 1 51 ? -7.886  -6.922  5.973   1.00 33.62 ? 51  VAL A HG22 1 
ATOM   784  H HG23 . VAL A 1 51 ? -7.212  -7.236  7.354   1.00 33.62 ? 51  VAL A HG23 1 
ATOM   785  N N    . TYR A 1 52 ? -5.629  -9.184  2.754   1.00 18.10 ? 52  TYR A N    1 
ATOM   786  C CA   . TYR A 1 52 ? -4.391  -9.477  2.015   1.00 18.54 ? 52  TYR A CA   1 
ATOM   787  C C    . TYR A 1 52 ? -3.532  -8.218  2.123   1.00 18.81 ? 52  TYR A C    1 
ATOM   788  O O    . TYR A 1 52 ? -3.997  -7.135  1.773   1.00 22.82 ? 52  TYR A O    1 
ATOM   789  C CB   . TYR A 1 52 ? -4.701  -9.764  0.558   1.00 19.17 ? 52  TYR A CB   1 
ATOM   790  C CG   . TYR A 1 52 ? -3.482  -9.927  -0.289  1.00 20.57 ? 52  TYR A CG   1 
ATOM   791  C CD1  . TYR A 1 52 ? -2.901  -11.142 -0.411  1.00 22.48 ? 52  TYR A CD1  1 
ATOM   792  C CD2  . TYR A 1 52 ? -2.921  -8.841  -0.960  1.00 23.64 ? 52  TYR A CD2  1 
ATOM   793  C CE1  . TYR A 1 52 ? -1.756  -11.287 -1.211  1.00 25.20 ? 52  TYR A CE1  1 
ATOM   794  C CE2  . TYR A 1 52 ? -1.783  -8.971  -1.708  1.00 27.32 ? 52  TYR A CE2  1 
ATOM   795  C CZ   . TYR A 1 52 ? -1.204  -10.210 -1.813  1.00 25.52 ? 52  TYR A CZ   1 
ATOM   796  O OH   . TYR A 1 52 ? -0.093  -10.287 -2.610  1.00 32.00 ? 52  TYR A OH   1 
ATOM   797  H H    . TYR A 1 52 ? -6.122  -8.536  2.478   1.00 21.72 ? 52  TYR A H    1 
ATOM   798  H HA   . TYR A 1 52 ? -3.927  -10.240 2.420   1.00 22.24 ? 52  TYR A HA   1 
ATOM   799  H HB2  . TYR A 1 52 ? -5.231  -10.573 0.504   1.00 23.00 ? 52  TYR A HB2  1 
ATOM   800  H HB3  . TYR A 1 52 ? -5.235  -9.036  0.202   1.00 23.00 ? 52  TYR A HB3  1 
ATOM   801  H HD1  . TYR A 1 52 ? -3.257  -11.877 0.033   1.00 26.97 ? 52  TYR A HD1  1 
ATOM   802  H HD2  . TYR A 1 52 ? -3.329  -8.008  -0.897  1.00 28.37 ? 52  TYR A HD2  1 
ATOM   803  H HE1  . TYR A 1 52 ? -1.377  -12.127 -1.327  1.00 30.24 ? 52  TYR A HE1  1 
ATOM   804  H HE2  . TYR A 1 52 ? -1.409  -8.235  -2.136  1.00 32.79 ? 52  TYR A HE2  1 
ATOM   805  H HH   . TYR A 1 52 ? 0.172   -11.063 -2.635  1.00 47.99 ? 52  TYR A HH   1 
ATOM   806  N N    . ASN A 1 53 ? -2.279  -8.349  2.504   1.00 17.94 ? 53  ASN A N    1 
ATOM   807  C CA   . ASN A 1 53 ? -1.397  -7.188  2.450   1.00 18.36 ? 53  ASN A CA   1 
ATOM   808  C C    . ASN A 1 53 ? -0.057  -7.665  1.897   1.00 18.51 ? 53  ASN A C    1 
ATOM   809  O O    . ASN A 1 53 ? 0.519   -8.623  2.406   1.00 20.46 ? 53  ASN A O    1 
ATOM   810  C CB   . ASN A 1 53 ? -1.185  -6.549  3.819   1.00 18.69 ? 53  ASN A CB   1 
ATOM   811  C CG   . ASN A 1 53 ? -0.343  -5.288  3.750   1.00 19.27 ? 53  ASN A CG   1 
ATOM   812  O OD1  . ASN A 1 53 ? -0.659  -4.351  3.027   1.00 20.76 ? 53  ASN A OD1  1 
ATOM   813  N ND2  . ASN A 1 53 ? 0.740   -5.304  4.494   1.00 21.88 ? 53  ASN A ND2  1 
ATOM   814  H H    . ASN A 1 53 ? -1.984  -9.107  2.782   1.00 21.53 ? 53  ASN A H    1 
ATOM   815  H HA   . ASN A 1 53 ? -1.778  -6.523  1.840   1.00 22.03 ? 53  ASN A HA   1 
ATOM   816  H HB2  . ASN A 1 53 ? -2.048  -6.333  4.206   1.00 22.42 ? 53  ASN A HB2  1 
ATOM   817  H HB3  . ASN A 1 53 ? -0.750  -7.189  4.404   1.00 22.42 ? 53  ASN A HB3  1 
ATOM   818  H HD21 . ASN A 1 53 ? 1.274   -4.630  4.489   1.00 26.25 ? 53  ASN A HD21 1 
ATOM   819  H HD22 . ASN A 1 53 ? 0.914   -5.988  4.984   1.00 26.25 ? 53  ASN A HD22 1 
ATOM   820  N N    . LYS A 1 54 ? 0.446   -6.886  0.964   1.00 17.55 ? 54  LYS A N    1 
ATOM   821  C CA   . LYS A 1 54 ? 1.738   -7.100  0.311   1.00 18.39 ? 54  LYS A CA   1 
ATOM   822  C C    . LYS A 1 54 ? 2.613   -5.895  0.551   1.00 17.86 ? 54  LYS A C    1 
ATOM   823  O O    . LYS A 1 54 ? 2.129   -4.748  0.512   1.00 18.44 ? 54  LYS A O    1 
ATOM   824  C CB   . LYS A 1 54 ? 1.544   -7.353  -1.168  1.00 20.52 ? 54  LYS A CB   1 
ATOM   825  C CG   . LYS A 1 54 ? 2.781   -7.606  -1.957  1.00 24.85 ? 54  LYS A CG   1 
ATOM   826  C CD   A LYS A 1 54 ? 2.760   -7.995  -3.399  0.50 21.71 ? 54  LYS A CD   1 
ATOM   827  C CD   B LYS A 1 54 ? 2.293   -8.478  -3.151  0.50 32.04 ? 54  LYS A CD   1 
ATOM   828  C CE   A LYS A 1 54 ? 4.167   -8.101  -3.937  0.50 20.75 ? 54  LYS A CE   1 
ATOM   829  C CE   B LYS A 1 54 ? 1.058   -8.080  -3.901  0.50 35.13 ? 54  LYS A CE   1 
ATOM   830  N NZ   A LYS A 1 54 ? 5.021   -9.178  -3.328  0.50 22.61 ? 54  LYS A NZ   1 
ATOM   831  N NZ   B LYS A 1 54 ? 0.243   -9.051  -4.748  0.50 29.03 ? 54  LYS A NZ   1 
ATOM   832  H H    . LYS A 1 54 ? -0.017  -6.204  0.719   1.00 21.06 ? 54  LYS A H    1 
ATOM   833  H HA   . LYS A 1 54 ? 2.167   -7.886  0.711   1.00 22.07 ? 54  LYS A HA   1 
ATOM   834  H HB2  . LYS A 1 54 ? 0.956   -8.116  -1.271  1.00 24.62 ? 54  LYS A HB2  1 
ATOM   835  H HB3  . LYS A 1 54 ? 1.092   -6.584  -1.550  1.00 24.62 ? 54  LYS A HB3  1 
ATOM   836  H HG2  A LYS A 1 54 ? 3.318   -6.800  -1.896  1.00 29.82 ? 54  LYS A HG2  1 
ATOM   837  H HG3  A LYS A 1 54 ? 3.270   -8.301  -1.490  1.00 29.82 ? 54  LYS A HG3  1 
ATOM   838  H HD2  A LYS A 1 54 ? 2.309   -8.847  -3.499  0.50 26.06 ? 54  LYS A HD2  1 
ATOM   839  H HD2  B LYS A 1 54 ? 3.019   -8.525  -3.792  0.50 38.45 ? 54  LYS A HD2  1 
ATOM   840  H HD3  A LYS A 1 54 ? 2.267   -7.332  -3.907  0.50 26.06 ? 54  LYS A HD3  1 
ATOM   841  H HD3  B LYS A 1 54 ? 2.152   -9.377  -2.815  0.50 38.45 ? 54  LYS A HD3  1 
ATOM   842  H HE2  A LYS A 1 54 ? 4.117   -8.256  -4.893  0.50 24.90 ? 54  LYS A HE2  1 
ATOM   843  H HE2  B LYS A 1 54 ? 0.447   -7.706  -3.246  0.50 42.16 ? 54  LYS A HE2  1 
ATOM   844  H HE3  A LYS A 1 54 ? 4.611   -7.248  -3.803  0.50 24.90 ? 54  LYS A HE3  1 
ATOM   845  H HE3  B LYS A 1 54 ? 1.315   -7.351  -4.486  0.50 42.16 ? 54  LYS A HE3  1 
ATOM   846  H HZ1  A LYS A 1 54 ? 5.815   -9.190  -3.731  0.50 33.92 ? 54  LYS A HZ1  1 
ATOM   847  H HZ1  B LYS A 1 54 ? -0.495  -8.645  -5.038  0.50 43.54 ? 54  LYS A HZ1  1 
ATOM   848  H HZ2  A LYS A 1 54 ? 4.624   -9.967  -3.433  0.50 33.92 ? 54  LYS A HZ2  1 
ATOM   849  H HZ2  B LYS A 1 54 ? 0.018   -9.758  -4.256  0.50 43.54 ? 54  LYS A HZ2  1 
ATOM   850  H HZ3  A LYS A 1 54 ? 5.132   -9.014  -2.460  0.50 33.92 ? 54  LYS A HZ3  1 
ATOM   851  H HZ3  B LYS A 1 54 ? 0.728   -9.317  -5.445  0.50 43.54 ? 54  LYS A HZ3  1 
ATOM   852  N N    . CYS A 1 55 ? 3.890   -6.147  0.726   1.00 19.02 ? 55  CYS A N    1 
ATOM   853  C CA   . CYS A 1 55 ? 4.903   -5.145  0.991   1.00 19.51 ? 55  CYS A CA   1 
ATOM   854  C C    . CYS A 1 55 ? 5.964   -5.111  -0.103  1.00 19.52 ? 55  CYS A C    1 
ATOM   855  O O    . CYS A 1 55 ? 6.379   -6.157  -0.576  1.00 22.35 ? 55  CYS A O    1 
ATOM   856  C CB   . CYS A 1 55 ? 5.613   -5.494  2.359   1.00 22.10 ? 55  CYS A CB   1 
ATOM   857  S SG   . CYS A 1 55 ? 4.457   -5.639  3.733   1.00 22.84 ? 55  CYS A SG   1 
ATOM   858  H H    . CYS A 1 55 ? 4.144   -6.968  0.682   1.00 22.82 ? 55  CYS A H    1 
ATOM   859  H HA   . CYS A 1 55 ? 4.478   -4.265  1.060   1.00 23.41 ? 55  CYS A HA   1 
ATOM   860  H HB2  . CYS A 1 55 ? 6.094   -6.331  2.261   1.00 26.52 ? 55  CYS A HB2  1 
ATOM   861  H HB3  . CYS A 1 55 ? 6.262   -4.802  2.564   1.00 26.52 ? 55  CYS A HB3  1 
ATOM   862  N N    . CYS A 1 56 ? 6.425   -3.929  -0.474  1.00 18.24 ? 56  CYS A N    1 
ATOM   863  C CA   . CYS A 1 56 ? 7.497   -3.829  -1.480  1.00 19.28 ? 56  CYS A CA   1 
ATOM   864  C C    . CYS A 1 56 ? 8.305   -2.618  -1.186  1.00 18.96 ? 56  CYS A C    1 
ATOM   865  O O    . CYS A 1 56 ? 7.862   -1.703  -0.446  1.00 21.04 ? 56  CYS A O    1 
ATOM   866  C CB   . CYS A 1 56 ? 6.939   -3.871  -2.901  1.00 20.29 ? 56  CYS A CB   1 
ATOM   867  S SG   . CYS A 1 56 ? 5.738   -2.585  -3.306  1.00 20.23 ? 56  CYS A SG   1 
ATOM   868  H H    . CYS A 1 56 ? 6.098   -3.213  -0.126  1.00 21.89 ? 56  CYS A H    1 
ATOM   869  H HA   . CYS A 1 56 ? 8.081   -4.609  -1.368  1.00 23.14 ? 56  CYS A HA   1 
ATOM   870  H HB2  . CYS A 1 56 ? 7.680   -3.805  -3.523  1.00 24.35 ? 56  CYS A HB2  1 
ATOM   871  H HB3  . CYS A 1 56 ? 6.520   -4.736  -3.039  1.00 24.35 ? 56  CYS A HB3  1 
ATOM   872  N N    . THR A 1 57 ? 9.540   -2.498  -1.700  1.00 18.92 ? 57  THR A N    1 
ATOM   873  C CA   . THR A 1 57 ? 10.490  -1.475  -1.273  1.00 20.11 ? 57  THR A CA   1 
ATOM   874  C C    . THR A 1 57 ? 11.070  -0.618  -2.386  1.00 21.45 ? 57  THR A C    1 
ATOM   875  O O    . THR A 1 57 ? 12.116  0.011   -2.185  1.00 23.33 ? 57  THR A O    1 
ATOM   876  C CB   . THR A 1 57 ? 11.645  -2.098  -0.454  1.00 20.31 ? 57  THR A CB   1 
ATOM   877  O OG1  . THR A 1 57 ? 12.348  -3.049  -1.252  1.00 20.53 ? 57  THR A OG1  1 
ATOM   878  C CG2  . THR A 1 57 ? 11.134  -2.791  0.776   1.00 20.14 ? 57  THR A CG2  1 
ATOM   879  H H    . THR A 1 57 ? 9.783   -3.051  -2.313  1.00 22.70 ? 57  THR A H    1 
ATOM   880  H HA   . THR A 1 57 ? 10.007  -0.871  -0.672  1.00 24.13 ? 57  THR A HA   1 
ATOM   881  H HB   . THR A 1 57 ? 12.264  -1.388  -0.184  1.00 24.38 ? 57  THR A HB   1 
ATOM   882  H HG1  . THR A 1 57 ? 12.637  -2.679  -1.925  1.00 30.79 ? 57  THR A HG1  1 
ATOM   883  H HG21 . THR A 1 57 ? 11.872  -3.169  1.260   1.00 30.21 ? 57  THR A HG21 1 
ATOM   884  H HG22 . THR A 1 57 ? 10.528  -3.491  0.521   1.00 30.21 ? 57  THR A HG22 1 
ATOM   885  H HG23 . THR A 1 57 ? 10.676  -2.159  1.333   1.00 30.21 ? 57  THR A HG23 1 
ATOM   886  N N    . THR A 1 58 ? 10.397  -0.476  -3.513  1.00 21.74 ? 58  THR A N    1 
ATOM   887  C CA   . THR A 1 58 ? 10.870  0.408   -4.563  1.00 21.74 ? 58  THR A CA   1 
ATOM   888  C C    . THR A 1 58 ? 9.749   1.350   -5.011  1.00 20.32 ? 58  THR A C    1 
ATOM   889  O O    . THR A 1 58 ? 8.589   1.158   -4.819  1.00 19.98 ? 58  THR A O    1 
ATOM   890  C CB   . THR A 1 58 ? 11.477  -0.321  -5.757  1.00 26.15 ? 58  THR A CB   1 
ATOM   891  O OG1  . THR A 1 58 ? 10.453  -1.187  -6.311  1.00 29.08 ? 58  THR A OG1  1 
ATOM   892  C CG2  . THR A 1 58 ? 12.599  -1.258  -5.380  1.00 35.44 ? 58  THR A CG2  1 
ATOM   893  H H    . THR A 1 58 ? 9.665   -0.913  -3.627  1.00 26.09 ? 58  THR A H    1 
ATOM   894  H HA   . THR A 1 58 ? 11.577  0.966   -4.175  1.00 26.09 ? 58  THR A HA   1 
ATOM   895  H HB   . THR A 1 58 ? 11.782  0.321   -6.430  1.00 31.38 ? 58  THR A HB   1 
ATOM   896  H HG1  . THR A 1 58 ? 9.803   -0.735  -6.532  1.00 43.62 ? 58  THR A HG1  1 
ATOM   897  H HG21 . THR A 1 58 ? 12.920  -1.707  -6.166  1.00 53.16 ? 58  THR A HG21 1 
ATOM   898  H HG22 . THR A 1 58 ? 12.277  -1.907  -4.751  1.00 53.16 ? 58  THR A HG22 1 
ATOM   899  H HG23 . THR A 1 58 ? 13.315  -0.757  -4.984  1.00 53.16 ? 58  THR A HG23 1 
ATOM   900  N N    . ASN A 1 59 ? 10.215  2.425   -5.691  1.00 20.16 ? 59  ASN A N    1 
ATOM   901  C CA   . ASN A 1 59 ? 9.361   3.503   -6.106  1.00 19.15 ? 59  ASN A CA   1 
ATOM   902  C C    . ASN A 1 59 ? 8.142   2.979   -6.879  1.00 19.42 ? 59  ASN A C    1 
ATOM   903  O O    . ASN A 1 59 ? 8.234   2.255   -7.843  1.00 19.90 ? 59  ASN A O    1 
ATOM   904  C CB   . ASN A 1 59 ? 10.188  4.447   -6.977  1.00 20.53 ? 59  ASN A CB   1 
ATOM   905  C CG   . ASN A 1 59 ? 9.439   5.702   -7.381  1.00 21.76 ? 59  ASN A CG   1 
ATOM   906  O OD1  . ASN A 1 59 ? 9.122   5.964   -8.538  1.00 26.96 ? 59  ASN A OD1  1 
ATOM   907  N ND2  . ASN A 1 59 ? 9.183   6.483   -6.395  1.00 21.92 ? 59  ASN A ND2  1 
ATOM   908  H H    . ASN A 1 59 ? 11.053  2.463   -5.881  1.00 24.20 ? 59  ASN A H    1 
ATOM   909  H HA   . ASN A 1 59 ? 9.051   3.990   -5.314  1.00 22.98 ? 59  ASN A HA   1 
ATOM   910  H HB2  . ASN A 1 59 ? 10.990  4.701   -6.492  1.00 24.64 ? 59  ASN A HB2  1 
ATOM   911  H HB3  . ASN A 1 59 ? 10.466  3.974   -7.777  1.00 24.64 ? 59  ASN A HB3  1 
ATOM   912  H HD21 . ASN A 1 59 ? 8.775   7.228   -6.531  1.00 26.30 ? 59  ASN A HD21 1 
ATOM   913  H HD22 . ASN A 1 59 ? 9.422   6.263   -5.599  1.00 26.30 ? 59  ASN A HD22 1 
ATOM   914  N N    . LEU A 1 60 ? 6.959   3.370   -6.431  1.00 19.24 ? 60  LEU A N    1 
ATOM   915  C CA   . LEU A 1 60 ? 5.684   3.099   -7.066  1.00 19.16 ? 60  LEU A CA   1 
ATOM   916  C C    . LEU A 1 60 ? 5.470   1.615   -7.334  1.00 19.61 ? 60  LEU A C    1 
ATOM   917  O O    . LEU A 1 60 ? 4.873   1.188   -8.317  1.00 22.75 ? 60  LEU A O    1 
ATOM   918  C CB   . LEU A 1 60 ? 5.545   3.940   -8.356  1.00 20.92 ? 60  LEU A CB   1 
ATOM   919  C CG   . LEU A 1 60 ? 5.537   5.453   -8.129  1.00 20.08 ? 60  LEU A CG   1 
ATOM   920  C CD1  . LEU A 1 60 ? 5.439   6.199   -9.479  1.00 23.17 ? 60  LEU A CD1  1 
ATOM   921  C CD2  . LEU A 1 60 ? 4.399   5.860   -7.230  1.00 20.18 ? 60  LEU A CD2  1 
ATOM   922  H H    . LEU A 1 60 ? 6.945   3.824   -5.700  1.00 23.09 ? 60  LEU A H    1 
ATOM   923  H HA   . LEU A 1 60 ? 4.981   3.390   -6.449  1.00 23.00 ? 60  LEU A HA   1 
ATOM   924  H HB2  . LEU A 1 60 ? 6.279   3.719   -8.951  1.00 25.10 ? 60  LEU A HB2  1 
ATOM   925  H HB3  . LEU A 1 60 ? 4.721   3.688   -8.802  1.00 25.10 ? 60  LEU A HB3  1 
ATOM   926  H HG   . LEU A 1 60 ? 6.379   5.705   -7.696  1.00 24.10 ? 60  LEU A HG   1 
ATOM   927  H HD11 . LEU A 1 60 ? 6.161   5.925   -10.050 1.00 34.76 ? 60  LEU A HD11 1 
ATOM   928  H HD12 . LEU A 1 60 ? 5.493   7.145   -9.327  1.00 34.76 ? 60  LEU A HD12 1 
ATOM   929  H HD13 . LEU A 1 60 ? 4.602   5.990   -9.901  1.00 34.76 ? 60  LEU A HD13 1 
ATOM   930  H HD21 . LEU A 1 60 ? 4.478   5.407   -6.387  1.00 30.27 ? 60  LEU A HD21 1 
ATOM   931  H HD22 . LEU A 1 60 ? 3.565   5.624   -7.642  1.00 30.27 ? 60  LEU A HD22 1 
ATOM   932  H HD23 . LEU A 1 60 ? 4.428   6.809   -7.087  1.00 30.27 ? 60  LEU A HD23 1 
ATOM   933  N N    . CYS A 1 61 ? 5.924   0.784   -6.405  1.00 19.68 ? 61  CYS A N    1 
ATOM   934  C CA   . CYS A 1 61 ? 5.893   -0.667  -6.559  1.00 19.84 ? 61  CYS A CA   1 
ATOM   935  C C    . CYS A 1 61 ? 4.528   -1.279  -6.245  1.00 19.26 ? 61  CYS A C    1 
ATOM   936  O O    . CYS A 1 61 ? 4.253   -2.412  -6.623  1.00 21.29 ? 61  CYS A O    1 
ATOM   937  C CB   . CYS A 1 61 ? 6.971   -1.341  -5.729  1.00 20.41 ? 61  CYS A CB   1 
ATOM   938  S SG   . CYS A 1 61 ? 6.925   -1.054  -3.941  1.00 19.82 ? 61  CYS A SG   1 
ATOM   939  H H    . CYS A 1 61 ? 6.252   1.114   -5.681  1.00 23.62 ? 61  CYS A H    1 
ATOM   940  H HA   . CYS A 1 61 ? 6.087   -0.862  -7.500  1.00 23.80 ? 61  CYS A HA   1 
ATOM   941  H HB2  . CYS A 1 61 ? 6.917   -2.297  -5.882  1.00 24.49 ? 61  CYS A HB2  1 
ATOM   942  H HB3  . CYS A 1 61 ? 7.835   -1.045  -6.058  1.00 24.49 ? 61  CYS A HB3  1 
ATOM   943  N N    . ASN A 1 62 ? 3.663   -0.554  -5.512  1.00 18.87 ? 62  ASN A N    1 
ATOM   944  C CA   . ASN A 1 62 ? 2.381   -1.068  -5.059  1.00 18.23 ? 62  ASN A CA   1 
ATOM   945  C C    . ASN A 1 62 ? 1.301   -0.809  -6.112  1.00 19.84 ? 62  ASN A C    1 
ATOM   946  O O    . ASN A 1 62 ? 0.321   -0.061  -5.928  1.00 21.52 ? 62  ASN A O    1 
ATOM   947  C CB   . ASN A 1 62 ? 1.993   -0.509  -3.709  1.00 17.86 ? 62  ASN A CB   1 
ATOM   948  C CG   . ASN A 1 62 ? 1.929   0.998   -3.642  1.00 16.38 ? 62  ASN A CG   1 
ATOM   949  O OD1  . ASN A 1 62 ? 2.527   1.724   -4.436  1.00 17.18 ? 62  ASN A OD1  1 
ATOM   950  N ND2  . ASN A 1 62 ? 1.203   1.491   -2.623  1.00 16.73 ? 62  ASN A ND2  1 
ATOM   951  H H    . ASN A 1 62 ? 3.879   0.252   -5.304  1.00 22.64 ? 62  ASN A H    1 
ATOM   952  H HA   . ASN A 1 62 ? 2.470   -2.039  -4.961  1.00 21.88 ? 62  ASN A HA   1 
ATOM   953  H HB2  . ASN A 1 62 ? 1.124   -0.866  -3.465  1.00 21.43 ? 62  ASN A HB2  1 
ATOM   954  H HB3  . ASN A 1 62 ? 2.633   -0.822  -3.050  1.00 21.43 ? 62  ASN A HB3  1 
ATOM   955  H HD21 . ASN A 1 62 ? 1.145   2.341   -2.509  1.00 20.08 ? 62  ASN A HD21 1 
ATOM   956  H HD22 . ASN A 1 62 ? 0.798   0.956   -2.086  1.00 20.08 ? 62  ASN A HD22 1 
ATOM   957  N N    . THR A 1 63 ? 1.434   -1.386  -7.307  1.00 22.62 ? 63  THR A N    1 
ATOM   958  C CA   . THR A 1 63 ? 0.506   -1.324  -8.419  1.00 22.92 ? 63  THR A CA   1 
ATOM   959  C C    . THR A 1 63 ? -0.695  -2.282  -8.302  1.00 28.88 ? 63  THR A C    1 
ATOM   960  O O    . THR A 1 63 ? -1.708  -2.115  -8.988  1.00 34.17 ? 63  THR A O    1 
ATOM   961  C CB   . THR A 1 63 ? 1.223   -1.684  -9.742  1.00 24.81 ? 63  THR A CB   1 
ATOM   962  O OG1  . THR A 1 63 ? 1.970   -2.925  -9.623  1.00 25.81 ? 63  THR A OG1  1 
ATOM   963  C CG2  . THR A 1 63 ? 2.231   -0.593  -10.031 1.00 28.96 ? 63  THR A CG2  1 
ATOM   964  O OXT  . THR A 1 63 ? -0.585  -3.253  -7.530  1.00 33.85 ? 63  THR A OXT  1 
ATOM   965  H H    . THR A 1 63 ? 2.149   -1.847  -7.431  1.00 27.14 ? 63  THR A H    1 
ATOM   966  H HA   . THR A 1 63 ? 0.167   -0.407  -8.490  1.00 27.51 ? 63  THR A HA   1 
ATOM   967  H HB   . THR A 1 63 ? 0.574   -1.748  -10.472 1.00 29.77 ? 63  THR A HB   1 
ATOM   968  H HG1  . THR A 1 63 ? 1.452   -3.542  -9.467  1.00 38.71 ? 63  THR A HG1  1 
ATOM   969  H HG21 . THR A 1 63 ? 2.673   -0.777  -10.863 1.00 43.43 ? 63  THR A HG21 1 
ATOM   970  H HG22 . THR A 1 63 ? 2.880   -0.560  -9.324  1.00 43.43 ? 63  THR A HG22 1 
ATOM   971  H HG23 . THR A 1 63 ? 1.779   0.253   -10.089 1.00 43.43 ? 63  THR A HG23 1 
HETATM 972  O O    . HOH B 2 .  ? 0.862   -1.126  6.802   1.00 63.95 ? 101 HOH A O    1 
HETATM 973  O O    . HOH B 2 .  ? -4.642  4.512   0.122   1.00 17.35 ? 102 HOH A O    1 
HETATM 974  O O    . HOH B 2 .  ? -9.586  3.142   -0.822  1.00 19.59 ? 103 HOH A O    1 
HETATM 975  O O    . HOH B 2 .  ? -0.865  12.182  -7.466  1.00 22.73 ? 104 HOH A O    1 
HETATM 976  O O    . HOH B 2 .  ? -11.029 1.206   -2.165  1.00 21.20 ? 105 HOH A O    1 
HETATM 977  O O    . HOH B 2 .  ? 12.825  1.312   0.177   1.00 26.26 ? 106 HOH A O    1 
HETATM 978  O O    . HOH B 2 .  ? -3.648  6.032   4.696   1.00 31.13 ? 107 HOH A O    1 
HETATM 979  O O    . HOH B 2 .  ? 2.980   -3.334  -1.769  1.00 21.21 ? 108 HOH A O    1 
HETATM 980  O O    . HOH B 2 .  ? -7.234  5.142   -11.223 1.00 30.35 ? 109 HOH A O    1 
HETATM 981  O O    . HOH B 2 .  ? 11.586  5.810   1.286   1.00 29.61 ? 110 HOH A O    1 
HETATM 982  O O    . HOH B 2 .  ? -11.558 -0.738  6.314   1.00 24.36 ? 111 HOH A O    1 
HETATM 983  O O    . HOH B 2 .  ? -14.132 -1.782  3.643   1.00 27.33 ? 112 HOH A O    1 
HETATM 984  O O    . HOH B 2 .  ? 2.445   -4.595  -4.062  1.00 30.85 ? 113 HOH A O    1 
HETATM 985  O O    . HOH B 2 .  ? -0.932  10.465  -9.845  1.00 25.10 ? 114 HOH A O    1 
HETATM 986  O O    . HOH B 2 .  ? 3.528   13.616  -1.769  1.00 29.77 ? 115 HOH A O    1 
HETATM 987  O O    . HOH B 2 .  ? 6.209   -10.134 6.343   1.00 32.76 ? 116 HOH A O    1 
HETATM 988  O O    . HOH B 2 .  ? -7.055  2.958   -9.580  1.00 29.55 ? 117 HOH A O    1 
HETATM 989  O O    . HOH B 2 .  ? 4.248   9.084   3.164   1.00 22.63 ? 118 HOH A O    1 
HETATM 990  O O    . HOH B 2 .  ? -6.229  6.436   1.192   1.00 23.12 ? 119 HOH A O    1 
HETATM 991  O O    . HOH B 2 .  ? -2.021  6.280   2.248   1.00 31.46 ? 120 HOH A O    1 
HETATM 992  O O    . HOH B 2 .  ? 13.069  3.071   -5.517  1.00 27.02 ? 121 HOH A O    1 
HETATM 993  O O    . HOH B 2 .  ? -7.578  -11.220 9.817   1.00 27.58 ? 122 HOH A O    1 
HETATM 994  O O    . HOH B 2 .  ? -3.255  14.361  -3.743  1.00 35.58 ? 123 HOH A O    1 
HETATM 995  O O    . HOH B 2 .  ? -1.848  1.491   -7.435  1.00 26.56 ? 124 HOH A O    1 
HETATM 996  O O    . HOH B 2 .  ? 12.564  9.554   7.860   1.00 28.70 ? 125 HOH A O    1 
HETATM 997  O O    . HOH B 2 .  ? 1.922   7.196   2.759   1.00 27.82 ? 126 HOH A O    1 
HETATM 998  O O    . HOH B 2 .  ? -10.773 -11.156 12.063  1.00 31.45 ? 127 HOH A O    1 
HETATM 999  O O    . HOH B 2 .  ? -5.894  -6.335  -6.195  1.00 31.77 ? 128 HOH A O    1 
HETATM 1000 O O    . HOH B 2 .  ? -1.436  -13.812 7.463   1.00 32.27 ? 129 HOH A O    1 
HETATM 1001 O O    . HOH B 2 .  ? 11.816  8.451   0.458   1.00 24.95 ? 130 HOH A O    1 
HETATM 1002 O O    . HOH B 2 .  ? 8.984   12.556  -4.156  1.00 40.47 ? 131 HOH A O    1 
HETATM 1003 O O    . HOH B 2 .  ? -0.828  12.286  -2.653  1.00 37.13 ? 132 HOH A O    1 
HETATM 1004 O O    . HOH B 2 .  ? 0.956   -11.490 1.168   1.00 42.13 ? 133 HOH A O    1 
HETATM 1005 O O    . HOH B 2 .  ? -6.327  -16.855 3.823   1.00 32.84 ? 134 HOH A O    1 
HETATM 1006 O O    . HOH B 2 .  ? -13.209 -6.988  7.494   1.00 33.91 ? 135 HOH A O    1 
HETATM 1007 O O    . HOH B 2 .  ? -14.954 -3.208  5.849   1.00 44.94 ? 136 HOH A O    1 
HETATM 1008 O O    . HOH B 2 .  ? 13.115  5.964   -5.256  1.00 39.54 ? 137 HOH A O    1 
HETATM 1009 O O    . HOH B 2 .  ? 0.294   -6.671  -8.446  1.00 43.61 ? 138 HOH A O    1 
HETATM 1010 O O    . HOH B 2 .  ? -7.768  -15.994 -0.095  1.00 30.49 ? 139 HOH A O    1 
HETATM 1011 O O    . HOH B 2 .  ? 10.282  9.049   -6.594  1.00 36.63 ? 140 HOH A O    1 
HETATM 1012 O O    . HOH B 2 .  ? -11.493 -1.706  -4.446  1.00 63.45 ? 141 HOH A O    1 
HETATM 1013 O O    . HOH B 2 .  ? 6.318   -8.811  -0.839  1.00 28.70 ? 142 HOH A O    1 
HETATM 1014 O O    . HOH B 2 .  ? 4.455   -3.555  -9.328  1.00 36.39 ? 143 HOH A O    1 
HETATM 1015 O O    . HOH B 2 .  ? 1.192   -4.822  -6.417  1.00 42.80 ? 144 HOH A O    1 
HETATM 1016 O O    . HOH B 2 .  ? -4.835  -2.952  -5.956  1.00 42.43 ? 145 HOH A O    1 
HETATM 1017 O O    . HOH B 2 .  ? -1.840  0.932   -10.784 1.00 45.05 ? 146 HOH A O    1 
HETATM 1018 O O    . HOH B 2 .  ? -3.701  -14.561 -1.354  1.00 38.80 ? 147 HOH A O    1 
HETATM 1019 O O    . HOH B 2 .  ? 14.073  7.277   -3.170  1.00 46.81 ? 148 HOH A O    1 
HETATM 1020 O O    . HOH B 2 .  ? 12.558  2.737   9.040   1.00 45.66 ? 149 HOH A O    1 
HETATM 1021 O O    . HOH B 2 .  ? 7.783   8.634   -9.187  1.00 36.96 ? 150 HOH A O    1 
HETATM 1022 O O    . HOH B 2 .  ? 4.628   -5.150  -5.678  1.00 34.84 ? 151 HOH A O    1 
HETATM 1023 O O    . HOH B 2 .  ? -2.262  -17.011 6.403   1.00 53.04 ? 152 HOH A O    1 
HETATM 1024 O O    . HOH B 2 .  ? -3.085  13.899  -6.687  1.00 29.35 ? 153 HOH A O    1 
HETATM 1025 O O    . HOH B 2 .  ? 13.424  4.125   0.452   1.00 30.26 ? 154 HOH A O    1 
HETATM 1026 O O    . HOH B 2 .  ? -10.936 -13.155 13.526  1.00 34.28 ? 155 HOH A O    1 
HETATM 1027 O O    . HOH B 2 .  ? 14.942  1.733   -6.939  1.00 35.02 ? 156 HOH A O    1 
HETATM 1028 O O    . HOH B 2 .  ? 15.193  0.375   1.253   1.00 41.72 ? 157 HOH A O    1 
HETATM 1029 O O    . HOH B 2 .  ? 14.464  9.129   0.311   1.00 40.12 ? 158 HOH A O    1 
HETATM 1030 O O    . HOH B 2 .  ? 0.449   13.707  -0.865  1.00 51.39 ? 159 HOH A O    1 
HETATM 1031 O O    . HOH B 2 .  ? -4.412  8.025   1.448   1.00 44.14 ? 160 HOH A O    1 
HETATM 1032 O O    . HOH B 2 .  ? 1.382   13.415  -7.896  1.00 48.57 ? 161 HOH A O    1 
HETATM 1033 O O    . HOH B 2 .  ? 1.065   -12.971 -2.481  1.00 51.80 ? 162 HOH A O    1 
HETATM 1034 O O    . HOH B 2 .  ? 10.929  10.808  -3.860  1.00 42.97 ? 163 HOH A O    1 
HETATM 1035 O O    . HOH B 2 .  ? 3.999   -12.056 7.390   1.00 38.10 ? 164 HOH A O    1 
HETATM 1036 O O    . HOH B 2 .  ? 14.057  1.948   -3.121  1.00 45.62 ? 165 HOH A O    1 
HETATM 1037 O O    . HOH B 2 .  ? -5.045  -0.454  -7.126  1.00 44.95 ? 166 HOH A O    1 
HETATM 1038 O O    . HOH B 2 .  ? -9.896  2.844   -9.517  1.00 53.32 ? 167 HOH A O    1 
HETATM 1039 O O    . HOH B 2 .  ? -10.717 4.434   -4.413  1.00 53.70 ? 168 HOH A O    1 
HETATM 1040 O O    . HOH B 2 .  ? 5.703   -5.657  -9.946  1.00 47.24 ? 169 HOH A O    1 
HETATM 1041 O O    . HOH B 2 .  ? -5.875  6.129   5.810   1.00 48.21 ? 170 HOH A O    1 
HETATM 1042 O O    . HOH B 2 .  ? 2.175   4.569   7.047   1.00 45.63 ? 171 HOH A O    1 
HETATM 1043 O O    . HOH B 2 .  ? 9.215   9.563   8.994   1.00 55.95 ? 172 HOH A O    1 
HETATM 1044 O O    . HOH B 2 .  ? -18.199 -3.803  -1.522  1.00 51.86 ? 173 HOH A O    1 
HETATM 1045 O O    . HOH B 2 .  ? 14.791  5.228   2.374   1.00 43.19 ? 174 HOH A O    1 
HETATM 1046 O O    . HOH B 2 .  ? 7.682   0.898   -10.045 1.00 45.95 ? 175 HOH A O    1 
HETATM 1047 O O    . HOH B 2 .  ? -2.276  6.442   7.482   1.00 55.04 ? 176 HOH A O    1 
HETATM 1048 O O    . HOH B 2 .  ? -6.126  -17.730 1.288   1.00 41.07 ? 177 HOH A O    1 
HETATM 1049 O O    . HOH B 2 .  ? 7.527   -2.259  -9.127  1.00 42.77 ? 178 HOH A O    1 
HETATM 1050 O O    . HOH B 2 .  ? -11.428 2.298   -4.655  1.00 48.15 ? 179 HOH A O    1 
HETATM 1051 O O    . HOH B 2 .  ? -7.280  6.328   -14.039 1.00 48.31 ? 180 HOH A O    1 
HETATM 1052 O O    . HOH B 2 .  ? 10.122  4.025   -10.678 1.00 48.00 ? 181 HOH A O    1 
HETATM 1053 O O    . HOH B 2 .  ? -11.068 -3.470  7.662   1.00 54.12 ? 182 HOH A O    1 
HETATM 1054 O O    . HOH B 2 .  ? 8.330   -6.519  5.738   0.50 50.77 ? 183 HOH A O    1 
HETATM 1055 O O    . HOH B 2 .  ? 6.380   9.799   -10.580 1.00 45.42 ? 184 HOH A O    1 
HETATM 1056 O O    . HOH B 2 .  ? 14.540  -2.667  -2.832  1.00 41.64 ? 185 HOH A O    1 
HETATM 1057 O O    . HOH B 2 .  ? -17.301 -4.835  4.989   1.00 54.85 ? 186 HOH A O    1 
HETATM 1058 O O    . HOH B 2 .  ? 1.289   -13.565 2.513   1.00 47.66 ? 187 HOH A O    1 
HETATM 1059 O O    . HOH B 2 .  ? -12.285 -4.808  9.076   1.00 48.65 ? 188 HOH A O    1 
HETATM 1060 O O    . HOH B 2 .  ? 16.102  0.172   -4.739  1.00 38.46 ? 189 HOH A O    1 
HETATM 1061 O O    . HOH B 2 .  ? -16.912 -9.170  -3.784  1.00 48.48 ? 190 HOH A O    1 
HETATM 1062 O O    . HOH B 2 .  ? 9.196   2.288   -12.546 1.00 44.41 ? 191 HOH A O    1 
HETATM 1063 O O    . HOH B 2 .  ? -9.507  5.217   -10.946 1.00 59.21 ? 192 HOH A O    1 
HETATM 1064 O O    . HOH B 2 .  ? -18.771 -5.365  1.745   1.00 55.12 ? 193 HOH A O    1 
HETATM 1065 O O    . HOH B 2 .  ? 18.800  0.351   -4.919  1.00 41.98 ? 194 HOH A O    1 
HETATM 1066 O O    . HOH B 2 .  ? 3.136   -6.218  -7.800  1.00 43.90 ? 195 HOH A O    1 
HETATM 1067 O O    . HOH B 2 .  ? 11.131  -0.215  9.564   1.00 38.86 ? 196 HOH A O    1 
HETATM 1068 O O    . HOH B 2 .  ? 11.368  6.680   11.315  1.00 57.36 ? 197 HOH A O    1 
HETATM 1069 O O    . HOH B 2 .  ? -0.128  -8.890  -9.092  1.00 34.36 ? 198 HOH A O    1 
HETATM 1070 O O    . HOH B 2 .  ? 0.584   5.434   4.767   1.00 41.57 ? 199 HOH A O    1 
HETATM 1071 O O    . HOH B 2 .  ? 9.523   -0.206  -8.183  1.00 37.19 ? 200 HOH A O    1 
HETATM 1072 O O    . HOH B 2 .  ? 1.199   -13.569 0.216   1.00 57.01 ? 201 HOH A O    1 
HETATM 1073 O O    . HOH B 2 .  ? 14.688  4.647   -1.890  1.00 47.10 ? 202 HOH A O    1 
HETATM 1074 O O    . HOH B 2 .  ? 4.524   12.549  -4.939  1.00 53.81 ? 203 HOH A O    1 
HETATM 1075 O O    . HOH B 2 .  ? 15.864  7.438   1.529   1.00 56.63 ? 204 HOH A O    1 
HETATM 1076 O O    . HOH B 2 .  ? 3.403   -11.413 -1.075  1.00 57.50 ? 205 HOH A O    1 
HETATM 1077 O O    . HOH B 2 .  ? -3.961  -18.943 8.389   1.00 51.39 ? 206 HOH A O    1 
HETATM 1078 O O    . HOH B 2 .  ? 9.406   1.060   13.155  1.00 57.12 ? 207 HOH A O    1 
HETATM 1079 O O    . HOH B 2 .  ? -8.940  -17.369 4.054   1.00 24.25 ? 208 HOH A O    1 
HETATM 1080 O O    . HOH B 2 .  ? 11.525  0.846   7.464   1.00 54.93 ? 209 HOH A O    1 
HETATM 1081 O O    . HOH B 2 .  ? 1.160   1.885   8.821   1.00 59.92 ? 210 HOH A O    1 
HETATM 1082 O O    . HOH B 2 .  ? 4.480   2.633   9.699   1.00 58.39 ? 211 HOH A O    1 
HETATM 1083 O O    . HOH B 2 .  ? -15.198 -6.820  6.373   1.00 55.05 ? 212 HOH A O    1 
HETATM 1084 O O    . HOH B 2 .  ? -0.317  -16.434 1.889   1.00 61.27 ? 213 HOH A O    1 
HETATM 1085 O O    . HOH B 2 .  ? 11.161  1.535   -9.141  1.00 44.66 ? 214 HOH A O    1 
HETATM 1086 O O    . HOH B 2 .  ? 1.262   -14.169 4.707   1.00 49.61 ? 215 HOH A O    1 
HETATM 1087 O O    . HOH B 2 .  ? 7.362   4.940   14.389  1.00 59.06 ? 216 HOH A O    1 
HETATM 1088 O O    . HOH B 2 .  ? 16.293  9.204   -3.055  1.00 62.02 ? 217 HOH A O    1 
HETATM 1089 O O    . HOH B 2 .  ? -6.165  -1.220  -9.666  1.00 51.85 ? 218 HOH A O    1 
# 
loop_
_atom_site_anisotrop.id 
_atom_site_anisotrop.type_symbol 
_atom_site_anisotrop.pdbx_label_atom_id 
_atom_site_anisotrop.pdbx_label_alt_id 
_atom_site_anisotrop.pdbx_label_comp_id 
_atom_site_anisotrop.pdbx_label_asym_id 
_atom_site_anisotrop.pdbx_label_seq_id 
_atom_site_anisotrop.pdbx_PDB_ins_code 
_atom_site_anisotrop.U[1][1] 
_atom_site_anisotrop.U[2][2] 
_atom_site_anisotrop.U[3][3] 
_atom_site_anisotrop.U[1][2] 
_atom_site_anisotrop.U[1][3] 
_atom_site_anisotrop.U[2][3] 
_atom_site_anisotrop.pdbx_auth_seq_id 
_atom_site_anisotrop.pdbx_auth_comp_id 
_atom_site_anisotrop.pdbx_auth_asym_id 
_atom_site_anisotrop.pdbx_auth_atom_id 
1    N N   . MET A 1  ? 0.2389 0.3242 0.3918 -0.0545 -0.0111 -0.0250 1   MET A N   
2    C CA  . MET A 1  ? 0.2224 0.2837 0.3370 -0.0206 -0.0104 -0.0111 1   MET A CA  
3    C C   . MET A 1  ? 0.2292 0.2355 0.2966 -0.0185 -0.0098 -0.0086 1   MET A C   
4    O O   . MET A 1  ? 0.2333 0.2684 0.2826 -0.0235 -0.0123 -0.0055 1   MET A O   
5    C CB  . MET A 1  ? 0.2277 0.2932 0.4518 0.0074  -0.0299 0.0180  1   MET A CB  
6    C CG  . MET A 1  ? 0.2321 0.2947 0.5619 -0.0257 -0.0548 0.0711  1   MET A CG  
7    S SD  . MET A 1  ? 0.2730 0.3086 0.4452 0.0047  -0.0471 0.0461  1   MET A SD  
8    C CE  . MET A 1  ? 0.5521 0.4903 0.3020 0.2236  0.0747  0.1012  1   MET A CE  
9    N N   . GLU A 2  ? 0.2189 0.2342 0.2848 -0.0235 0.0027  0.0054  2   GLU A N   
10   C CA  . GLU A 2  ? 0.2208 0.2406 0.2717 -0.0166 -0.0114 -0.0030 2   GLU A CA  
11   C C   . GLU A 2  ? 0.2069 0.2328 0.2318 -0.0049 -0.0120 0.0003  2   GLU A C   
12   O O   . GLU A 2  ? 0.2133 0.2373 0.2537 -0.0100 0.0008  -0.0047 2   GLU A O   
13   C CB  . GLU A 2  ? 0.2607 0.2405 0.3226 -0.0104 -0.0054 0.0429  2   GLU A CB  
14   C CG  . GLU A 2  ? 0.3055 0.2456 0.3323 -0.0301 0.0172  0.0105  2   GLU A CG  
15   C CD  . GLU A 2  ? 0.4517 0.3487 0.3768 -0.1019 0.0296  0.1372  2   GLU A CD  
16   O OE1 . GLU A 2  ? 0.4253 0.4806 0.3843 -0.0208 -0.0621 0.1007  2   GLU A OE1 
17   O OE2 . GLU A 2  ? 0.9986 0.4585 0.3815 0.2208  0.0739  0.1294  2   GLU A OE2 
18   N N   . CYS A 3  ? 0.2163 0.2127 0.2418 -0.0103 -0.0084 0.0015  3   CYS A N   
19   C CA  . CYS A 3  ? 0.1986 0.2197 0.2335 -0.0088 -0.0155 0.0004  3   CYS A CA  
20   C C   . CYS A 3  ? 0.2152 0.2162 0.2142 0.0066  -0.0058 -0.0111 3   CYS A C   
21   O O   . CYS A 3  ? 0.2201 0.2209 0.2320 0.0027  -0.0172 -0.0086 3   CYS A O   
22   C CB  . CYS A 3  ? 0.2038 0.2115 0.2325 0.0007  -0.0035 -0.0001 3   CYS A CB  
23   S SG  . CYS A 3  ? 0.2067 0.2146 0.2477 -0.0060 -0.0275 -0.0015 3   CYS A SG  
28   N N   . TYR A 4  ? 0.1950 0.2153 0.2182 0.0104  -0.0071 -0.0016 4   TYR A N   
29   C CA  . TYR A 4  ? 0.2050 0.2286 0.2065 -0.0037 -0.0021 0.0068  4   TYR A CA  
30   C C   . TYR A 4  ? 0.1990 0.2064 0.2109 -0.0051 -0.0064 0.0012  4   TYR A C   
31   O O   . TYR A 4  ? 0.2009 0.2194 0.2003 0.0029  -0.0109 0.0025  4   TYR A O   
32   C CB  . TYR A 4  ? 0.2033 0.2488 0.2138 -0.0002 -0.0071 -0.0093 4   TYR A CB  
33   C CG  . TYR A 4  ? 0.2181 0.2647 0.2070 0.0087  -0.0121 0.0019  4   TYR A CG  
34   C CD1 . TYR A 4  ? 0.2098 0.2570 0.2241 0.0098  -0.0033 0.0047  4   TYR A CD1 
35   C CD2 . TYR A 4  ? 0.2233 0.2618 0.2210 0.0157  -0.0057 0.0105  4   TYR A CD2 
36   C CE1 . TYR A 4  ? 0.2731 0.2602 0.2122 0.0094  0.0041  -0.0045 4   TYR A CE1 
37   C CE2 . TYR A 4  ? 0.2784 0.2813 0.2137 0.0256  -0.0016 0.0115  4   TYR A CE2 
38   C CZ  . TYR A 4  ? 0.2388 0.2859 0.2112 0.0069  0.0042  0.0044  4   TYR A CZ  
39   O OH  . TYR A 4  ? 0.3185 0.3137 0.2133 0.0003  0.0354  0.0149  4   TYR A OH  
49   N N   . ARG A 5  ? 0.1991 0.2230 0.2173 0.0052  -0.0036 0.0150  5   ARG A N   
50   C CA  . ARG A 5  ? 0.1906 0.2374 0.2169 0.0044  -0.0098 0.0089  5   ARG A CA  
51   C C   . ARG A 5  ? 0.2023 0.2179 0.2169 0.0195  -0.0020 0.0058  5   ARG A C   
52   O O   . ARG A 5  ? 0.2107 0.2412 0.2102 0.0132  -0.0040 0.0072  5   ARG A O   
53   C CB  . ARG A 5  ? 0.2191 0.2476 0.2585 0.0126  -0.0119 -0.0240 5   ARG A CB  
54   C CG  . ARG A 5  ? 0.2992 0.2506 0.2708 -0.0076 -0.0219 -0.0087 5   ARG A CG  
55   C CD  . ARG A 5  ? 0.3213 0.2550 0.3092 -0.0182 -0.0364 -0.0299 5   ARG A CD  
56   N NE  . ARG A 5  ? 0.4203 0.2719 0.3372 0.0331  0.0387  -0.0060 5   ARG A NE  
57   C CZ  . ARG A 5  ? 0.4252 0.2952 0.2959 0.0652  0.0423  0.0119  5   ARG A CZ  
58   N NH1 . ARG A 5  ? 0.4225 0.3303 0.3706 0.0153  0.0268  -0.0227 5   ARG A NH1 
59   N NH2 . ARG A 5  ? 0.4944 0.3198 0.3982 0.0372  -0.0937 0.0466  5   ARG A NH2 
73   N N   . CYS A 6  ? 0.1950 0.2420 0.2141 0.0207  -0.0055 0.0154  6   CYS A N   
74   C CA  . CYS A 6  ? 0.2012 0.2426 0.2277 0.0109  -0.0111 0.0027  6   CYS A CA  
75   C C   . CYS A 6  ? 0.1993 0.2524 0.2241 0.0253  0.0016  0.0157  6   CYS A C   
76   O O   . CYS A 6  ? 0.2324 0.2891 0.2128 0.0460  -0.0071 0.0147  6   CYS A O   
77   C CB  . CYS A 6  ? 0.1980 0.2525 0.2546 0.0149  -0.0172 0.0241  6   CYS A CB  
78   S SG  . CYS A 6  ? 0.2509 0.2459 0.2627 0.0077  -0.0174 0.0205  6   CYS A SG  
83   N N   . GLY A 7  ? 0.2048 0.2482 0.2247 0.0257  -0.0061 0.0125  7   GLY A N   
84   C CA  . GLY A 7  ? 0.1992 0.2591 0.2335 0.0284  -0.0008 0.0218  7   GLY A CA  
85   C C   . GLY A 7  ? 0.2006 0.2396 0.2193 0.0263  0.0052  0.0257  7   GLY A C   
86   O O   . GLY A 7  ? 0.2046 0.2496 0.2383 0.0155  -0.0051 0.0337  7   GLY A O   
90   N N   . VAL A 8  ? 0.2033 0.2672 0.2320 0.0235  0.0044  0.0381  8   VAL A N   
91   C CA  . VAL A 8  ? 0.1973 0.2640 0.2478 0.0189  0.0007  0.0380  8   VAL A CA  
92   C C   . VAL A 8  ? 0.2187 0.2374 0.2450 -0.0018 -0.0052 0.0284  8   VAL A C   
93   O O   . VAL A 8  ? 0.2148 0.2718 0.2595 -0.0093 -0.0116 0.0288  8   VAL A O   
94   C CB  . VAL A 8  ? 0.2251 0.2982 0.2604 0.0503  0.0219  0.0529  8   VAL A CB  
95   C CG1 . VAL A 8  ? 0.2525 0.2657 0.2480 0.0426  0.0055  0.0257  8   VAL A CG1 
96   C CG2 . VAL A 8  ? 0.2172 0.3293 0.2970 0.0516  0.0148  0.0672  8   VAL A CG2 
106  N N   . SER A 9  ? 0.2100 0.2293 0.2286 0.0082  -0.0035 0.0350  9   SER A N   
107  C CA  . SER A 9  ? 0.2110 0.2445 0.2349 0.0110  -0.0022 0.0244  9   SER A CA  
108  C C   . SER A 9  ? 0.2067 0.2410 0.2275 0.0093  -0.0080 0.0195  9   SER A C   
109  O O   . SER A 9  ? 0.2408 0.2706 0.2280 0.0233  -0.0084 0.0232  9   SER A O   
110  C CB  . SER A 9  ? 0.2065 0.2398 0.2381 0.0121  0.0077  0.0146  9   SER A CB  
111  O OG  . SER A 9  ? 0.2088 0.2476 0.2468 0.0076  0.0015  0.0388  9   SER A OG  
117  N N   . GLY A 10 ? 0.1991 0.2409 0.2313 0.0067  -0.0068 0.0170  10  GLY A N   
118  C CA  . GLY A 10 ? 0.2076 0.2229 0.2719 0.0003  -0.0154 0.0004  10  GLY A CA  
119  C C   . GLY A 10 ? 0.2220 0.2217 0.2167 0.0014  -0.0163 0.0173  10  GLY A C   
120  O O   . GLY A 10 ? 0.2244 0.2276 0.2258 0.0106  -0.0101 0.0057  10  GLY A O   
124  N N   . CYS A 11 ? 0.2161 0.2188 0.2446 0.0041  -0.0181 0.0115  11  CYS A N   
125  C CA  . CYS A 11 ? 0.2176 0.2275 0.2220 0.0079  -0.0067 0.0094  11  CYS A CA  
126  C C   . CYS A 11 ? 0.2224 0.2186 0.2171 -0.0052 -0.0088 0.0026  11  CYS A C   
127  O O   . CYS A 11 ? 0.2200 0.2418 0.2479 0.0157  -0.0067 0.0057  11  CYS A O   
128  C CB  . CYS A 11 ? 0.2437 0.2197 0.2552 -0.0056 -0.0069 0.0181  11  CYS A CB  
129  S SG  . CYS A 11 ? 0.2601 0.2468 0.2626 -0.0200 -0.0032 0.0190  11  CYS A SG  
134  N N   . HIS A 12 ? 0.2351 0.2243 0.2161 0.0100  0.0045  0.0078  12  HIS A N   
135  C CA  . HIS A 12 ? 0.2239 0.2370 0.2118 0.0146  0.0063  0.0069  12  HIS A CA  
136  C C   . HIS A 12 ? 0.2172 0.2379 0.2134 0.0137  -0.0018 0.0032  12  HIS A C   
137  O O   . HIS A 12 ? 0.2323 0.2476 0.2298 0.0042  0.0093  0.0057  12  HIS A O   
138  C CB  . HIS A 12 ? 0.2315 0.2602 0.2123 0.0143  -0.0065 0.0009  12  HIS A CB  
139  C CG  . HIS A 12 ? 0.2289 0.2616 0.2106 0.0168  -0.0025 0.0110  12  HIS A CG  
140  N ND1 . HIS A 12 ? 0.2330 0.2655 0.2535 0.0106  -0.0079 0.0241  12  HIS A ND1 
141  C CD2 . HIS A 12 ? 0.2347 0.2599 0.2294 0.0134  0.0057  0.0180  12  HIS A CD2 
142  C CE1 . HIS A 12 ? 0.2263 0.3047 0.2433 0.0370  -0.0039 0.0308  12  HIS A CE1 
143  N NE2 . HIS A 12 ? 0.2447 0.2767 0.2157 0.0320  0.0019  0.0179  12  HIS A NE2 
151  N N   . LEU A 13 ? 0.2235 0.2224 0.2188 0.0168  0.0015  0.0089  13  LEU A N   
152  C CA  . LEU A 13 ? 0.2196 0.2228 0.2072 0.0136  -0.0076 0.0115  13  LEU A CA  
153  C C   . LEU A 13 ? 0.2281 0.2365 0.2180 0.0205  0.0030  0.0128  13  LEU A C   
154  O O   . LEU A 13 ? 0.2248 0.2542 0.2737 0.0184  0.0056  0.0517  13  LEU A O   
155  C CB  . LEU A 13 ? 0.2395 0.2343 0.2109 0.0245  -0.0010 0.0137  13  LEU A CB  
156  C CG  . LEU A 13 ? 0.2269 0.2468 0.2535 0.0114  0.0212  0.0080  13  LEU A CG  
157  C CD1 . LEU A 13 ? 0.2629 0.2945 0.2518 0.0536  0.0261  0.0240  13  LEU A CD1 
158  C CD2 . LEU A 13 ? 0.2465 0.3772 0.2380 0.0732  -0.0039 0.0488  13  LEU A CD2 
170  N N   . LYS A 14 ? 0.2285 0.2378 0.2469 0.0043  -0.0336 0.0132  14  LYS A N   
171  C CA  . LYS A 14 ? 0.2408 0.2655 0.2424 0.0134  -0.0279 0.0081  14  LYS A CA  
172  C C   . LYS A 14 ? 0.2466 0.2345 0.2752 -0.0023 -0.0464 -0.0099 14  LYS A C   
173  O O   . LYS A 14 ? 0.3226 0.2344 0.3127 0.0312  -0.0729 -0.0102 14  LYS A O   
174  C CB  . LYS A 14 ? 0.2360 0.3303 0.2893 0.0002  -0.0105 0.0218  14  LYS A CB  
175  C CG  . LYS A 14 ? 0.2796 0.4944 0.2598 0.0545  -0.0050 -0.0008 14  LYS A CG  
176  C CD  . LYS A 14 ? 0.2867 0.6646 0.2984 0.0492  0.0213  0.0386  14  LYS A CD  
177  C CE  . LYS A 14 ? 0.3928 0.7024 0.2807 0.0786  0.0088  0.0442  14  LYS A CE  
178  N NZ  . LYS A 14 ? 0.4415 0.3939 0.3172 -0.0294 -0.0696 -0.0219 14  LYS A NZ  
192  N N   . ILE A 15 ? 0.2428 0.2176 0.2775 0.0052  -0.0491 -0.0158 15  ILE A N   
193  C CA  . ILE A 15 ? 0.2403 0.2346 0.2712 0.0094  -0.0486 -0.0087 15  ILE A CA  
194  C C   . ILE A 15 ? 0.2511 0.2273 0.2847 -0.0038 -0.0474 -0.0066 15  ILE A C   
195  O O   . ILE A 15 ? 0.2203 0.2296 0.2927 0.0006  -0.0262 -0.0180 15  ILE A O   
196  C CB  . ILE A 15 ? 0.2634 0.2683 0.2776 0.0057  -0.0352 -0.0202 15  ILE A CB  
197  C CG1 . ILE A 15 ? 0.2986 0.3088 0.2941 -0.0179 -0.0347 -0.0592 15  ILE A CG1 
198  C CG2 . ILE A 15 ? 0.2752 0.2704 0.2549 -0.0276 -0.0178 -0.0084 15  ILE A CG2 
199  C CD1 . ILE A 15 ? 0.3816 0.3554 0.3402 -0.0290 0.0348  -0.0852 15  ILE A CD1 
211  N N   . THR A 16 ? 0.2525 0.2271 0.2623 -0.0072 -0.0414 -0.0126 16  THR A N   
212  C CA  . THR A 16 ? 0.2553 0.2316 0.2752 -0.0180 -0.0480 -0.0103 16  THR A CA  
213  C C   . THR A 16 ? 0.2157 0.2305 0.2723 -0.0296 -0.0389 -0.0071 16  THR A C   
214  O O   . THR A 16 ? 0.2440 0.2331 0.2807 -0.0053 -0.0391 -0.0245 16  THR A O   
215  C CB  . THR A 16 ? 0.2662 0.2326 0.2858 -0.0197 -0.0369 0.0033  16  THR A CB  
216  O OG1 . THR A 16 ? 0.3344 0.3001 0.3357 -0.0573 -0.0834 0.0661  16  THR A OG1 
217  C CG2 . THR A 16 ? 0.2687 0.2563 0.3019 -0.0348 -0.0480 -0.0074 16  THR A CG2 
225  N N   . CYS A 17 ? 0.2246 0.2393 0.2552 -0.0224 -0.0220 -0.0097 17  CYS A N   
226  C CA  . CYS A 17 ? 0.2286 0.2244 0.2723 -0.0157 -0.0383 -0.0126 17  CYS A CA  
227  C C   . CYS A 17 ? 0.2209 0.2205 0.2887 -0.0127 -0.0392 -0.0187 17  CYS A C   
228  O O   . CYS A 17 ? 0.2411 0.2482 0.3133 -0.0314 -0.0356 -0.0078 17  CYS A O   
229  C CB  . CYS A 17 ? 0.2395 0.2278 0.2840 -0.0182 -0.0172 -0.0229 17  CYS A CB  
230  S SG  . CYS A 17 ? 0.2303 0.2260 0.2901 -0.0174 -0.0224 -0.0244 17  CYS A SG  
235  N N   . SER A 18 ? 0.2254 0.2204 0.2903 -0.0104 -0.0428 -0.0249 18  SER A N   
236  C CA  . SER A 18 ? 0.2309 0.2395 0.3366 -0.0014 -0.0667 -0.0582 18  SER A CA  
237  C C   . SER A 18 ? 0.2166 0.2276 0.3341 -0.0088 -0.0617 -0.0366 18  SER A C   
238  O O   . SER A 18 ? 0.2437 0.2314 0.3189 -0.0034 -0.0681 -0.0240 18  SER A O   
239  C CB  . SER A 18 ? 0.2579 0.2558 0.3245 -0.0006 -0.0699 -0.0514 18  SER A CB  
240  O OG  . SER A 18 ? 0.3454 0.2670 0.3573 -0.0219 -0.0720 -0.0342 18  SER A OG  
246  N N   . ALA A 19 ? 0.2249 0.2570 0.3889 -0.0061 -0.0460 -0.0493 19  ALA A N   
247  C CA  . ALA A 19 ? 0.2047 0.2783 0.4453 -0.0016 -0.0451 -0.0488 19  ALA A CA  
248  C C   . ALA A 19 ? 0.2414 0.2603 0.4297 0.0116  -0.0783 -0.0595 19  ALA A C   
249  O O   . ALA A 19 ? 0.2537 0.2704 0.5530 0.0242  -0.0401 -0.0792 19  ALA A O   
250  C CB  . ALA A 19 ? 0.2346 0.2830 0.7021 -0.0102 -0.1101 -0.0711 19  ALA A CB  
256  N N   . GLU A 20 ? 0.2419 0.2538 0.4056 -0.0151 -0.0867 -0.0520 20  GLU A N   
257  C CA  . GLU A 20 ? 0.2863 0.2598 0.4199 -0.0134 -0.1174 -0.0336 20  GLU A CA  
258  C C   . GLU A 20 ? 0.2463 0.2508 0.3606 -0.0060 -0.0781 -0.0163 20  GLU A C   
259  O O   . GLU A 20 ? 0.3032 0.2513 0.4465 -0.0190 -0.1144 0.0149  20  GLU A O   
260  C CB  . GLU A 20 ? 0.4316 0.3149 0.3807 -0.0540 -0.1427 -0.0316 20  GLU A CB  
261  N N   . GLU A 21 ? 0.2364 0.2295 0.3211 0.0025  -0.0632 -0.0391 21  GLU A N   
262  C CA  . GLU A 21 ? 0.2393 0.2162 0.3291 -0.0035 -0.0573 -0.0468 21  GLU A CA  
263  C C   . GLU A 21 ? 0.2384 0.2673 0.3694 -0.0007 -0.0620 -0.0853 21  GLU A C   
264  O O   . GLU A 21 ? 0.2464 0.3067 0.3547 0.0040  -0.0262 -0.0890 21  GLU A O   
265  C CB  . GLU A 21 ? 0.2282 0.2587 0.2597 -0.0019 -0.0465 -0.0438 21  GLU A CB  
266  C CG  . GLU A 21 ? 0.2474 0.2785 0.2658 0.0127  -0.0312 -0.0180 21  GLU A CG  
267  C CD  . GLU A 21 ? 0.2548 0.2410 0.2913 0.0024  -0.0187 -0.0150 21  GLU A CD  
268  O OE1 . GLU A 21 ? 0.2442 0.2226 0.2874 -0.0078 -0.0310 -0.0262 21  GLU A OE1 
269  O OE2 . GLU A 21 ? 0.2950 0.3459 0.3205 0.0611  0.0065  0.0210  21  GLU A OE2 
270  N N   . THR A 22 ? 0.2481 0.2672 0.4492 0.0181  -0.0895 -0.1049 22  THR A N   
271  C CA  . THR A 22 ? 0.2304 0.2657 0.4199 0.0013  -0.0682 -0.0713 22  THR A CA  
272  C C   . THR A 22 ? 0.2092 0.2257 0.3888 0.0272  -0.0688 -0.0510 22  THR A C   
273  O O   . THR A 22 ? 0.2158 0.2218 0.3717 -0.0070 -0.0353 -0.0268 22  THR A O   
274  C CB  . THR A 22 ? 0.2227 0.3245 0.3949 -0.0050 -0.0551 -0.0471 22  THR A CB  
275  O OG1 . THR A 22 ? 0.2812 0.3080 0.4446 0.0339  -0.0402 0.0064  22  THR A OG1 
276  C CG2 . THR A 22 ? 0.2609 0.3347 0.6027 -0.0187 -0.1364 -0.0651 22  THR A CG2 
284  N N   . PHE A 23 ? 0.2113 0.2360 0.3486 0.0194  -0.0671 -0.0606 23  PHE A N   
285  C CA  . PHE A 23 ? 0.2303 0.2078 0.2951 0.0064  -0.0585 -0.0300 23  PHE A CA  
286  C C   . PHE A 23 ? 0.2059 0.2116 0.2753 -0.0002 -0.0304 -0.0257 23  PHE A C   
287  O O   . PHE A 23 ? 0.2261 0.2206 0.2830 0.0217  -0.0477 -0.0247 23  PHE A O   
288  C CB  . PHE A 23 ? 0.2211 0.2267 0.2922 0.0225  -0.0568 -0.0245 23  PHE A CB  
289  C CG  . PHE A 23 ? 0.2595 0.2416 0.2837 0.0268  -0.0680 -0.0281 23  PHE A CG  
290  C CD1 . PHE A 23 ? 0.2775 0.2215 0.2840 0.0281  -0.0635 -0.0186 23  PHE A CD1 
291  C CD2 . PHE A 23 ? 0.3523 0.2993 0.3331 0.0936  -0.1401 -0.0789 23  PHE A CD2 
292  C CE1 . PHE A 23 ? 0.3221 0.3021 0.3140 0.0946  -0.0965 -0.0575 23  PHE A CE1 
293  C CE2 . PHE A 23 ? 0.4212 0.4041 0.3729 0.1876  -0.1954 -0.1338 23  PHE A CE2 
294  C CZ  . PHE A 23 ? 0.4774 0.3578 0.3564 0.1718  -0.1857 -0.1005 23  PHE A CZ  
304  N N   . CYS A 24 ? 0.1984 0.2107 0.2642 -0.0011 -0.0182 -0.0134 24  CYS A N   
305  C CA  . CYS A 24 ? 0.1892 0.2044 0.2478 0.0017  -0.0157 -0.0101 24  CYS A CA  
306  C C   . CYS A 24 ? 0.1977 0.2119 0.2456 0.0035  -0.0074 -0.0163 24  CYS A C   
307  O O   . CYS A 24 ? 0.2116 0.2087 0.2790 0.0071  0.0075  -0.0067 24  CYS A O   
308  C CB  . CYS A 24 ? 0.2119 0.2158 0.2497 -0.0025 -0.0195 -0.0062 24  CYS A CB  
309  S SG  . CYS A 24 ? 0.2070 0.2216 0.2555 0.0004  -0.0057 -0.0099 24  CYS A SG  
314  N N   . TYR A 25 ? 0.1875 0.1959 0.2723 0.0006  -0.0190 -0.0126 25  TYR A N   
315  C CA  . TYR A 25 ? 0.1940 0.1971 0.2642 0.0037  -0.0235 -0.0034 25  TYR A CA  
316  C C   . TYR A 25 ? 0.1892 0.2091 0.2381 -0.0012 -0.0047 -0.0054 25  TYR A C   
317  O O   . TYR A 25 ? 0.1918 0.2189 0.2370 0.0063  -0.0083 -0.0006 25  TYR A O   
318  C CB  . TYR A 25 ? 0.2056 0.2236 0.2554 0.0013  -0.0269 0.0059  25  TYR A CB  
319  C CG  . TYR A 25 ? 0.2026 0.2316 0.2279 0.0037  -0.0141 0.0109  25  TYR A CG  
320  C CD1 . TYR A 25 ? 0.2026 0.2387 0.2319 -0.0049 -0.0106 -0.0043 25  TYR A CD1 
321  C CD2 . TYR A 25 ? 0.2089 0.2240 0.2441 -0.0045 -0.0144 0.0101  25  TYR A CD2 
322  C CE1 . TYR A 25 ? 0.2065 0.2461 0.2280 0.0049  0.0021  0.0065  25  TYR A CE1 
323  C CE2 . TYR A 25 ? 0.2118 0.2416 0.2401 -0.0022 -0.0071 -0.0036 25  TYR A CE2 
324  C CZ  . TYR A 25 ? 0.2130 0.2352 0.2139 0.0034  -0.0052 0.0136  25  TYR A CZ  
325  O OH  . TYR A 25 ? 0.2251 0.2460 0.2421 0.0112  -0.0028 -0.0064 25  TYR A OH  
335  N N   . LYS A 26 ? 0.1986 0.2120 0.2881 0.0016  -0.0365 -0.0114 26  LYS A N   
336  C CA  . LYS A 26 ? 0.1894 0.2228 0.2453 -0.0012 -0.0183 -0.0007 26  LYS A CA  
337  C C   . LYS A 26 ? 0.1960 0.2182 0.2501 -0.0044 -0.0007 -0.0093 26  LYS A C   
338  O O   . LYS A 26 ? 0.2167 0.2160 0.2524 -0.0058 0.0003  -0.0062 26  LYS A O   
339  C CB  . LYS A 26 ? 0.2297 0.2648 0.2451 -0.0200 0.0059  -0.0137 26  LYS A CB  
340  C CG  . LYS A 26 ? 0.2764 0.3283 0.2404 -0.0035 -0.0277 -0.0297 26  LYS A CG  
341  C CD  . LYS A 26 ? 0.3206 0.4448 0.2654 0.0156  -0.0007 -0.0861 26  LYS A CD  
342  C CE  . LYS A 26 ? 0.3986 0.5496 0.4542 0.1574  -0.0714 -0.1873 26  LYS A CE  
343  N NZ  . LYS A 26 ? 0.3712 0.7641 0.5501 -0.0009 0.0702  -0.3743 26  LYS A NZ  
357  N N   . TRP A 27 ? 0.1984 0.2056 0.2522 -0.0042 -0.0087 0.0077  27  TRP A N   
358  C CA  . TRP A 27 ? 0.1937 0.2142 0.2572 -0.0025 -0.0021 0.0073  27  TRP A CA  
359  C C   . TRP A 27 ? 0.1996 0.2164 0.2889 -0.0035 -0.0240 -0.0063 27  TRP A C   
360  O O   . TRP A 27 ? 0.2070 0.2207 0.5453 -0.0032 -0.0929 0.0078  27  TRP A O   
361  C CB  A TRP A 27 ? 0.2249 0.2415 0.2523 -0.0037 -0.0118 0.0057  27  TRP A CB  
362  C CB  B TRP A 27 ? 0.1937 0.1884 0.2640 -0.0123 -0.0066 0.0089  27  TRP A CB  
363  C CG  A TRP A 27 ? 0.2217 0.2282 0.2577 0.0134  0.0138  -0.0263 27  TRP A CG  
364  C CG  B TRP A 27 ? 0.2324 0.2334 0.2590 -0.0092 0.0170  -0.0006 27  TRP A CG  
365  C CD1 A TRP A 27 ? 0.2316 0.1870 0.2885 -0.0086 0.0156  -0.0277 27  TRP A CD1 
366  C CD1 B TRP A 27 ? 0.3035 0.2047 0.2443 -0.0261 0.0050  -0.0160 27  TRP A CD1 
367  C CD2 A TRP A 27 ? 0.2529 0.2313 0.2597 -0.0178 0.0089  0.0127  27  TRP A CD2 
368  C CD2 B TRP A 27 ? 0.2407 0.2167 0.2925 0.0115  0.0585  -0.0271 27  TRP A CD2 
369  N NE1 A TRP A 27 ? 0.2641 0.3055 0.2815 -0.0517 0.0364  -0.0477 27  TRP A NE1 
370  N NE1 B TRP A 27 ? 0.3765 0.2723 0.2652 -0.0555 0.0537  -0.0022 27  TRP A NE1 
371  C CE2 A TRP A 27 ? 0.2723 0.2421 0.2561 -0.0317 0.0367  -0.0481 27  TRP A CE2 
372  C CE2 B TRP A 27 ? 0.3205 0.2306 0.3236 -0.0558 0.0963  -0.0320 27  TRP A CE2 
373  C CE3 A TRP A 27 ? 0.2515 0.2243 0.2407 0.0086  0.0160  -0.0004 27  TRP A CE3 
374  C CE3 B TRP A 27 ? 0.2195 0.2465 0.4202 -0.0308 -0.0088 -0.0322 27  TRP A CE3 
375  C CZ2 A TRP A 27 ? 0.2683 0.2447 0.2519 -0.0090 0.0610  -0.0525 27  TRP A CZ2 
376  C CZ2 B TRP A 27 ? 0.3338 0.2799 0.3905 -0.1126 0.1226  -0.0361 27  TRP A CZ2 
377  C CZ3 A TRP A 27 ? 0.2551 0.2371 0.2364 0.0213  0.0263  0.0007  27  TRP A CZ3 
378  C CZ3 B TRP A 27 ? 0.2248 0.3044 0.4249 -0.0383 0.0109  -0.1180 27  TRP A CZ3 
379  C CH2 A TRP A 27 ? 0.2551 0.2282 0.3046 0.0342  0.0454  0.0745  27  TRP A CH2 
380  C CH2 B TRP A 27 ? 0.3156 0.4167 0.4018 -0.1164 0.0454  -0.1599 27  TRP A CH2 
399  N N   . LEU A 28 ? 0.2010 0.2192 0.2305 -0.0061 -0.0064 -0.0016 28  LEU A N   
400  C CA  . LEU A 28 ? 0.2042 0.2262 0.2361 -0.0238 -0.0142 0.0059  28  LEU A CA  
401  C C   . LEU A 28 ? 0.1982 0.2538 0.2358 -0.0136 -0.0224 0.0260  28  LEU A C   
402  O O   . LEU A 28 ? 0.2098 0.2634 0.2416 0.0012  -0.0017 0.0348  28  LEU A O   
403  C CB  . LEU A 28 ? 0.2271 0.2352 0.2420 -0.0208 -0.0163 0.0005  28  LEU A CB  
404  C CG  . LEU A 28 ? 0.2381 0.2447 0.2398 -0.0139 -0.0051 0.0093  28  LEU A CG  
405  C CD1 . LEU A 28 ? 0.2626 0.3129 0.2479 0.0038  -0.0198 -0.0170 28  LEU A CD1 
406  C CD2 . LEU A 28 ? 0.2913 0.2885 0.3069 0.0282  0.0328  0.0660  28  LEU A CD2 
418  N N   . ASN A 29 ? 0.1993 0.2434 0.2374 -0.0078 -0.0162 0.0206  29  ASN A N   
419  C CA  . ASN A 29 ? 0.2144 0.2607 0.2334 -0.0247 -0.0031 0.0211  29  ASN A CA  
420  C C   . ASN A 29 ? 0.2209 0.2614 0.2219 -0.0231 -0.0049 0.0185  29  ASN A C   
421  O O   . ASN A 29 ? 0.2193 0.2999 0.2304 -0.0373 -0.0143 0.0226  29  ASN A O   
422  C CB  . ASN A 29 ? 0.2312 0.2649 0.2393 -0.0120 -0.0067 0.0091  29  ASN A CB  
423  C CG  . ASN A 29 ? 0.2409 0.3127 0.2919 -0.0398 0.0313  -0.0431 29  ASN A CG  
424  O OD1 . ASN A 29 ? 0.2185 0.3032 0.2559 -0.0225 -0.0089 0.0169  29  ASN A OD1 
425  N ND2 . ASN A 29 ? 0.4131 0.5496 0.3347 -0.1956 0.1283  -0.1485 29  ASN A ND2 
432  N N   . LYS A 30 ? 0.2310 0.2666 0.2299 -0.0370 -0.0065 0.0119  30  LYS A N   
433  C CA  . LYS A 30 ? 0.2413 0.2638 0.2209 -0.0418 0.0007  0.0177  30  LYS A CA  
434  C C   . LYS A 30 ? 0.2418 0.3015 0.2206 -0.0451 -0.0096 0.0006  30  LYS A C   
435  O O   . LYS A 30 ? 0.2605 0.3529 0.2477 -0.0483 -0.0134 -0.0221 30  LYS A O   
436  C CB  . LYS A 30 ? 0.2593 0.2703 0.2271 -0.0314 0.0046  0.0036  30  LYS A CB  
437  C CG  . LYS A 30 ? 0.2489 0.2569 0.2201 -0.0339 0.0110  -0.0096 30  LYS A CG  
438  C CD  . LYS A 30 ? 0.2645 0.2628 0.2177 -0.0294 0.0060  -0.0110 30  LYS A CD  
439  C CE  . LYS A 30 ? 0.2715 0.2662 0.2175 -0.0227 0.0096  -0.0148 30  LYS A CE  
440  N NZ  . LYS A 30 ? 0.2853 0.2718 0.2639 0.0004  0.0228  -0.0010 30  LYS A NZ  
454  N N   . ILE A 31 ? 0.2277 0.2896 0.2374 -0.0335 -0.0096 0.0121  31  ILE A N   
455  C CA  . ILE A 31 ? 0.2415 0.3082 0.2658 -0.0466 0.0218  0.0163  31  ILE A CA  
456  C C   . ILE A 31 ? 0.2108 0.3315 0.2487 -0.0386 -0.0067 -0.0042 31  ILE A C   
457  O O   . ILE A 31 ? 0.2541 0.3872 0.3545 -0.0745 -0.0534 0.0291  31  ILE A O   
458  C CB  . ILE A 31 ? 0.2294 0.3602 0.2732 -0.0089 0.0134  0.0256  31  ILE A CB  
459  C CG1 . ILE A 31 ? 0.2881 0.3126 0.2922 -0.0351 0.0090  0.0452  31  ILE A CG1 
460  C CG2 . ILE A 31 ? 0.2384 0.3522 0.3852 -0.0203 0.0741  0.0477  31  ILE A CG2 
461  C CD1 . ILE A 31 ? 0.2727 0.3497 0.3124 -0.0200 0.0053  0.0027  31  ILE A CD1 
473  N N   . SER A 32 ? 0.1957 0.3176 0.2667 -0.0205 -0.0063 0.0095  32  SER A N   
474  C CA  . SER A 32 ? 0.1867 0.3396 0.2736 -0.0093 -0.0241 0.0063  32  SER A CA  
475  C C   . SER A 32 ? 0.1894 0.3249 0.2656 -0.0149 -0.0328 0.0183  32  SER A C   
476  O O   . SER A 32 ? 0.2137 0.3544 0.3087 -0.0045 -0.0339 0.0337  32  SER A O   
477  C CB  . SER A 32 ? 0.2112 0.3226 0.2899 -0.0128 0.0000  0.0107  32  SER A CB  
478  O OG  . SER A 32 ? 0.2064 0.3109 0.2730 -0.0124 -0.0042 0.0038  32  SER A OG  
484  N N   . ASN A 33 ? 0.2123 0.2866 0.2403 -0.0250 -0.0247 0.0076  33  ASN A N   
485  C CA  . ASN A 33 ? 0.2289 0.2885 0.2213 -0.0107 -0.0177 -0.0120 33  ASN A CA  
486  C C   . ASN A 33 ? 0.2328 0.2774 0.2054 -0.0186 -0.0198 0.0020  33  ASN A C   
487  O O   . ASN A 33 ? 0.2729 0.2990 0.2199 -0.0254 0.0015  -0.0032 33  ASN A O   
488  C CB  . ASN A 33 ? 0.2532 0.3386 0.2312 -0.0293 -0.0313 -0.0183 33  ASN A CB  
489  C CG  . ASN A 33 ? 0.2638 0.3695 0.2674 -0.0547 -0.0477 -0.0073 33  ASN A CG  
490  O OD1 . ASN A 33 ? 0.2877 0.3365 0.2409 -0.0594 0.0173  -0.0414 33  ASN A OD1 
491  N ND2 . ASN A 33 ? 0.2575 0.4661 0.3970 -0.0692 -0.0362 -0.0788 33  ASN A ND2 
498  N N   . GLU A 34 ? 0.1985 0.2715 0.2269 -0.0052 -0.0098 -0.0125 34  GLU A N   
499  C CA  . GLU A 34 ? 0.1987 0.2660 0.2145 0.0058  -0.0045 -0.0061 34  GLU A CA  
500  C C   . GLU A 34 ? 0.1929 0.2540 0.2073 0.0088  -0.0156 -0.0060 34  GLU A C   
501  O O   . GLU A 34 ? 0.2095 0.2539 0.2373 0.0011  -0.0135 0.0126  34  GLU A O   
502  C CB  . GLU A 34 ? 0.2190 0.2759 0.2179 0.0155  -0.0068 -0.0101 34  GLU A CB  
503  C CG  . GLU A 34 ? 0.2535 0.2344 0.2084 0.0157  0.0036  0.0005  34  GLU A CG  
504  C CD  . GLU A 34 ? 0.2347 0.2584 0.2188 0.0063  0.0130  -0.0005 34  GLU A CD  
505  O OE1 . GLU A 34 ? 0.3465 0.3240 0.2209 -0.0741 0.0341  -0.0125 34  GLU A OE1 
506  O OE2 . GLU A 34 ? 0.2223 0.2663 0.2233 0.0070  -0.0005 -0.0218 34  GLU A OE2 
507  N N   . ARG A 35 ? 0.1906 0.2506 0.2236 0.0119  -0.0085 0.0054  35  ARG A N   
508  C CA  . ARG A 35 ? 0.1993 0.2318 0.2105 0.0046  -0.0070 0.0028  35  ARG A CA  
509  C C   . ARG A 35 ? 0.1986 0.2362 0.2125 0.0078  -0.0070 0.0072  35  ARG A C   
510  O O   . ARG A 35 ? 0.2520 0.2400 0.2621 0.0322  -0.0563 -0.0132 35  ARG A O   
511  C CB  . ARG A 35 ? 0.2137 0.2568 0.2115 -0.0102 -0.0074 -0.0002 35  ARG A CB  
512  C CG  . ARG A 35 ? 0.2663 0.2700 0.2305 0.0065  -0.0259 -0.0218 35  ARG A CG  
513  C CD  . ARG A 35 ? 0.3709 0.3273 0.2241 -0.0741 -0.0321 -0.0184 35  ARG A CD  
514  N NE  . ARG A 35 ? 0.6106 0.4457 0.4168 -0.0002 -0.1468 0.1269  35  ARG A NE  
515  C CZ  . ARG A 35 ? 0.8907 0.6903 0.5322 0.0392  -0.1078 0.2988  35  ARG A CZ  
516  N NH1 . ARG A 35 ? 0.9282 0.3693 0.3454 -0.1956 -0.1806 0.0810  35  ARG A NH1 
517  N NH2 . ARG A 35 ? 0.7629 0.9858 0.6452 0.0944  -0.1907 0.5034  35  ARG A NH2 
531  N N   . TRP A 36 ? 0.1919 0.2189 0.2126 0.0064  -0.0068 -0.0056 36  TRP A N   
532  C CA  . TRP A 36 ? 0.1884 0.2161 0.2184 -0.0002 -0.0072 0.0000  36  TRP A CA  
533  C C   . TRP A 36 ? 0.1820 0.2213 0.2106 0.0129  -0.0043 0.0003  36  TRP A C   
534  O O   . TRP A 36 ? 0.1892 0.2204 0.2303 0.0077  -0.0096 0.0018  36  TRP A O   
535  C CB  . TRP A 36 ? 0.2003 0.2263 0.2111 0.0016  0.0086  -0.0037 36  TRP A CB  
536  C CG  . TRP A 36 ? 0.1838 0.2346 0.2111 0.0032  0.0048  0.0024  36  TRP A CG  
537  C CD1 . TRP A 36 ? 0.2082 0.2303 0.2206 -0.0057 -0.0080 -0.0025 36  TRP A CD1 
538  C CD2 . TRP A 36 ? 0.2028 0.2344 0.2087 0.0208  -0.0034 -0.0047 36  TRP A CD2 
539  N NE1 . TRP A 36 ? 0.2166 0.2330 0.2182 0.0075  -0.0069 -0.0064 36  TRP A NE1 
540  C CE2 . TRP A 36 ? 0.2102 0.2425 0.2144 0.0106  -0.0056 0.0010  36  TRP A CE2 
541  C CE3 . TRP A 36 ? 0.2106 0.2350 0.2155 0.0075  0.0001  0.0016  36  TRP A CE3 
542  C CZ2 . TRP A 36 ? 0.2606 0.2626 0.2206 0.0040  -0.0307 -0.0162 36  TRP A CZ2 
543  C CZ3 . TRP A 36 ? 0.2479 0.2653 0.2069 0.0084  0.0071  -0.0006 36  TRP A CZ3 
544  C CH2 . TRP A 36 ? 0.2715 0.2844 0.2087 -0.0117 -0.0305 0.0001  36  TRP A CH2 
555  N N   . LEU A 37 ? 0.1784 0.2214 0.2179 0.0113  -0.0109 0.0032  37  LEU A N   
556  C CA  . LEU A 37 ? 0.1862 0.2110 0.2117 0.0018  -0.0083 0.0027  37  LEU A CA  
557  C C   . LEU A 37 ? 0.1922 0.2146 0.1998 0.0043  -0.0080 0.0116  37  LEU A C   
558  O O   . LEU A 37 ? 0.1867 0.2112 0.2394 0.0066  -0.0119 0.0044  37  LEU A O   
559  C CB  . LEU A 37 ? 0.1808 0.2302 0.2165 0.0014  -0.0073 -0.0088 37  LEU A CB  
560  C CG  . LEU A 37 ? 0.2075 0.2477 0.2210 -0.0114 -0.0135 -0.0141 37  LEU A CG  
561  C CD1 . LEU A 37 ? 0.2627 0.2457 0.2326 -0.0370 0.0045  -0.0082 37  LEU A CD1 
562  C CD2 . LEU A 37 ? 0.2500 0.2527 0.2225 -0.0249 0.0256  -0.0235 37  LEU A CD2 
574  N N   . GLY A 38 ? 0.1836 0.2150 0.2118 0.0078  -0.0090 -0.0022 38  GLY A N   
575  C CA  . GLY A 38 ? 0.2023 0.2049 0.2164 -0.0017 -0.0097 -0.0026 38  GLY A CA  
576  C C   . GLY A 38 ? 0.2078 0.1893 0.2275 -0.0115 -0.0075 -0.0023 38  GLY A C   
577  O O   . GLY A 38 ? 0.1996 0.1990 0.2429 -0.0028 -0.0200 -0.0080 38  GLY A O   
581  N N   . CYS A 39 ? 0.2026 0.2089 0.2369 0.0057  -0.0285 -0.0181 39  CYS A N   
582  C CA  . CYS A 39 ? 0.2039 0.2253 0.2546 -0.0024 -0.0326 -0.0058 39  CYS A CA  
583  C C   . CYS A 39 ? 0.2190 0.2162 0.2541 -0.0079 -0.0336 -0.0075 39  CYS A C   
584  O O   . CYS A 39 ? 0.2186 0.2531 0.2585 -0.0002 -0.0189 -0.0017 39  CYS A O   
585  C CB  . CYS A 39 ? 0.2430 0.2333 0.2480 -0.0319 -0.0455 -0.0080 39  CYS A CB  
586  S SG  . CYS A 39 ? 0.2308 0.2229 0.2631 -0.0141 -0.0292 -0.0114 39  CYS A SG  
591  N N   . ALA A 40 ? 0.2197 0.2227 0.2700 -0.0004 -0.0404 -0.0100 40  ALA A N   
592  C CA  . ALA A 40 ? 0.2398 0.2361 0.2673 -0.0015 -0.0353 0.0059  40  ALA A CA  
593  C C   . ALA A 40 ? 0.2659 0.2194 0.2840 0.0145  -0.0589 -0.0173 40  ALA A C   
594  O O   . ALA A 40 ? 0.2597 0.2592 0.2884 0.0392  -0.0755 -0.0341 40  ALA A O   
595  C CB  . ALA A 40 ? 0.3081 0.2708 0.3463 -0.0523 -0.0967 0.0598  40  ALA A CB  
601  N N   . LYS A 41 ? 0.2719 0.2269 0.2802 0.0049  -0.0641 -0.0143 41  LYS A N   
602  C CA  . LYS A 41 ? 0.2608 0.2656 0.2946 0.0073  -0.0655 -0.0250 41  LYS A CA  
603  C C   . LYS A 41 ? 0.3117 0.2570 0.2802 0.0172  -0.0826 -0.0227 41  LYS A C   
604  O O   . LYS A 41 ? 0.3622 0.3077 0.3235 0.0733  -0.0456 -0.0008 41  LYS A O   
605  C CB  A LYS A 41 ? 0.3472 0.2572 0.3162 0.0455  -0.1065 -0.0398 41  LYS A CB  
606  C CB  B LYS A 41 ? 0.3304 0.2839 0.3410 -0.0203 -0.1176 -0.0600 41  LYS A CB  
607  C CG  A LYS A 41 ? 0.3819 0.3967 0.2840 0.0634  -0.1179 -0.0245 41  LYS A CG  
608  C CG  B LYS A 41 ? 0.4304 0.2940 0.2827 0.0182  -0.1391 -0.0475 41  LYS A CG  
609  C CD  A LYS A 41 ? 0.4488 0.5061 0.3601 -0.0083 -0.1298 -0.1114 41  LYS A CD  
610  C CD  B LYS A 41 ? 0.5554 0.5843 0.4851 0.2449  -0.1088 -0.0995 41  LYS A CD  
611  C CE  A LYS A 41 ? 0.5115 0.2790 0.5794 -0.0616 -0.1006 -0.1539 41  LYS A CE  
612  C CE  B LYS A 41 ? 0.6900 0.6043 0.4813 0.3142  -0.1125 -0.1059 41  LYS A CE  
613  N NZ  A LYS A 41 ? 0.3933 0.5771 0.4030 0.0152  -0.0108 0.0046  41  LYS A NZ  
614  N NZ  B LYS A 41 ? 0.6633 0.8755 0.5138 0.2164  0.0262  -0.2519 41  LYS A NZ  
639  N N   . THR A 42 ? 0.3382 0.2863 0.3178 -0.0132 -0.0968 0.0142  42  THR A N   
640  C CA  . THR A 42 ? 0.4324 0.2867 0.3066 -0.0318 -0.0776 0.0080  42  THR A CA  
641  C C   . THR A 42 ? 0.3737 0.2582 0.3411 -0.0194 -0.0679 0.0073  42  THR A C   
642  O O   . THR A 42 ? 0.4718 0.2725 0.4249 0.0249  -0.1381 0.0005  42  THR A O   
643  C CB  . THR A 42 ? 0.4173 0.3294 0.3275 -0.0351 -0.0437 0.0131  42  THR A CB  
644  O OG1 . THR A 42 ? 0.4594 0.4941 0.5309 0.0198  0.0364  0.0558  42  THR A OG1 
645  C CG2 . THR A 42 ? 0.6550 0.4179 0.3184 -0.0515 -0.1609 0.0292  42  THR A CG2 
653  N N   . CYS A 43 ? 0.4052 0.2782 0.2810 0.0030  -0.0348 -0.0134 43  CYS A N   
654  C CA  . CYS A 43 ? 0.3464 0.2685 0.2876 -0.0263 -0.0177 0.0126  43  CYS A CA  
655  C C   . CYS A 43 ? 0.3284 0.2678 0.3088 -0.0070 -0.0338 0.0371  43  CYS A C   
656  O O   . CYS A 43 ? 0.3222 0.3212 0.3614 -0.0004 -0.0322 0.0367  43  CYS A O   
657  C CB  . CYS A 43 ? 0.3263 0.2840 0.2793 0.0099  -0.0417 0.0294  43  CYS A CB  
658  S SG  . CYS A 43 ? 0.2788 0.2895 0.3012 -0.0003 -0.0270 0.0242  43  CYS A SG  
663  N N   . THR A 44 ? 0.3241 0.2692 0.3725 -0.0142 -0.0469 0.0505  44  THR A N   
664  C CA  . THR A 44 ? 0.3593 0.2956 0.3785 -0.0420 -0.0382 0.0786  44  THR A CA  
665  C C   . THR A 44 ? 0.2899 0.2356 0.4229 -0.0074 -0.0532 0.0899  44  THR A C   
666  O O   . THR A 44 ? 0.2726 0.2890 0.5021 0.0103  -0.0156 0.0727  44  THR A O   
667  C CB  . THR A 44 ? 0.4876 0.3387 0.4016 -0.0236 0.0038  0.1007  44  THR A CB  
668  O OG1 . THR A 44 ? 0.6766 0.5323 0.3746 -0.0527 -0.0699 0.0753  44  THR A OG1 
669  C CG2 . THR A 44 ? 0.5510 0.3705 0.5980 -0.0025 0.1133  0.2017  44  THR A CG2 
677  N N   . GLU A 45 ? 0.2385 0.2867 0.4035 -0.0127 -0.0409 0.0662  45  GLU A N   
678  C CA  . GLU A 45 ? 0.2462 0.3019 0.3889 -0.0503 -0.0476 0.0899  45  GLU A CA  
679  C C   . GLU A 45 ? 0.2347 0.2959 0.3571 -0.0147 -0.0340 0.0850  45  GLU A C   
680  O O   . GLU A 45 ? 0.2603 0.3524 0.3653 -0.0008 -0.0289 0.1080  45  GLU A O   
681  C CB  . GLU A 45 ? 0.2827 0.4620 0.4386 -0.1156 0.0248  -0.0234 45  GLU A CB  
682  C CG  . GLU A 45 ? 0.2757 0.5476 0.4453 -0.1470 -0.0089 0.0253  45  GLU A CG  
683  C CD  . GLU A 45 ? 0.2481 0.2888 0.4533 -0.0085 -0.0208 0.0673  45  GLU A CD  
684  O OE1 . GLU A 45 ? 0.3256 0.2813 0.8127 0.0038  0.0531  0.0875  45  GLU A OE1 
685  O OE2 . GLU A 45 ? 0.2499 0.2728 0.4759 0.0296  0.0261  0.0591  45  GLU A OE2 
686  N N   . ILE A 46 ? 0.2277 0.2637 0.2986 -0.0198 -0.0210 0.0413  46  ILE A N   
687  C CA  . ILE A 46 ? 0.2512 0.2451 0.2877 -0.0314 0.0030  0.0191  46  ILE A CA  
688  C C   . ILE A 46 ? 0.2378 0.2323 0.2783 -0.0179 0.0051  0.0187  46  ILE A C   
689  O O   . ILE A 46 ? 0.2244 0.2417 0.2833 -0.0003 0.0015  0.0287  46  ILE A O   
690  C CB  . ILE A 46 ? 0.2627 0.2432 0.2878 -0.0195 0.0006  0.0162  46  ILE A CB  
691  C CG1 . ILE A 46 ? 0.2658 0.2862 0.3215 -0.0287 0.0044  -0.0189 46  ILE A CG1 
692  C CG2 . ILE A 46 ? 0.2544 0.2659 0.3057 -0.0285 -0.0004 0.0217  46  ILE A CG2 
693  C CD1 . ILE A 46 ? 0.3008 0.3182 0.4133 -0.0402 0.0397  -0.0916 46  ILE A CD1 
705  N N   . ASP A 47 ? 0.2459 0.2403 0.3019 -0.0301 -0.0038 0.0272  47  ASP A N   
706  C CA  . ASP A 47 ? 0.2440 0.2354 0.3057 -0.0299 0.0238  0.0000  47  ASP A CA  
707  C C   . ASP A 47 ? 0.2525 0.2253 0.3480 -0.0280 0.0367  0.0183  47  ASP A C   
708  O O   . ASP A 47 ? 0.3346 0.2399 0.4731 0.0080  0.1163  0.0595  47  ASP A O   
709  C CB  . ASP A 47 ? 0.2651 0.2463 0.3254 -0.0039 0.0381  0.0082  47  ASP A CB  
710  C CG  . ASP A 47 ? 0.3073 0.2848 0.3514 -0.0109 0.0286  -0.0408 47  ASP A CG  
711  O OD1 . ASP A 47 ? 0.4278 0.3486 0.4721 0.0418  0.0292  -0.1230 47  ASP A OD1 
712  O OD2 . ASP A 47 ? 0.3421 0.3521 0.3793 0.0153  -0.0233 -0.0473 47  ASP A OD2 
717  N N   . THR A 48 ? 0.2409 0.2285 0.2669 -0.0250 0.0093  0.0193  48  THR A N   
718  C CA  . THR A 48 ? 0.2547 0.2380 0.2505 -0.0448 0.0005  0.0233  48  THR A CA  
719  C C   . THR A 48 ? 0.2570 0.2192 0.2391 -0.0397 0.0087  0.0078  48  THR A C   
720  O O   . THR A 48 ? 0.2570 0.2673 0.2282 -0.0295 0.0123  0.0107  48  THR A O   
721  C CB  . THR A 48 ? 0.2777 0.2557 0.2423 -0.0526 -0.0071 0.0240  48  THR A CB  
722  O OG1 . THR A 48 ? 0.2711 0.2521 0.2614 -0.0448 0.0092  -0.0042 48  THR A OG1 
723  C CG2 . THR A 48 ? 0.2705 0.2955 0.2646 -0.0576 -0.0083 0.0147  48  THR A CG2 
731  N N   . TRP A 49 ? 0.2558 0.2517 0.2249 -0.0507 0.0037  0.0119  49  TRP A N   
732  C CA  . TRP A 49 ? 0.2584 0.2550 0.2228 -0.0494 0.0087  -0.0062 49  TRP A CA  
733  C C   . TRP A 49 ? 0.2331 0.2690 0.2249 -0.0475 -0.0021 -0.0065 49  TRP A C   
734  O O   . TRP A 49 ? 0.2579 0.2803 0.2206 -0.0596 -0.0002 0.0022  49  TRP A O   
735  C CB  . TRP A 49 ? 0.2603 0.2677 0.2495 -0.0614 0.0108  -0.0071 49  TRP A CB  
736  C CG  . TRP A 49 ? 0.2525 0.2732 0.2066 -0.0573 0.0069  0.0159  49  TRP A CG  
737  C CD1 . TRP A 49 ? 0.2811 0.3009 0.2173 -0.0581 -0.0005 0.0012  49  TRP A CD1 
738  C CD2 . TRP A 49 ? 0.2455 0.2703 0.2381 -0.0599 0.0108  0.0034  49  TRP A CD2 
739  N NE1 . TRP A 49 ? 0.2760 0.3061 0.2358 -0.0696 0.0099  -0.0150 49  TRP A NE1 
740  C CE2 . TRP A 49 ? 0.2619 0.2803 0.2474 -0.0762 0.0260  -0.0037 49  TRP A CE2 
741  C CE3 . TRP A 49 ? 0.2418 0.3009 0.2461 -0.0510 0.0140  0.0178  49  TRP A CE3 
742  C CZ2 . TRP A 49 ? 0.2854 0.3000 0.2646 -0.0599 0.0493  -0.0028 49  TRP A CZ2 
743  C CZ3 . TRP A 49 ? 0.2470 0.2952 0.2610 -0.0429 0.0151  0.0470  49  TRP A CZ3 
744  C CH2 . TRP A 49 ? 0.2864 0.3005 0.2719 -0.0364 0.0535  0.0320  49  TRP A CH2 
755  N N   . ASN A 50 ? 0.2271 0.2449 0.2263 -0.0301 -0.0063 0.0090  50  ASN A N   
756  C CA  . ASN A 50 ? 0.2193 0.2616 0.2239 -0.0283 0.0081  0.0063  50  ASN A CA  
757  C C   . ASN A 50 ? 0.2271 0.2583 0.2253 -0.0283 0.0171  0.0061  50  ASN A C   
758  O O   . ASN A 50 ? 0.2320 0.2701 0.2221 -0.0160 0.0091  0.0086  50  ASN A O   
759  C CB  . ASN A 50 ? 0.2580 0.2743 0.2097 -0.0234 0.0213  0.0102  50  ASN A CB  
760  C CG  . ASN A 50 ? 0.2624 0.2662 0.2320 -0.0593 0.0071  -0.0129 50  ASN A CG  
761  O OD1 . ASN A 50 ? 0.2772 0.2791 0.2250 -0.0425 0.0038  -0.0147 50  ASN A OD1 
762  N ND2 . ASN A 50 ? 0.2921 0.2985 0.2625 -0.0359 0.0283  -0.0390 50  ASN A ND2 
769  N N   . VAL A 51 ? 0.2204 0.2384 0.2452 -0.0245 0.0135  -0.0026 51  VAL A N   
770  C CA  . VAL A 51 ? 0.2285 0.2363 0.2347 -0.0287 0.0130  -0.0025 51  VAL A CA  
771  C C   . VAL A 51 ? 0.2045 0.2271 0.2360 -0.0153 -0.0021 0.0071  51  VAL A C   
772  O O   . VAL A 51 ? 0.2237 0.2381 0.2573 -0.0135 0.0008  0.0195  51  VAL A O   
773  C CB  . VAL A 51 ? 0.2513 0.2648 0.2452 -0.0510 0.0109  -0.0172 51  VAL A CB  
774  C CG1 . VAL A 51 ? 0.2524 0.2580 0.2641 -0.0518 -0.0082 0.0051  51  VAL A CG1 
775  C CG2 . VAL A 51 ? 0.3114 0.2783 0.2620 -0.0677 0.0590  -0.0402 51  VAL A CG2 
785  N N   . TYR A 52 ? 0.2081 0.2303 0.2494 -0.0102 0.0035  0.0091  52  TYR A N   
786  C CA  . TYR A 52 ? 0.2111 0.2431 0.2501 -0.0177 0.0066  0.0065  52  TYR A CA  
787  C C   . TYR A 52 ? 0.2029 0.2405 0.2714 -0.0069 -0.0050 0.0260  52  TYR A C   
788  O O   . TYR A 52 ? 0.2104 0.2521 0.4047 -0.0087 -0.0230 0.0671  52  TYR A O   
789  C CB  . TYR A 52 ? 0.2141 0.2749 0.2393 -0.0138 -0.0042 0.0217  52  TYR A CB  
790  C CG  . TYR A 52 ? 0.2225 0.3311 0.2280 -0.0185 -0.0075 0.0061  52  TYR A CG  
791  C CD1 . TYR A 52 ? 0.2597 0.3375 0.2568 0.0036  -0.0019 -0.0427 52  TYR A CD1 
792  C CD2 . TYR A 52 ? 0.2541 0.3720 0.2720 -0.0319 0.0216  0.0390  52  TYR A CD2 
793  C CE1 . TYR A 52 ? 0.2371 0.4107 0.3097 -0.0237 0.0002  -0.0869 52  TYR A CE1 
794  C CE2 . TYR A 52 ? 0.2489 0.4597 0.3296 -0.0460 0.0319  0.0394  52  TYR A CE2 
795  C CZ  . TYR A 52 ? 0.2353 0.4844 0.2498 -0.0246 0.0012  -0.0465 52  TYR A CZ  
796  O OH  . TYR A 52 ? 0.2589 0.6593 0.2975 -0.0617 0.0397  -0.1142 52  TYR A OH  
806  N N   . ASN A 53 ? 0.2038 0.2289 0.2491 -0.0028 -0.0023 0.0119  53  ASN A N   
807  C CA  . ASN A 53 ? 0.2004 0.2254 0.2716 -0.0028 -0.0002 0.0085  53  ASN A CA  
808  C C   . ASN A 53 ? 0.1964 0.2238 0.2833 0.0074  -0.0026 0.0130  53  ASN A C   
809  O O   . ASN A 53 ? 0.2029 0.2384 0.3361 0.0158  0.0217  0.0442  53  ASN A O   
810  C CB  . ASN A 53 ? 0.2083 0.2173 0.2844 0.0085  -0.0076 -0.0020 53  ASN A CB  
811  C CG  . ASN A 53 ? 0.2307 0.2294 0.2720 0.0028  -0.0116 -0.0108 53  ASN A CG  
812  O OD1 . ASN A 53 ? 0.2156 0.2356 0.3376 -0.0039 -0.0205 0.0271  53  ASN A OD1 
813  N ND2 . ASN A 53 ? 0.2384 0.2559 0.3370 -0.0156 -0.0469 0.0048  53  ASN A ND2 
820  N N   . LYS A 54 ? 0.1945 0.2167 0.2557 -0.0032 -0.0055 0.0036  54  LYS A N   
821  C CA  . LYS A 54 ? 0.2047 0.2217 0.2722 0.0081  0.0020  0.0064  54  LYS A CA  
822  C C   . LYS A 54 ? 0.2001 0.2352 0.2430 0.0065  0.0067  -0.0093 54  LYS A C   
823  O O   . LYS A 54 ? 0.1928 0.2265 0.2815 0.0048  -0.0006 0.0042  54  LYS A O   
824  C CB  . LYS A 54 ? 0.2251 0.2582 0.2962 -0.0357 0.0222  -0.0491 54  LYS A CB  
825  C CG  . LYS A 54 ? 0.3032 0.3053 0.3358 0.0178  0.0828  -0.0294 54  LYS A CG  
826  C CD  A LYS A 54 ? 0.2607 0.2393 0.3250 -0.0175 0.0541  -0.0159 54  LYS A CD  
827  C CD  B LYS A 54 ? 0.4215 0.5273 0.2687 0.0738  0.0199  -0.0702 54  LYS A CD  
828  C CE  A LYS A 54 ? 0.2369 0.2885 0.2630 0.0209  0.0018  -0.0436 54  LYS A CE  
829  C CE  B LYS A 54 ? 0.3533 0.5336 0.4480 0.0228  -0.0026 -0.0406 54  LYS A CE  
830  N NZ  A LYS A 54 ? 0.2651 0.2625 0.3317 0.0014  -0.0476 -0.0491 54  LYS A NZ  
831  N NZ  B LYS A 54 ? 0.2845 0.4240 0.3945 -0.0226 0.0712  0.0554  54  LYS A NZ  
852  N N   . CYS A 55 ? 0.1965 0.2188 0.3072 0.0079  0.0003  0.0056  55  CYS A N   
853  C CA  . CYS A 55 ? 0.2107 0.2239 0.3066 -0.0031 -0.0039 -0.0119 55  CYS A CA  
854  C C   . CYS A 55 ? 0.1878 0.2148 0.3392 -0.0025 0.0064  -0.0184 55  CYS A C   
855  O O   . CYS A 55 ? 0.2286 0.2217 0.3988 0.0014  0.0493  -0.0266 55  CYS A O   
856  C CB  . CYS A 55 ? 0.2243 0.2695 0.3461 0.0004  -0.0320 0.0304  55  CYS A CB  
857  S SG  . CYS A 55 ? 0.2827 0.2766 0.3085 -0.0021 -0.0292 0.0310  55  CYS A SG  
862  N N   . CYS A 56 ? 0.1835 0.2190 0.2906 0.0043  -0.0071 -0.0204 56  CYS A N   
863  C CA  . CYS A 56 ? 0.2119 0.2195 0.3013 -0.0055 0.0106  -0.0186 56  CYS A CA  
864  C C   . CYS A 56 ? 0.1972 0.2274 0.2959 0.0031  0.0028  -0.0153 56  CYS A C   
865  O O   . CYS A 56 ? 0.1976 0.2355 0.3662 0.0013  -0.0028 -0.0406 56  CYS A O   
866  C CB  . CYS A 56 ? 0.2268 0.2454 0.2990 -0.0166 0.0135  -0.0237 56  CYS A CB  
867  S SG  . CYS A 56 ? 0.2249 0.2567 0.2869 -0.0072 0.0097  -0.0244 56  CYS A SG  
872  N N   . THR A 57 ? 0.2128 0.2245 0.2815 -0.0049 0.0038  -0.0153 57  THR A N   
873  C CA  . THR A 57 ? 0.2060 0.2034 0.3548 -0.0051 -0.0171 0.0154  57  THR A CA  
874  C C   . THR A 57 ? 0.1930 0.2497 0.3722 0.0027  -0.0087 0.0426  57  THR A C   
875  O O   . THR A 57 ? 0.2290 0.2690 0.3885 -0.0227 -0.0225 0.0697  57  THR A O   
876  C CB  . THR A 57 ? 0.1963 0.2162 0.3592 0.0022  -0.0073 0.0209  57  THR A CB  
877  O OG1 . THR A 57 ? 0.2171 0.2436 0.3194 0.0220  0.0189  0.0465  57  THR A OG1 
878  C CG2 . THR A 57 ? 0.2361 0.2393 0.2899 0.0035  -0.0098 -0.0255 57  THR A CG2 
886  N N   . THR A 58 ? 0.2031 0.2587 0.3643 0.0093  0.0068  0.0381  58  THR A N   
887  C CA  . THR A 58 ? 0.2043 0.2657 0.3560 -0.0007 -0.0003 0.0425  58  THR A CA  
888  C C   . THR A 58 ? 0.2156 0.2505 0.3060 0.0028  0.0065  0.0090  58  THR A C   
889  O O   . THR A 58 ? 0.2107 0.2473 0.3013 0.0040  0.0010  0.0132  58  THR A O   
890  C CB  . THR A 58 ? 0.2976 0.2760 0.4201 0.0328  0.0774  0.0353  58  THR A CB  
891  O OG1 . THR A 58 ? 0.3599 0.3292 0.4157 0.0322  0.0728  -0.0495 58  THR A OG1 
892  C CG2 . THR A 58 ? 0.2837 0.4400 0.6229 0.1009  0.1220  0.0717  58  THR A CG2 
900  N N   . ASN A 59 ? 0.2293 0.2603 0.2766 -0.0031 0.0048  0.0141  59  ASN A N   
901  C CA  . ASN A 59 ? 0.2438 0.2589 0.2250 0.0048  -0.0012 -0.0015 59  ASN A CA  
902  C C   . ASN A 59 ? 0.2390 0.2478 0.2511 0.0140  0.0001  -0.0111 59  ASN A C   
903  O O   . ASN A 59 ? 0.2506 0.2650 0.2407 -0.0061 0.0047  -0.0100 59  ASN A O   
904  C CB  . ASN A 59 ? 0.2423 0.2809 0.2570 0.0039  0.0101  0.0160  59  ASN A CB  
905  C CG  . ASN A 59 ? 0.2699 0.2759 0.2811 0.0025  0.0105  0.0345  59  ASN A CG  
906  O OD1 . ASN A 59 ? 0.3805 0.3509 0.2932 0.0120  -0.0165 0.0563  59  ASN A OD1 
907  N ND2 . ASN A 59 ? 0.2908 0.2476 0.2944 -0.0047 0.0409  0.0437  59  ASN A ND2 
914  N N   . LEU A 60 ? 0.2360 0.2556 0.2395 -0.0068 -0.0008 -0.0019 60  LEU A N   
915  C CA  . LEU A 60 ? 0.2304 0.2640 0.2337 0.0039  0.0016  -0.0097 60  LEU A CA  
916  C C   . LEU A 60 ? 0.2430 0.2624 0.2398 -0.0061 0.0083  -0.0250 60  LEU A C   
917  O O   . LEU A 60 ? 0.2762 0.2882 0.3000 0.0163  -0.0303 -0.0553 60  LEU A O   
918  C CB  . LEU A 60 ? 0.2621 0.2852 0.2476 -0.0010 -0.0088 0.0020  60  LEU A CB  
919  C CG  . LEU A 60 ? 0.2541 0.2833 0.2257 -0.0043 -0.0187 0.0161  60  LEU A CG  
920  C CD1 . LEU A 60 ? 0.2819 0.3336 0.2650 -0.0110 -0.0007 0.0671  60  LEU A CD1 
921  C CD2 . LEU A 60 ? 0.2538 0.2726 0.2404 -0.0057 -0.0132 0.0087  60  LEU A CD2 
933  N N   . CYS A 61 ? 0.2239 0.2436 0.2803 -0.0137 0.0152  -0.0205 61  CYS A N   
934  C CA  . CYS A 61 ? 0.2338 0.2486 0.2713 -0.0113 0.0213  -0.0330 61  CYS A CA  
935  C C   . CYS A 61 ? 0.2337 0.2292 0.2689 -0.0151 0.0050  -0.0282 61  CYS A C   
936  O O   . CYS A 61 ? 0.2504 0.2489 0.3098 -0.0211 0.0168  -0.0606 61  CYS A O   
937  C CB  . CYS A 61 ? 0.2296 0.2564 0.2893 -0.0081 0.0256  -0.0204 61  CYS A CB  
938  S SG  . CYS A 61 ? 0.2252 0.2440 0.2836 -0.0017 0.0047  -0.0160 61  CYS A SG  
943  N N   . ASN A 62 ? 0.2093 0.2352 0.2724 -0.0120 0.0076  -0.0258 62  ASN A N   
944  C CA  . ASN A 62 ? 0.2304 0.2170 0.2454 -0.0175 -0.0025 -0.0260 62  ASN A CA  
945  C C   . ASN A 62 ? 0.2169 0.2883 0.2485 -0.0165 -0.0043 -0.0372 62  ASN A C   
946  O O   . ASN A 62 ? 0.2245 0.3360 0.2572 -0.0046 -0.0081 -0.0296 62  ASN A O   
947  C CB  . ASN A 62 ? 0.2222 0.2200 0.2364 -0.0173 -0.0003 -0.0094 62  ASN A CB  
948  C CG  . ASN A 62 ? 0.2033 0.2165 0.2025 0.0010  -0.0093 0.0006  62  ASN A CG  
949  O OD1 . ASN A 62 ? 0.2174 0.2184 0.2169 0.0022  -0.0090 -0.0002 62  ASN A OD1 
950  N ND2 . ASN A 62 ? 0.1928 0.2179 0.2250 -0.0036 -0.0068 0.0019  62  ASN A ND2 
957  N N   . THR A 63 ? 0.2733 0.3325 0.2536 -0.0046 -0.0113 -0.0603 63  THR A N   
958  C CA  . THR A 63 ? 0.3009 0.3178 0.2522 -0.0238 -0.0145 -0.0498 63  THR A CA  
959  C C   . THR A 63 ? 0.3648 0.4484 0.2842 -0.1267 0.0050  -0.1151 63  THR A C   
960  O O   . THR A 63 ? 0.3323 0.6514 0.3145 -0.1030 0.0071  -0.2010 63  THR A O   
961  C CB  . THR A 63 ? 0.3691 0.3245 0.2491 -0.0315 0.0087  -0.0403 63  THR A CB  
962  O OG1 . THR A 63 ? 0.3263 0.3580 0.2962 -0.0153 0.0031  -0.0833 63  THR A OG1 
963  C CG2 . THR A 63 ? 0.4031 0.3916 0.3055 -0.0843 0.0401  -0.0360 63  THR A CG2 
964  O OXT . THR A 63 ? 0.5202 0.4690 0.2968 -0.2331 0.0461  -0.0799 63  THR A OXT 
972  O O   . HOH B .  ? 0.8323 0.8969 0.7005 0.1454  0.0512  0.2317  101 HOH A O   
973  O O   . HOH B .  ? 0.2174 0.2256 0.2162 0.0118  -0.0040 0.0204  102 HOH A O   
974  O O   . HOH B .  ? 0.2311 0.2705 0.2430 0.0363  0.0047  0.0215  103 HOH A O   
975  O O   . HOH B .  ? 0.3039 0.2704 0.2895 0.0096  -0.0184 0.0389  104 HOH A O   
976  O O   . HOH B .  ? 0.2529 0.2954 0.2571 0.0346  -0.0245 0.0110  105 HOH A O   
977  O O   . HOH B .  ? 0.2439 0.2933 0.4605 -0.0273 -0.0304 0.0226  106 HOH A O   
978  O O   . HOH B .  ? 0.4443 0.2653 0.4733 -0.0250 -0.0383 -0.0053 107 HOH A O   
979  O O   . HOH B .  ? 0.2443 0.2610 0.3006 -0.0127 0.0097  -0.0166 108 HOH A O   
980  O O   . HOH B .  ? 0.4010 0.3617 0.3903 -0.1128 0.0016  0.0060  109 HOH A O   
981  O O   . HOH B .  ? 0.4098 0.3091 0.4059 0.0195  0.0476  -0.0634 110 HOH A O   
982  O O   . HOH B .  ? 0.3537 0.2992 0.2728 -0.0261 -0.0158 0.0294  111 HOH A O   
983  O O   . HOH B .  ? 0.3426 0.3654 0.3304 -0.0465 0.0539  -0.0183 112 HOH A O   
984  O O   . HOH B .  ? 0.4462 0.3694 0.3565 -0.0616 -0.0649 -0.0160 113 HOH A O   
985  O O   . HOH B .  ? 0.3701 0.3078 0.2757 -0.0534 -0.0060 0.0323  114 HOH A O   
986  O O   . HOH B .  ? 0.4252 0.2571 0.4490 0.0216  -0.0622 -0.0138 115 HOH A O   
987  O O   . HOH B .  ? 0.3593 0.4774 0.4081 0.0198  -0.0382 0.0619  116 HOH A O   
988  O O   . HOH B .  ? 0.5594 0.2721 0.2911 -0.0301 -0.0690 -0.0505 117 HOH A O   
989  O O   . HOH B .  ? 0.2831 0.2428 0.3340 0.0108  -0.0325 -0.0317 118 HOH A O   
990  O O   . HOH B .  ? 0.3021 0.2888 0.2874 0.0411  0.0323  0.0229  119 HOH A O   
991  O O   . HOH B .  ? 0.5072 0.3481 0.3399 0.1010  -0.1224 -0.0753 120 HOH A O   
992  O O   . HOH B .  ? 0.2296 0.3984 0.3988 -0.0046 0.0164  0.0715  121 HOH A O   
993  O O   . HOH B .  ? 0.3815 0.3462 0.3202 0.0204  -0.1034 -0.0925 122 HOH A O   
994  O O   . HOH B .  ? 0.4169 0.5280 0.4068 0.0117  0.0313  0.0640  123 HOH A O   
995  O O   . HOH B .  ? 0.3654 0.3254 0.3184 0.0452  -0.0285 -0.0208 124 HOH A O   
996  O O   . HOH B .  ? 0.3934 0.2885 0.4083 -0.0265 -0.0946 -0.0027 125 HOH A O   
997  O O   . HOH B .  ? 0.3530 0.3145 0.3894 0.0583  -0.0549 -0.0545 126 HOH A O   
998  O O   . HOH B .  ? 0.4389 0.4729 0.2830 -0.1143 -0.0268 -0.0807 127 HOH A O   
999  O O   . HOH B .  ? 0.4833 0.4206 0.3034 -0.1773 0.0052  -0.0266 128 HOH A O   
1000 O O   . HOH B .  ? 0.3714 0.4186 0.4362 0.0016  -0.0311 0.1794  129 HOH A O   
1001 O O   . HOH B .  ? 0.2854 0.2970 0.3656 -0.0274 -0.0236 -0.0280 130 HOH A O   
1002 O O   . HOH B .  ? 0.7738 0.3627 0.4012 -0.0718 0.0260  -0.0129 131 HOH A O   
1003 O O   . HOH B .  ? 0.5575 0.3233 0.5298 0.0618  0.2233  0.0352  132 HOH A O   
1004 O O   . HOH B .  ? 0.3857 0.5582 0.6569 0.1146  -0.1594 -0.1817 133 HOH A O   
1005 O O   . HOH B .  ? 0.3950 0.3632 0.4898 -0.1063 0.0475  -0.0381 134 HOH A O   
1006 O O   . HOH B .  ? 0.4575 0.3505 0.4805 0.0877  0.1043  0.0412  135 HOH A O   
1007 O O   . HOH B .  ? 0.6722 0.5348 0.5005 0.0798  0.0184  0.0498  136 HOH A O   
1008 O O   . HOH B .  ? 0.3730 0.6277 0.5017 0.0016  0.0614  -0.0604 137 HOH A O   
1009 O O   . HOH B .  ? 0.7793 0.5671 0.3107 0.1988  -0.0136 0.0237  138 HOH A O   
1010 O O   . HOH B .  ? 0.3995 0.3116 0.4473 -0.0719 -0.0649 0.0727  139 HOH A O   
1011 O O   . HOH B .  ? 0.6137 0.3266 0.4517 -0.0067 0.0745  0.0468  140 HOH A O   
1012 O O   . HOH B .  ? 0.8964 0.7966 0.7177 -0.1787 -0.0957 -0.1425 141 HOH A O   
1013 O O   . HOH B .  ? 0.3754 0.3048 0.4105 0.0051  -0.0140 -0.0564 142 HOH A O   
1014 O O   . HOH B .  ? 0.4108 0.6692 0.3028 0.1333  -0.0320 -0.1188 143 HOH A O   
1015 O O   . HOH B .  ? 0.7609 0.3612 0.5041 -0.0158 -0.2430 -0.0454 144 HOH A O   
1016 O O   . HOH B .  ? 0.4649 0.7734 0.3735 0.1549  0.0579  0.0745  145 HOH A O   
1017 O O   . HOH B .  ? 0.6250 0.3740 0.7128 -0.0780 -0.1460 -0.0024 146 HOH A O   
1018 O O   . HOH B .  ? 0.6468 0.4110 0.4166 0.0098  0.0138  0.0658  147 HOH A O   
1019 O O   . HOH B .  ? 0.3289 0.7093 0.7403 -0.0130 0.1478  0.0195  148 HOH A O   
1020 O O   . HOH B .  ? 0.6236 0.4948 0.6166 -0.0384 -0.2951 0.0796  149 HOH A O   
1021 O O   . HOH B .  ? 0.5591 0.3676 0.4777 0.0465  -0.0715 -0.0055 150 HOH A O   
1022 O O   . HOH B .  ? 0.4893 0.3286 0.5059 -0.0039 -0.0265 -0.0448 151 HOH A O   
1023 O O   . HOH B .  ? 0.6612 0.5575 0.7966 0.0130  0.0175  0.2324  152 HOH A O   
1024 O O   . HOH B .  ? 0.2844 0.3956 0.4351 0.0100  -0.0399 0.0111  153 HOH A O   
1025 O O   . HOH B .  ? 0.2809 0.2956 0.5731 -0.0238 -0.0005 0.0136  154 HOH A O   
1026 O O   . HOH B .  ? 0.4763 0.4673 0.3589 -0.1796 -0.0092 -0.0765 155 HOH A O   
1027 O O   . HOH B .  ? 0.3465 0.5495 0.4348 0.0658  0.0807  0.0596  156 HOH A O   
1028 O O   . HOH B .  ? 0.2992 0.7289 0.5570 0.1491  0.0153  0.1914  157 HOH A O   
1029 O O   . HOH B .  ? 0.2826 0.4740 0.7677 -0.0367 0.0737  -0.2965 158 HOH A O   
1030 O O   . HOH B .  ? 0.5422 0.9408 0.4694 0.1495  -0.1537 -0.0944 159 HOH A O   
1031 O O   . HOH B .  ? 0.5893 0.3617 0.7260 -0.0736 0.2341  0.0271  160 HOH A O   
1032 O O   . HOH B .  ? 0.6357 0.7097 0.5001 0.0246  -0.2025 -0.1154 161 HOH A O   
1033 O O   . HOH B .  ? 0.4363 0.8953 0.6363 0.2499  0.0890  -0.0244 162 HOH A O   
1034 O O   . HOH B .  ? 0.5043 0.4707 0.6578 -0.0257 0.1407  0.1368  163 HOH A O   
1035 O O   . HOH B .  ? 0.4534 0.4574 0.5366 0.1313  -0.0156 0.1243  164 HOH A O   
1036 O O   . HOH B .  ? 0.4533 0.8021 0.4779 -0.2765 -0.0181 0.1798  165 HOH A O   
1037 O O   . HOH B .  ? 0.8787 0.3403 0.4890 -0.0060 0.1354  -0.0242 166 HOH A O   
1038 O O   . HOH B .  ? 0.9115 0.5015 0.6128 -0.0131 -0.0205 -0.0427 167 HOH A O   
1039 O O   . HOH B .  ? 0.6607 0.5666 0.8128 -0.0425 0.1851  -0.0797 168 HOH A O   
1040 O O   . HOH B .  ? 0.6688 0.6192 0.5068 -0.0426 -0.1935 0.1864  169 HOH A O   
1041 O O   . HOH B .  ? 0.6009 0.5171 0.7138 -0.2190 -0.0552 -0.0940 170 HOH A O   
1042 O O   . HOH B .  ? 0.4301 0.9029 0.4005 0.1203  0.0418  -0.0201 171 HOH A O   
1043 O O   . HOH B .  ? 0.8354 0.7654 0.5252 0.2077  0.2240  0.1804  172 HOH A O   
1044 O O   . HOH B .  ? 0.4203 0.9613 0.5888 0.2252  0.0491  0.0390  173 HOH A O   
1045 O O   . HOH B .  ? 0.4686 0.5563 0.6160 0.0857  0.1230  -0.0108 174 HOH A O   
1046 O O   . HOH B .  ? 0.4395 0.7896 0.5169 -0.0725 0.0116  -0.2105 175 HOH A O   
1047 O O   . HOH B .  ? 0.6525 0.6233 0.8156 0.0894  -0.0877 -0.1386 176 HOH A O   
1048 O O   . HOH B .  ? 0.5741 0.3955 0.5908 -0.0089 -0.0683 -0.0087 177 HOH A O   
1049 O O   . HOH B .  ? 0.5493 0.7196 0.3561 0.1850  0.0031  -0.1346 178 HOH A O   
1050 O O   . HOH B .  ? 0.7533 0.6342 0.4416 -0.1177 0.0406  0.1075  179 HOH A O   
1051 O O   . HOH B .  ? 0.4900 0.6289 0.7166 -0.1030 0.1817  -0.0717 180 HOH A O   
1052 O O   . HOH B .  ? 0.6438 0.6122 0.5678 -0.0550 0.1467  -0.2118 181 HOH A O   
1053 O O   . HOH B .  ? 0.7816 0.5362 0.7385 -0.1368 0.0881  -0.1596 182 HOH A O   
1054 O O   . HOH B .  ? 0.7871 0.5083 0.6337 0.2962  0.1939  0.1089  183 HOH A O   
1055 O O   . HOH B .  ? 0.4824 0.5699 0.6734 -0.0828 -0.0144 -0.0968 184 HOH A O   
1056 O O   . HOH B .  ? 0.2898 0.7367 0.5557 0.1166  0.1003  0.3244  185 HOH A O   
1057 O O   . HOH B .  ? 0.4643 0.8554 0.7644 0.0105  0.0801  0.1511  186 HOH A O   
1058 O O   . HOH B .  ? 0.6837 0.5494 0.5779 0.0321  -0.1372 -0.1423 187 HOH A O   
1059 O O   . HOH B .  ? 0.5575 0.5336 0.7574 0.0200  -0.0923 0.0212  188 HOH A O   
1060 O O   . HOH B .  ? 0.3961 0.6696 0.3955 0.0569  -0.0367 0.0654  189 HOH A O   
1061 O O   . HOH B .  ? 0.5411 0.7579 0.5431 -0.2693 0.0850  -0.2150 190 HOH A O   
1062 O O   . HOH B .  ? 0.4138 0.7977 0.4757 0.1822  -0.0699 -0.1391 191 HOH A O   
1063 O O   . HOH B .  ? 1.0051 0.5840 0.6605 0.0036  -0.0918 -0.1786 192 HOH A O   
1064 O O   . HOH B .  ? 0.4390 0.8283 0.8271 0.0003  0.1512  0.0456  193 HOH A O   
1065 O O   . HOH B .  ? 0.3665 0.8096 0.4189 0.0455  0.0251  0.0374  194 HOH A O   
1066 O O   . HOH B .  ? 0.5720 0.5342 0.5615 -0.1477 0.0247  -0.1850 195 HOH A O   
1067 O O   . HOH B .  ? 0.4398 0.5209 0.5159 0.1660  0.0018  -0.0661 196 HOH A O   
1068 O O   . HOH B .  ? 0.7526 0.5351 0.8916 -0.1596 0.2130  -0.2996 197 HOH A O   
1069 O O   . HOH B .  ? 0.2674 0.6389 0.3991 -0.0606 -0.0022 -0.0899 198 HOH A O   
1070 O O   . HOH B .  ? 0.3612 0.4532 0.7650 -0.0501 -0.1173 -0.1329 199 HOH A O   
1071 O O   . HOH B .  ? 0.5815 0.3827 0.4488 0.0672  0.0477  0.0404  200 HOH A O   
1072 O O   . HOH B .  ? 0.8170 0.6334 0.7157 -0.0182 -0.0646 -0.0070 201 HOH A O   
1073 O O   . HOH B .  ? 0.4390 0.7022 0.6485 0.0637  0.1845  0.1118  202 HOH A O   
1074 O O   . HOH B .  ? 0.5499 0.7673 0.7272 -0.0012 -0.0615 -0.0342 203 HOH A O   
1075 O O   . HOH B .  ? 0.7116 0.7910 0.6491 -0.0935 -0.1624 -0.1707 204 HOH A O   
1076 O O   . HOH B .  ? 0.4728 0.8119 0.8999 0.2046  -0.0002 -0.0032 205 HOH A O   
1077 O O   . HOH B .  ? 0.4385 0.6415 0.8727 0.0997  -0.0963 0.0665  206 HOH A O   
1078 O O   . HOH B .  ? 0.5184 0.8914 0.7604 0.2179  -0.0268 -0.0826 207 HOH A O   
1079 O O   . HOH B .  ? 0.3805 0.2692 0.2719 -0.0388 -0.0015 -0.0225 208 HOH A O   
1080 O O   . HOH B .  ? 0.9461 0.4154 0.7255 0.0251  0.0537  0.0087  209 HOH A O   
1081 O O   . HOH B .  ? 0.7558 0.7506 0.7701 -0.1815 -0.0875 -0.2627 210 HOH A O   
1082 O O   . HOH B .  ? 0.5323 1.1285 0.5578 0.0445  0.0837  -0.3796 211 HOH A O   
1083 O O   . HOH B .  ? 0.8197 0.6149 0.6571 0.0165  -0.0476 -0.1579 212 HOH A O   
1084 O O   . HOH B .  ? 0.8735 0.4813 0.9732 0.0795  0.0685  -0.0963 213 HOH A O   
1085 O O   . HOH B .  ? 0.6464 0.6176 0.4329 0.0248  -0.0724 -0.0757 214 HOH A O   
1086 O O   . HOH B .  ? 0.7008 0.5982 0.5862 0.1935  -0.0760 -0.0169 215 HOH A O   
1087 O O   . HOH B .  ? 0.8641 0.6134 0.7662 -0.0081 -0.2772 0.1309  216 HOH A O   
1088 O O   . HOH B .  ? 1.0342 0.7458 0.5766 -0.0437 -0.0227 -0.1004 217 HOH A O   
1089 O O   . HOH B .  ? 0.5452 0.5791 0.8457 -0.0228 0.1100  0.0079  218 HOH A O   
# 
